data_6EA4
#
_entry.id   6EA4
#
_cell.length_a   75.233
_cell.length_b   135.453
_cell.length_c   127.283
_cell.angle_alpha   90.000
_cell.angle_beta   90.110
_cell.angle_gamma   90.000
#
_symmetry.space_group_name_H-M   'P 1 21 1'
#
loop_
_entity.id
_entity.type
_entity.pdbx_description
1 polymer 'Endoplasmic reticulum aminopeptidase 2'
2 branched alpha-D-mannopyranose-(1-3)-[alpha-D-mannopyranose-(1-6)]beta-D-mannopyranose-(1-4)-2-acetamido-2-deoxy-beta-D-glucopyranose-(1-4)-2-acetamido-2-deoxy-beta-D-glucopyranose
3 branched 2-acetamido-2-deoxy-beta-D-glucopyranose-(1-4)-2-acetamido-2-deoxy-beta-D-glucopyranose
4 branched beta-D-mannopyranose-(1-4)-2-acetamido-2-deoxy-beta-D-glucopyranose-(1-4)-2-acetamido-2-deoxy-beta-D-glucopyranose
5 non-polymer 'ZINC ION'
6 non-polymer '2-(N-MORPHOLINO)-ETHANESULFONIC ACID'
7 non-polymer '4-methoxy-3-{[2-(piperidin-1-yl)-4-(trifluoromethyl)phenyl]sulfamoyl}benzoic acid'
8 non-polymer LYSINE
9 non-polymer 2-acetamido-2-deoxy-beta-D-glucopyranose
10 non-polymer IMIDAZOLE
11 non-polymer 'TRIETHYLENE GLYCOL'
12 non-polymer 1,2-ETHANEDIOL
13 water water
#
_entity_poly.entity_id   1
_entity_poly.type   'polypeptide(L)'
_entity_poly.pdbx_seq_one_letter_code
;FPVATNGERFPWQELRLPSVVIPLHYDLFVHPNLTSLDFVASEKIEVLVSNATQFIILHSKDLEITNATLQSEEDSRYMK
PGKELKVLSYPAHEQIALLVPEKLTPHLKYYVAMDFQAKLGDGFEGFYKSTYRTLGGETRILAVTDFEPTQARMAFPCFD
EPLFKANFSIKIRRESRHIALSNMPKVKTIELEGGLLEDHFETTVKMSTYLVAYIVCDFHSLSGFTSSGVKVSIYASPDK
RNQTHYALQASLKLLDFYEKYFDIYYPLSKLDLIAIPDFAPGAMENWGLITYRETSLLFDPKTSSASDKLWVTRVIAHEL
AHQWFGNLVTMEWWNDIWLNEGFAKYMELIAVNATYPELQFDDYFLNVCFEVITKDSLNSSRPISKPAETPTQIQEMFDE
VSYNKGACILNMLKDFLGEEKFQKGIIQYLKKFSYRNAKNDDLWSSLSNSCLESDFTSGGVCHSDPKMTSNMLAFLGENA
EVKEMMTTWTLQKGIPLLVVKQDGCSLRLQQERFLQGVFQEDPEWRALQERYLWHIPLTYSTSSSNVIHRHILKSKTDTL
DLPEKTSWVKFNVDSNGYYIVHYEGHGWDQLITQLNQNHTLLRPKDRVGLIHDVFQLVGAGRLTLDKALDMTYYLQHETS
SPALLEGLSYLESFYHMMDRRNISDISENLKRYLLQYFKPVIDRQSWSDKGSVWDRMLRSALLKLACDLNHAPCIQKAAE
LFSQWMESSGKLNIPTDVLKIVYSVGAQTTAGWNYLLEQYELSMSSAEQNKILYALSTSKHQEKLLKLIELGMEGKVIKT
QNLAALLHAIARRPKGQQLAWDFVRENWTHLLKKFDLGSYDIRMIISGTTAHFSSKDKLQEVKLFFESLEAQGSHLDIFQ
TVLETITKNIKWLEKNLPTLRTWLMVNTRHH
;
_entity_poly.pdbx_strand_id   A,B
#
loop_
_chem_comp.id
_chem_comp.type
_chem_comp.name
_chem_comp.formula
BMA D-saccharide, beta linking beta-D-mannopyranose 'C6 H12 O6'
EDO non-polymer 1,2-ETHANEDIOL 'C2 H6 O2'
IMD non-polymer IMIDAZOLE 'C3 H5 N2 1'
J2G non-polymer '4-methoxy-3-{[2-(piperidin-1-yl)-4-(trifluoromethyl)phenyl]sulfamoyl}benzoic acid' 'C20 H21 F3 N2 O5 S'
MAN D-saccharide, alpha linking alpha-D-mannopyranose 'C6 H12 O6'
MES non-polymer '2-(N-MORPHOLINO)-ETHANESULFONIC ACID' 'C6 H13 N O4 S'
NAG D-saccharide, beta linking 2-acetamido-2-deoxy-beta-D-glucopyranose 'C8 H15 N O6'
PGE non-polymer 'TRIETHYLENE GLYCOL' 'C6 H14 O4'
ZN non-polymer 'ZINC ION' 'Zn 2'
#
# COMPACT_ATOMS: atom_id res chain seq x y z
N PHE A 1 -15.49 -43.17 20.26
CA PHE A 1 -16.61 -42.23 20.17
C PHE A 1 -16.36 -41.07 19.19
N PRO A 2 -15.18 -40.44 19.22
CA PRO A 2 -14.89 -39.42 18.21
C PRO A 2 -14.78 -40.03 16.82
N VAL A 3 -15.37 -39.35 15.84
CA VAL A 3 -15.35 -39.79 14.44
C VAL A 3 -14.36 -38.91 13.69
N ALA A 4 -13.63 -39.52 12.77
CA ALA A 4 -12.65 -38.80 11.97
C ALA A 4 -13.32 -38.17 10.76
N THR A 5 -12.54 -37.38 10.01
CA THR A 5 -13.06 -36.72 8.83
C THR A 5 -13.47 -37.69 7.73
N ASN A 6 -12.94 -38.91 7.75
CA ASN A 6 -13.27 -39.91 6.75
C ASN A 6 -14.40 -40.83 7.17
N GLY A 7 -15.07 -40.54 8.29
CA GLY A 7 -16.17 -41.34 8.76
C GLY A 7 -15.80 -42.42 9.77
N GLU A 8 -14.54 -42.83 9.82
CA GLU A 8 -14.11 -43.84 10.77
C GLU A 8 -13.98 -43.24 12.16
N ARG A 9 -13.81 -44.11 13.15
CA ARG A 9 -13.72 -43.65 14.53
C ARG A 9 -12.29 -43.22 14.84
N PHE A 10 -12.16 -42.22 15.73
CA PHE A 10 -10.83 -41.78 16.15
C PHE A 10 -10.41 -42.57 17.37
N PRO A 11 -9.21 -43.19 17.35
CA PRO A 11 -8.84 -44.09 18.46
C PRO A 11 -8.42 -43.36 19.73
N TRP A 12 -8.60 -42.04 19.77
CA TRP A 12 -8.26 -41.26 20.95
C TRP A 12 -9.35 -40.23 21.21
N GLN A 13 -9.62 -39.98 22.49
CA GLN A 13 -10.74 -39.15 22.89
C GLN A 13 -10.34 -37.87 23.62
N GLU A 14 -9.23 -37.86 24.35
CA GLU A 14 -8.93 -36.75 25.24
C GLU A 14 -8.16 -35.65 24.51
N LEU A 15 -8.32 -34.41 24.99
CA LEU A 15 -7.57 -33.29 24.45
C LEU A 15 -6.08 -33.45 24.67
N ARG A 16 -5.68 -34.04 25.79
CA ARG A 16 -4.28 -34.28 26.09
C ARG A 16 -3.80 -35.51 25.32
N LEU A 17 -2.58 -35.42 24.80
CA LEU A 17 -2.01 -36.54 24.06
C LEU A 17 -1.72 -37.71 24.99
N PRO A 18 -1.67 -38.93 24.46
CA PRO A 18 -1.23 -40.07 25.26
C PRO A 18 0.24 -39.93 25.65
N SER A 19 0.60 -40.62 26.72
CA SER A 19 1.98 -40.65 27.19
C SER A 19 2.72 -41.92 26.77
N VAL A 20 2.10 -42.76 25.93
CA VAL A 20 2.73 -44.03 25.57
C VAL A 20 3.84 -43.84 24.55
N VAL A 21 3.75 -42.82 23.70
CA VAL A 21 4.75 -42.54 22.68
C VAL A 21 5.41 -41.21 23.03
N ILE A 22 6.72 -41.23 23.22
CA ILE A 22 7.48 -40.07 23.68
C ILE A 22 8.43 -39.64 22.58
N PRO A 23 8.38 -38.40 22.12
CA PRO A 23 9.32 -37.95 21.09
C PRO A 23 10.71 -37.72 21.67
N LEU A 24 11.73 -38.07 20.90
CA LEU A 24 13.12 -37.88 21.29
C LEU A 24 13.85 -36.88 20.42
N HIS A 25 13.66 -36.92 19.10
CA HIS A 25 14.40 -36.07 18.19
C HIS A 25 13.54 -35.79 16.96
N TYR A 26 13.50 -34.54 16.55
CA TYR A 26 12.79 -34.12 15.35
C TYR A 26 13.79 -33.75 14.26
N ASP A 27 13.65 -34.37 13.10
CA ASP A 27 14.31 -33.91 11.88
C ASP A 27 13.28 -33.12 11.10
N LEU A 28 13.51 -31.81 10.95
CA LEU A 28 12.54 -30.91 10.34
C LEU A 28 13.16 -30.22 9.14
N PHE A 29 12.57 -30.44 7.97
CA PHE A 29 12.96 -29.76 6.74
C PHE A 29 11.77 -28.95 6.25
N VAL A 30 11.99 -27.65 6.04
CA VAL A 30 10.95 -26.75 5.57
C VAL A 30 11.45 -26.04 4.31
N HIS A 31 10.60 -26.01 3.28
CA HIS A 31 10.92 -25.38 2.00
C HIS A 31 9.87 -24.31 1.73
N PRO A 32 9.99 -23.14 2.32
CA PRO A 32 9.02 -22.06 2.05
C PRO A 32 9.33 -21.33 0.76
N ASN A 33 8.28 -20.82 0.13
CA ASN A 33 8.40 -19.99 -1.06
C ASN A 33 7.73 -18.65 -0.80
N LEU A 34 8.52 -17.58 -0.81
CA LEU A 34 8.03 -16.24 -0.52
C LEU A 34 7.42 -15.56 -1.75
N THR A 35 7.25 -16.29 -2.85
CA THR A 35 6.54 -15.79 -4.02
C THR A 35 5.13 -16.38 -4.13
N SER A 36 5.02 -17.70 -4.05
CA SER A 36 3.72 -18.35 -3.99
C SER A 36 3.12 -18.34 -2.60
N LEU A 37 3.85 -17.83 -1.60
CA LEU A 37 3.35 -17.64 -0.24
C LEU A 37 2.83 -18.94 0.36
N ASP A 38 3.60 -20.02 0.18
CA ASP A 38 3.25 -21.32 0.73
C ASP A 38 4.55 -22.05 1.07
N PHE A 39 4.43 -23.32 1.46
CA PHE A 39 5.61 -24.10 1.79
C PHE A 39 5.28 -25.58 1.66
N VAL A 40 6.32 -26.37 1.44
CA VAL A 40 6.28 -27.82 1.58
C VAL A 40 7.31 -28.20 2.61
N ALA A 41 7.07 -29.30 3.31
CA ALA A 41 7.95 -29.67 4.40
C ALA A 41 7.84 -31.17 4.67
N SER A 42 8.83 -31.69 5.38
CA SER A 42 8.87 -33.09 5.77
C SER A 42 9.54 -33.21 7.12
N GLU A 43 9.26 -34.31 7.81
CA GLU A 43 9.81 -34.50 9.14
C GLU A 43 10.02 -35.98 9.41
N LYS A 44 11.00 -36.27 10.28
CA LYS A 44 11.25 -37.62 10.77
C LYS A 44 11.40 -37.52 12.29
N ILE A 45 10.46 -38.11 13.02
CA ILE A 45 10.38 -37.99 14.47
C ILE A 45 10.86 -39.30 15.09
N GLU A 46 11.98 -39.24 15.80
CA GLU A 46 12.43 -40.38 16.59
C GLU A 46 11.63 -40.45 17.87
N VAL A 47 10.89 -41.53 18.07
CA VAL A 47 10.00 -41.68 19.21
C VAL A 47 10.40 -42.93 19.98
N LEU A 48 10.12 -42.92 21.28
CA LEU A 48 10.36 -44.07 22.16
C LEU A 48 9.02 -44.59 22.64
N VAL A 49 8.73 -45.85 22.29
CA VAL A 49 7.46 -46.48 22.64
C VAL A 49 7.61 -47.14 24.00
N SER A 50 6.87 -46.65 24.99
CA SER A 50 6.89 -47.21 26.33
C SER A 50 5.80 -48.24 26.57
N ASN A 51 4.69 -48.15 25.83
CA ASN A 51 3.59 -49.09 25.94
C ASN A 51 3.20 -49.56 24.55
N ALA A 52 2.89 -50.85 24.42
CA ALA A 52 2.45 -51.39 23.15
C ALA A 52 1.17 -50.70 22.71
N THR A 53 1.13 -50.28 21.45
CA THR A 53 0.01 -49.50 20.95
C THR A 53 -0.16 -49.74 19.45
N GLN A 54 -1.40 -49.58 18.99
CA GLN A 54 -1.74 -49.74 17.58
C GLN A 54 -1.86 -48.41 16.86
N PHE A 55 -1.59 -47.29 17.52
CA PHE A 55 -1.75 -45.99 16.90
C PHE A 55 -0.88 -44.97 17.62
N ILE A 56 -0.54 -43.91 16.89
CA ILE A 56 0.21 -42.78 17.42
C ILE A 56 -0.64 -41.53 17.23
N ILE A 57 -0.73 -40.71 18.28
CA ILE A 57 -1.56 -39.50 18.28
C ILE A 57 -0.64 -38.29 18.27
N LEU A 58 -0.90 -37.36 17.36
CA LEU A 58 -0.09 -36.16 17.21
C LEU A 58 -1.00 -34.97 16.92
N HIS A 59 -0.45 -33.77 17.14
CA HIS A 59 -1.14 -32.53 16.85
C HIS A 59 -0.86 -32.12 15.41
N SER A 60 -1.89 -31.59 14.75
CA SER A 60 -1.74 -31.07 13.40
C SER A 60 -2.98 -30.24 13.08
N LYS A 61 -2.75 -29.07 12.49
CA LYS A 61 -3.85 -28.15 12.19
C LYS A 61 -3.56 -27.43 10.88
N ASP A 62 -4.51 -27.49 9.95
CA ASP A 62 -4.43 -26.80 8.67
C ASP A 62 -3.21 -27.24 7.86
N LEU A 63 -2.77 -28.49 8.05
CA LEU A 63 -1.66 -29.05 7.31
C LEU A 63 -2.14 -30.21 6.46
N GLU A 64 -1.81 -30.19 5.18
CA GLU A 64 -2.13 -31.28 4.27
C GLU A 64 -1.02 -32.32 4.34
N ILE A 65 -1.33 -33.50 4.88
CA ILE A 65 -0.35 -34.56 5.05
C ILE A 65 -0.49 -35.52 3.88
N THR A 66 0.61 -35.73 3.16
CA THR A 66 0.59 -36.53 1.94
C THR A 66 1.20 -37.92 2.11
N ASN A 67 2.29 -38.03 2.87
CA ASN A 67 2.94 -39.32 3.11
C ASN A 67 3.12 -39.52 4.62
N ALA A 68 3.14 -40.78 5.03
CA ALA A 68 3.33 -41.14 6.43
C ALA A 68 3.87 -42.55 6.50
N THR A 69 5.10 -42.71 7.00
CA THR A 69 5.75 -44.00 7.11
C THR A 69 6.30 -44.17 8.51
N LEU A 70 6.63 -45.42 8.85
CA LEU A 70 7.22 -45.75 10.14
C LEU A 70 8.37 -46.72 9.91
N GLN A 71 9.58 -46.29 10.29
CA GLN A 71 10.77 -47.12 10.18
C GLN A 71 11.33 -47.38 11.57
N SER A 72 12.19 -48.40 11.66
CA SER A 72 12.80 -48.76 12.93
C SER A 72 14.03 -49.60 12.69
N GLU A 73 15.12 -49.29 13.39
CA GLU A 73 16.34 -50.09 13.33
C GLU A 73 16.38 -51.14 14.44
N GLU A 74 15.55 -51.01 15.47
CA GLU A 74 15.47 -52.00 16.53
C GLU A 74 14.34 -53.01 16.31
N ASP A 75 13.26 -52.59 15.66
CA ASP A 75 12.17 -53.48 15.30
C ASP A 75 12.34 -53.81 13.82
N SER A 76 12.76 -55.05 13.54
CA SER A 76 13.05 -55.44 12.16
C SER A 76 11.81 -55.43 11.27
N ARG A 77 10.61 -55.50 11.86
CA ARG A 77 9.40 -55.45 11.05
C ARG A 77 9.29 -54.13 10.30
N TYR A 78 9.87 -53.05 10.82
CA TYR A 78 9.87 -51.77 10.13
C TYR A 78 11.27 -51.39 9.67
N MET A 79 11.91 -52.23 8.86
CA MET A 79 13.26 -51.96 8.41
C MET A 79 13.29 -50.79 7.42
N LYS A 80 14.49 -50.48 6.93
CA LYS A 80 14.86 -49.35 6.08
C LYS A 80 13.77 -48.88 5.13
N PRO A 81 13.10 -49.76 4.36
CA PRO A 81 11.97 -49.27 3.56
C PRO A 81 10.84 -48.72 4.42
N GLY A 82 10.44 -49.45 5.46
CA GLY A 82 9.37 -49.01 6.33
C GLY A 82 8.02 -49.58 5.94
N LYS A 83 7.01 -49.07 6.64
CA LYS A 83 5.62 -49.46 6.42
C LYS A 83 4.76 -48.19 6.35
N GLU A 84 3.83 -48.16 5.40
CA GLU A 84 2.95 -47.02 5.25
C GLU A 84 1.95 -46.94 6.41
N LEU A 85 1.67 -45.72 6.84
CA LEU A 85 0.74 -45.46 7.93
C LEU A 85 -0.51 -44.78 7.40
N LYS A 86 -1.68 -45.21 7.88
CA LYS A 86 -2.94 -44.57 7.55
C LYS A 86 -3.22 -43.47 8.57
N VAL A 87 -3.45 -42.27 8.07
CA VAL A 87 -3.66 -41.09 8.92
C VAL A 87 -5.16 -40.88 9.11
N LEU A 88 -5.56 -40.53 10.33
CA LEU A 88 -6.93 -40.14 10.64
C LEU A 88 -6.90 -38.76 11.27
N SER A 89 -7.78 -37.88 10.78
CA SER A 89 -7.81 -36.49 11.24
C SER A 89 -8.99 -36.26 12.17
N TYR A 90 -8.75 -35.52 13.25
CA TYR A 90 -9.81 -35.14 14.19
C TYR A 90 -9.59 -33.67 14.54
N PRO A 91 -10.16 -32.75 13.76
CA PRO A 91 -9.89 -31.33 13.99
C PRO A 91 -10.45 -30.78 15.29
N ALA A 92 -11.48 -31.39 15.86
CA ALA A 92 -12.08 -30.87 17.09
C ALA A 92 -11.04 -30.78 18.21
N HIS A 93 -10.14 -31.75 18.29
CA HIS A 93 -9.04 -31.72 19.23
C HIS A 93 -7.71 -31.37 18.57
N GLU A 94 -7.74 -30.99 17.29
CA GLU A 94 -6.55 -30.63 16.54
C GLU A 94 -5.51 -31.74 16.58
N GLN A 95 -5.98 -32.98 16.48
CA GLN A 95 -5.12 -34.15 16.56
C GLN A 95 -5.22 -34.97 15.28
N ILE A 96 -4.21 -35.83 15.08
CA ILE A 96 -4.22 -36.83 14.03
C ILE A 96 -3.82 -38.16 14.65
N ALA A 97 -4.21 -39.25 13.97
CA ALA A 97 -3.93 -40.60 14.42
C ALA A 97 -3.16 -41.33 13.34
N LEU A 98 -2.03 -41.94 13.72
CA LEU A 98 -1.22 -42.73 12.80
C LEU A 98 -1.41 -44.20 13.15
N LEU A 99 -2.17 -44.90 12.30
CA LEU A 99 -2.48 -46.30 12.52
C LEU A 99 -1.38 -47.19 11.96
N VAL A 100 -0.83 -48.05 12.79
CA VAL A 100 0.29 -48.90 12.39
C VAL A 100 -0.22 -50.27 11.97
N PRO A 101 0.47 -50.95 11.05
CA PRO A 101 0.00 -52.29 10.63
C PRO A 101 0.14 -53.34 11.71
N GLU A 102 1.16 -53.24 12.55
CA GLU A 102 1.40 -54.17 13.65
C GLU A 102 1.72 -53.36 14.89
N LYS A 103 1.20 -53.80 16.03
CA LYS A 103 1.38 -53.02 17.26
C LYS A 103 2.85 -52.86 17.57
N LEU A 104 3.20 -51.70 18.11
CA LEU A 104 4.60 -51.38 18.37
C LEU A 104 5.09 -52.10 19.62
N THR A 105 6.39 -52.35 19.66
CA THR A 105 6.98 -53.08 20.78
C THR A 105 7.45 -52.10 21.84
N PRO A 106 7.11 -52.33 23.11
CA PRO A 106 7.54 -51.41 24.16
C PRO A 106 9.06 -51.35 24.26
N HIS A 107 9.56 -50.19 24.69
CA HIS A 107 10.97 -49.91 24.95
C HIS A 107 11.82 -49.86 23.69
N LEU A 108 11.22 -49.94 22.52
CA LEU A 108 11.94 -49.84 21.26
C LEU A 108 11.66 -48.50 20.60
N LYS A 109 12.66 -48.00 19.87
CA LYS A 109 12.57 -46.70 19.20
C LYS A 109 12.10 -46.87 17.76
N TYR A 110 11.31 -45.90 17.29
CA TYR A 110 10.79 -45.88 15.94
C TYR A 110 11.01 -44.51 15.33
N TYR A 111 10.78 -44.41 14.02
CA TYR A 111 10.94 -43.16 13.28
C TYR A 111 9.67 -42.87 12.51
N VAL A 112 9.02 -41.76 12.83
CA VAL A 112 7.78 -41.35 12.18
C VAL A 112 8.13 -40.32 11.11
N ALA A 113 7.97 -40.69 9.85
CA ALA A 113 8.23 -39.81 8.73
C ALA A 113 6.93 -39.34 8.11
N MET A 114 6.87 -38.05 7.76
CA MET A 114 5.67 -37.47 7.19
C MET A 114 6.05 -36.34 6.24
N ASP A 115 5.27 -36.20 5.17
CA ASP A 115 5.34 -35.06 4.28
C ASP A 115 4.09 -34.22 4.45
N PHE A 116 4.27 -32.90 4.48
CA PHE A 116 3.14 -32.01 4.72
C PHE A 116 3.40 -30.66 4.07
N GLN A 117 2.32 -29.93 3.82
CA GLN A 117 2.38 -28.65 3.12
C GLN A 117 1.16 -27.83 3.51
N ALA A 118 1.29 -26.51 3.33
CA ALA A 118 0.21 -25.57 3.59
C ALA A 118 0.64 -24.20 3.06
N LYS A 119 -0.31 -23.28 3.06
CA LYS A 119 0.00 -21.90 2.71
C LYS A 119 0.58 -21.16 3.91
N LEU A 120 1.33 -20.11 3.64
CA LEU A 120 1.79 -19.24 4.72
C LEU A 120 0.59 -18.54 5.35
N GLY A 121 0.58 -18.50 6.67
CA GLY A 121 -0.54 -17.88 7.37
C GLY A 121 -0.65 -16.40 7.05
N ASP A 122 -1.90 -15.91 7.09
CA ASP A 122 -2.18 -14.50 6.87
C ASP A 122 -2.51 -13.77 8.16
N GLY A 123 -2.36 -14.42 9.31
CA GLY A 123 -2.54 -13.79 10.60
C GLY A 123 -1.22 -13.56 11.30
N PHE A 124 -1.17 -13.86 12.60
CA PHE A 124 0.04 -13.70 13.39
C PHE A 124 0.50 -15.00 14.04
N GLU A 125 -0.09 -16.14 13.67
CA GLU A 125 0.20 -17.40 14.32
CA GLU A 125 0.19 -17.40 14.32
C GLU A 125 0.76 -18.39 13.32
N GLY A 126 1.51 -19.37 13.83
CA GLY A 126 2.12 -20.39 13.00
C GLY A 126 3.22 -19.84 12.13
N PHE A 127 3.34 -20.41 10.93
CA PHE A 127 4.31 -19.98 9.93
C PHE A 127 3.59 -19.02 9.00
N TYR A 128 3.78 -17.72 9.21
CA TYR A 128 2.98 -16.70 8.53
C TYR A 128 3.89 -15.70 7.83
N LYS A 129 3.29 -14.90 6.97
CA LYS A 129 4.02 -13.92 6.18
C LYS A 129 3.94 -12.54 6.82
N SER A 130 4.99 -11.75 6.62
CA SER A 130 5.08 -10.40 7.15
C SER A 130 5.75 -9.51 6.11
N THR A 131 5.39 -8.23 6.13
CA THR A 131 5.89 -7.27 5.15
C THR A 131 6.48 -6.05 5.87
N TYR A 132 7.41 -5.38 5.19
CA TYR A 132 7.96 -4.12 5.67
C TYR A 132 8.20 -3.20 4.49
N ARG A 133 8.53 -1.95 4.80
CA ARG A 133 8.75 -0.93 3.80
C ARG A 133 10.19 -0.42 3.88
N THR A 134 10.82 -0.27 2.72
CA THR A 134 12.19 0.22 2.65
C THR A 134 12.19 1.75 2.56
N LEU A 135 13.38 2.33 2.75
CA LEU A 135 13.53 3.77 2.63
C LEU A 135 13.15 4.28 1.25
N GLY A 136 13.40 3.46 0.21
CA GLY A 136 13.05 3.85 -1.14
C GLY A 136 11.60 3.66 -1.51
N GLY A 137 10.81 3.05 -0.63
CA GLY A 137 9.41 2.81 -0.90
C GLY A 137 9.07 1.41 -1.38
N GLU A 138 9.99 0.45 -1.25
CA GLU A 138 9.74 -0.92 -1.64
C GLU A 138 9.11 -1.70 -0.49
N THR A 139 8.29 -2.68 -0.85
CA THR A 139 7.65 -3.58 0.11
C THR A 139 8.26 -4.96 -0.06
N ARG A 140 8.78 -5.53 1.02
CA ARG A 140 9.42 -6.84 0.98
C ARG A 140 8.68 -7.82 1.87
N ILE A 141 8.87 -9.11 1.59
CA ILE A 141 8.16 -10.19 2.26
C ILE A 141 9.17 -10.99 3.09
N LEU A 142 8.75 -11.41 4.28
CA LEU A 142 9.50 -12.37 5.07
C LEU A 142 8.53 -13.41 5.62
N ALA A 143 9.09 -14.54 6.04
CA ALA A 143 8.34 -15.62 6.65
C ALA A 143 8.89 -15.87 8.04
N VAL A 144 8.00 -15.94 9.04
CA VAL A 144 8.40 -15.99 10.44
C VAL A 144 7.42 -16.87 11.20
N THR A 145 7.92 -17.53 12.24
CA THR A 145 7.12 -18.43 13.07
C THR A 145 6.76 -17.79 14.40
N ASP A 146 5.61 -18.18 14.92
CA ASP A 146 5.19 -17.81 16.27
C ASP A 146 4.27 -18.93 16.77
N PHE A 147 4.73 -19.69 17.76
CA PHE A 147 4.08 -20.95 18.12
C PHE A 147 3.42 -20.97 19.49
N GLU A 148 3.83 -20.12 20.42
CA GLU A 148 3.27 -20.19 21.75
C GLU A 148 1.82 -19.68 21.74
N PRO A 149 0.88 -20.40 22.35
CA PRO A 149 1.06 -21.67 23.05
C PRO A 149 0.92 -22.92 22.17
N THR A 150 -0.01 -22.97 21.23
CA THR A 150 -0.35 -24.21 20.53
C THR A 150 -0.38 -24.03 19.02
N GLN A 151 0.58 -23.28 18.48
CA GLN A 151 0.62 -23.02 17.05
C GLN A 151 1.74 -23.74 16.33
N ALA A 152 2.60 -24.47 17.04
CA ALA A 152 3.58 -25.30 16.35
C ALA A 152 2.92 -26.38 15.52
N ARG A 153 1.74 -26.86 15.96
CA ARG A 153 0.98 -27.84 15.21
C ARG A 153 0.48 -27.28 13.88
N MET A 154 0.48 -25.96 13.71
CA MET A 154 0.09 -25.34 12.45
C MET A 154 1.23 -25.30 11.44
N ALA A 155 2.45 -25.62 11.85
CA ALA A 155 3.61 -25.61 10.96
C ALA A 155 4.20 -26.98 10.71
N PHE A 156 4.14 -27.89 11.68
CA PHE A 156 4.62 -29.25 11.49
C PHE A 156 3.95 -30.16 12.50
N PRO A 157 3.54 -31.37 12.11
CA PRO A 157 2.94 -32.29 13.08
C PRO A 157 3.92 -32.64 14.18
N CYS A 158 3.45 -32.57 15.41
CA CYS A 158 4.33 -32.77 16.56
C CYS A 158 3.48 -33.04 17.80
N PHE A 159 4.15 -33.52 18.85
CA PHE A 159 3.53 -33.64 20.17
C PHE A 159 3.55 -32.25 20.79
N ASP A 160 2.54 -31.46 20.45
CA ASP A 160 2.54 -30.02 20.74
C ASP A 160 2.04 -29.75 22.16
N GLU A 161 2.80 -30.26 23.13
CA GLU A 161 2.59 -29.98 24.55
C GLU A 161 3.97 -29.75 25.16
N PRO A 162 4.09 -28.79 26.08
CA PRO A 162 5.42 -28.39 26.56
C PRO A 162 6.17 -29.48 27.30
N LEU A 163 5.51 -30.55 27.72
CA LEU A 163 6.19 -31.63 28.43
C LEU A 163 6.95 -32.57 27.49
N PHE A 164 6.61 -32.58 26.20
CA PHE A 164 7.25 -33.47 25.23
C PHE A 164 8.48 -32.80 24.63
N LYS A 165 9.47 -32.56 25.48
CA LYS A 165 10.71 -31.94 25.04
C LYS A 165 11.53 -32.90 24.19
N ALA A 166 12.28 -32.34 23.24
CA ALA A 166 13.06 -33.14 22.30
C ALA A 166 14.08 -32.25 21.62
N ASN A 167 15.04 -32.90 20.95
CA ASN A 167 15.99 -32.19 20.11
C ASN A 167 15.35 -31.86 18.75
N PHE A 168 15.89 -30.85 18.09
CA PHE A 168 15.37 -30.41 16.79
C PHE A 168 16.52 -30.15 15.84
N SER A 169 16.56 -30.88 14.73
CA SER A 169 17.51 -30.65 13.65
C SER A 169 16.74 -30.06 12.47
N ILE A 170 17.00 -28.79 12.16
CA ILE A 170 16.18 -28.02 11.24
C ILE A 170 17.00 -27.69 10.00
N LYS A 171 16.39 -27.90 8.83
CA LYS A 171 16.97 -27.51 7.54
C LYS A 171 15.97 -26.64 6.81
N ILE A 172 16.47 -25.56 6.18
CA ILE A 172 15.62 -24.60 5.49
C ILE A 172 16.17 -24.40 4.08
N ARG A 173 15.29 -24.47 3.09
CA ARG A 173 15.64 -24.20 1.69
C ARG A 173 15.15 -22.81 1.31
N ARG A 174 15.97 -22.08 0.57
CA ARG A 174 15.72 -20.67 0.31
C ARG A 174 16.41 -20.24 -0.97
N GLU A 175 16.08 -19.03 -1.42
CA GLU A 175 16.76 -18.38 -2.53
C GLU A 175 17.98 -17.62 -2.03
N SER A 176 18.83 -17.22 -2.97
CA SER A 176 20.04 -16.49 -2.63
C SER A 176 19.74 -15.09 -2.09
N ARG A 177 18.60 -14.51 -2.46
CA ARG A 177 18.23 -13.18 -1.96
C ARG A 177 17.76 -13.20 -0.51
N HIS A 178 17.69 -14.38 0.12
CA HIS A 178 17.22 -14.51 1.48
C HIS A 178 18.29 -15.17 2.35
N ILE A 179 18.23 -14.90 3.64
CA ILE A 179 18.92 -15.68 4.65
C ILE A 179 17.88 -16.52 5.38
N ALA A 180 18.37 -17.51 6.13
CA ALA A 180 17.52 -18.35 6.94
C ALA A 180 18.06 -18.39 8.36
N LEU A 181 17.21 -18.06 9.32
CA LEU A 181 17.57 -18.07 10.74
C LEU A 181 16.74 -19.11 11.46
N SER A 182 17.33 -19.69 12.50
CA SER A 182 16.62 -20.68 13.32
C SER A 182 17.12 -20.57 14.75
N ASN A 183 16.73 -21.54 15.58
CA ASN A 183 17.13 -21.53 16.99
C ASN A 183 18.65 -21.57 17.13
N MET A 184 19.30 -22.47 16.39
CA MET A 184 20.70 -22.81 16.55
C MET A 184 21.54 -22.18 15.45
N PRO A 185 22.87 -22.13 15.63
CA PRO A 185 23.73 -21.61 14.56
C PRO A 185 23.62 -22.44 13.30
N LYS A 186 23.91 -21.79 12.16
CA LYS A 186 23.94 -22.48 10.87
C LYS A 186 25.25 -23.25 10.75
N VAL A 187 25.16 -24.55 10.51
CA VAL A 187 26.35 -25.39 10.44
C VAL A 187 26.96 -25.38 9.05
N LYS A 188 26.14 -25.32 8.00
CA LYS A 188 26.65 -25.32 6.64
C LYS A 188 25.54 -24.93 5.68
N THR A 189 25.95 -24.44 4.51
CA THR A 189 25.03 -24.12 3.42
C THR A 189 25.48 -24.88 2.18
N ILE A 190 24.55 -25.64 1.59
CA ILE A 190 24.81 -26.43 0.40
C ILE A 190 24.07 -25.80 -0.78
N GLU A 191 24.75 -25.69 -1.91
CA GLU A 191 24.15 -25.18 -3.13
C GLU A 191 23.46 -26.31 -3.88
N LEU A 192 22.25 -26.07 -4.34
CA LEU A 192 21.45 -27.07 -5.04
C LEU A 192 21.53 -26.85 -6.55
N GLU A 193 21.11 -27.89 -7.29
CA GLU A 193 21.27 -27.89 -8.74
C GLU A 193 20.59 -26.69 -9.38
N GLY A 194 19.32 -26.45 -9.05
CA GLY A 194 18.57 -25.37 -9.65
C GLY A 194 19.06 -23.97 -9.28
N GLY A 195 19.98 -23.86 -8.33
CA GLY A 195 20.49 -22.58 -7.87
C GLY A 195 20.01 -22.18 -6.50
N LEU A 196 19.09 -22.92 -5.90
CA LEU A 196 18.65 -22.62 -4.55
C LEU A 196 19.72 -23.01 -3.54
N LEU A 197 19.48 -22.65 -2.29
CA LEU A 197 20.39 -22.94 -1.19
C LEU A 197 19.63 -23.63 -0.07
N GLU A 198 20.34 -24.44 0.69
CA GLU A 198 19.76 -25.20 1.80
C GLU A 198 20.67 -25.04 3.01
N ASP A 199 20.13 -24.45 4.07
CA ASP A 199 20.88 -24.19 5.30
C ASP A 199 20.65 -25.31 6.29
N HIS A 200 21.74 -25.81 6.88
CA HIS A 200 21.69 -26.83 7.91
C HIS A 200 22.03 -26.19 9.25
N PHE A 201 21.18 -26.39 10.24
CA PHE A 201 21.36 -25.81 11.56
C PHE A 201 21.72 -26.89 12.57
N GLU A 202 22.48 -26.48 13.59
CA GLU A 202 22.89 -27.39 14.65
C GLU A 202 21.66 -27.94 15.37
N THR A 203 21.79 -29.18 15.85
CA THR A 203 20.72 -29.80 16.61
C THR A 203 20.49 -29.06 17.92
N THR A 204 19.24 -28.72 18.21
CA THR A 204 18.92 -28.02 19.44
C THR A 204 19.14 -28.91 20.65
N VAL A 205 19.15 -28.29 21.82
CA VAL A 205 19.09 -29.03 23.09
C VAL A 205 17.65 -29.45 23.30
N LYS A 206 17.39 -30.18 24.39
CA LYS A 206 16.02 -30.54 24.72
C LYS A 206 15.19 -29.29 24.99
N MET A 207 14.05 -29.19 24.32
CA MET A 207 13.19 -28.02 24.46
C MET A 207 11.78 -28.35 23.98
N SER A 208 10.84 -27.50 24.36
CA SER A 208 9.44 -27.70 24.01
C SER A 208 9.15 -27.20 22.60
N THR A 209 8.07 -27.72 22.02
CA THR A 209 7.75 -27.42 20.62
C THR A 209 7.42 -25.95 20.40
N TYR A 210 6.86 -25.28 21.40
CA TYR A 210 6.44 -23.89 21.20
C TYR A 210 7.62 -22.94 21.10
N LEU A 211 8.84 -23.42 21.32
CA LEU A 211 10.04 -22.59 21.21
C LEU A 211 10.78 -22.78 19.88
N VAL A 212 10.34 -23.72 19.05
CA VAL A 212 10.94 -23.89 17.73
C VAL A 212 10.69 -22.66 16.89
N ALA A 213 11.71 -22.21 16.17
CA ALA A 213 11.59 -21.01 15.36
C ALA A 213 12.46 -21.13 14.12
N TYR A 214 11.96 -20.56 13.02
CA TYR A 214 12.75 -20.40 11.80
C TYR A 214 12.18 -19.24 11.01
N ILE A 215 13.07 -18.46 10.40
CA ILE A 215 12.71 -17.23 9.69
C ILE A 215 13.44 -17.20 8.36
N VAL A 216 12.74 -16.75 7.32
CA VAL A 216 13.33 -16.52 6.01
C VAL A 216 13.11 -15.05 5.66
N CYS A 217 14.20 -14.30 5.52
CA CYS A 217 14.12 -12.86 5.30
C CYS A 217 15.43 -12.39 4.66
N ASP A 218 15.57 -11.07 4.55
CA ASP A 218 16.77 -10.43 3.99
C ASP A 218 17.26 -9.34 4.92
N PHE A 219 17.19 -9.59 6.22
CA PHE A 219 17.53 -8.59 7.22
C PHE A 219 19.04 -8.46 7.38
N HIS A 220 19.46 -7.30 7.89
CA HIS A 220 20.83 -7.04 8.28
C HIS A 220 20.95 -7.13 9.81
N SER A 221 22.20 -7.23 10.28
CA SER A 221 22.43 -7.47 11.70
C SER A 221 23.65 -6.69 12.18
N LEU A 222 23.65 -6.44 13.50
CA LEU A 222 24.83 -5.98 14.22
C LEU A 222 25.16 -7.04 15.28
N SER A 223 26.45 -7.35 15.41
CA SER A 223 26.88 -8.49 16.22
C SER A 223 27.84 -8.05 17.31
N GLY A 224 27.84 -8.82 18.40
CA GLY A 224 28.74 -8.61 19.52
C GLY A 224 28.84 -9.89 20.32
N PHE A 225 29.85 -9.94 21.19
CA PHE A 225 30.12 -11.13 21.99
C PHE A 225 30.03 -10.78 23.47
N THR A 226 29.34 -11.62 24.24
CA THR A 226 29.24 -11.45 25.68
C THR A 226 30.56 -11.87 26.34
N SER A 227 30.62 -11.73 27.66
CA SER A 227 31.80 -12.14 28.39
C SER A 227 32.03 -13.65 28.32
N SER A 228 30.96 -14.42 28.15
CA SER A 228 31.06 -15.87 28.02
C SER A 228 31.20 -16.33 26.57
N GLY A 229 31.40 -15.41 25.64
CA GLY A 229 31.62 -15.78 24.25
C GLY A 229 30.37 -16.00 23.43
N VAL A 230 29.19 -15.70 23.97
CA VAL A 230 27.95 -15.84 23.20
C VAL A 230 27.89 -14.75 22.14
N LYS A 231 27.68 -15.15 20.89
CA LYS A 231 27.53 -14.20 19.80
C LYS A 231 26.10 -13.70 19.76
N VAL A 232 25.89 -12.45 20.16
CA VAL A 232 24.58 -11.81 20.13
C VAL A 232 24.48 -10.99 18.85
N SER A 233 23.39 -11.17 18.11
CA SER A 233 23.14 -10.43 16.89
C SER A 233 21.73 -9.85 16.93
N ILE A 234 21.61 -8.58 16.55
CA ILE A 234 20.32 -7.90 16.47
C ILE A 234 19.96 -7.74 15.00
N TYR A 235 18.87 -8.39 14.59
CA TYR A 235 18.42 -8.38 13.20
C TYR A 235 17.25 -7.42 13.02
N ALA A 236 17.25 -6.71 11.89
CA ALA A 236 16.17 -5.81 11.53
C ALA A 236 16.23 -5.57 10.03
N SER A 237 15.17 -4.96 9.50
CA SER A 237 15.13 -4.63 8.09
C SER A 237 16.34 -3.75 7.74
N PRO A 238 16.88 -3.89 6.52
CA PRO A 238 18.18 -3.25 6.21
C PRO A 238 18.25 -1.76 6.48
N ASP A 239 17.18 -1.01 6.19
CA ASP A 239 17.20 0.43 6.38
C ASP A 239 17.06 0.85 7.84
N LYS A 240 16.95 -0.10 8.77
CA LYS A 240 16.80 0.20 10.19
C LYS A 240 17.97 -0.31 11.01
N ARG A 241 19.13 -0.55 10.39
CA ARG A 241 20.25 -1.12 11.12
C ARG A 241 20.78 -0.19 12.21
N ASN A 242 20.74 1.12 11.98
CA ASN A 242 21.21 2.07 12.98
C ASN A 242 20.40 2.01 14.26
N GLN A 243 19.16 1.53 14.21
CA GLN A 243 18.30 1.51 15.38
C GLN A 243 18.53 0.28 16.26
N THR A 244 19.48 -0.58 15.90
CA THR A 244 19.75 -1.80 16.66
C THR A 244 20.92 -1.65 17.62
N HIS A 245 21.54 -0.47 17.69
CA HIS A 245 22.75 -0.29 18.49
C HIS A 245 22.47 -0.51 19.98
N TYR A 246 21.43 0.14 20.50
CA TYR A 246 21.15 0.01 21.94
C TYR A 246 20.74 -1.40 22.30
N ALA A 247 19.97 -2.06 21.43
CA ALA A 247 19.55 -3.43 21.69
C ALA A 247 20.74 -4.35 21.88
N LEU A 248 21.79 -4.17 21.08
CA LEU A 248 23.00 -4.98 21.24
C LEU A 248 23.68 -4.70 22.57
N GLN A 249 23.85 -3.41 22.90
CA GLN A 249 24.48 -3.04 24.16
C GLN A 249 23.72 -3.60 25.35
N ALA A 250 22.38 -3.47 25.34
CA ALA A 250 21.58 -3.94 26.46
C ALA A 250 21.59 -5.47 26.54
N SER A 251 21.54 -6.14 25.40
CA SER A 251 21.55 -7.61 25.39
C SER A 251 22.86 -8.15 25.97
N LEU A 252 23.98 -7.53 25.61
CA LEU A 252 25.27 -7.97 26.14
C LEU A 252 25.33 -7.84 27.66
N LYS A 253 24.91 -6.67 28.18
CA LYS A 253 24.94 -6.48 29.63
C LYS A 253 23.97 -7.41 30.33
N LEU A 254 22.76 -7.58 29.79
CA LEU A 254 21.74 -8.35 30.49
C LEU A 254 22.06 -9.84 30.47
N LEU A 255 22.59 -10.34 29.35
CA LEU A 255 22.94 -11.75 29.29
C LEU A 255 24.08 -12.08 30.24
N ASP A 256 25.07 -11.19 30.36
CA ASP A 256 26.14 -11.39 31.32
C ASP A 256 25.61 -11.43 32.75
N PHE A 257 24.69 -10.53 33.09
CA PHE A 257 24.11 -10.52 34.44
C PHE A 257 23.35 -11.80 34.72
N TYR A 258 22.53 -12.25 33.76
CA TYR A 258 21.73 -13.45 33.97
C TYR A 258 22.62 -14.68 34.17
N GLU A 259 23.73 -14.77 33.44
CA GLU A 259 24.63 -15.90 33.60
C GLU A 259 25.27 -15.90 34.98
N LYS A 260 25.73 -14.74 35.46
CA LYS A 260 26.32 -14.68 36.79
C LYS A 260 25.27 -14.85 37.88
N TYR A 261 24.11 -14.18 37.72
CA TYR A 261 23.09 -14.24 38.77
C TYR A 261 22.51 -15.64 38.90
N PHE A 262 22.16 -16.27 37.78
CA PHE A 262 21.62 -17.62 37.80
C PHE A 262 22.70 -18.69 37.98
N ASP A 263 23.97 -18.33 37.83
CA ASP A 263 25.09 -19.27 37.92
C ASP A 263 24.94 -20.41 36.91
N ILE A 264 24.28 -20.13 35.78
CA ILE A 264 24.09 -21.11 34.70
C ILE A 264 24.34 -20.39 33.38
N TYR A 265 25.32 -20.87 32.62
CA TYR A 265 25.61 -20.27 31.33
C TYR A 265 24.45 -20.45 30.37
N TYR A 266 24.30 -19.49 29.46
CA TYR A 266 23.44 -19.66 28.30
C TYR A 266 24.04 -20.76 27.43
N PRO A 267 23.32 -21.86 27.16
CA PRO A 267 23.98 -23.05 26.61
C PRO A 267 24.27 -23.00 25.12
N LEU A 268 23.75 -22.04 24.38
CA LEU A 268 23.92 -21.99 22.94
C LEU A 268 25.04 -21.03 22.55
N SER A 269 25.59 -21.25 21.35
CA SER A 269 26.71 -20.44 20.91
C SER A 269 26.27 -19.02 20.53
N LYS A 270 25.06 -18.87 20.00
CA LYS A 270 24.57 -17.57 19.56
C LYS A 270 23.19 -17.31 20.15
N LEU A 271 22.84 -16.02 20.19
CA LEU A 271 21.50 -15.58 20.57
C LEU A 271 21.11 -14.43 19.67
N ASP A 272 20.08 -14.63 18.86
CA ASP A 272 19.63 -13.63 17.91
C ASP A 272 18.37 -12.92 18.41
N LEU A 273 18.32 -11.62 18.18
CA LEU A 273 17.15 -10.79 18.47
C LEU A 273 16.73 -10.10 17.18
N ILE A 274 15.50 -10.36 16.73
CA ILE A 274 15.05 -9.89 15.42
C ILE A 274 13.76 -9.10 15.59
N ALA A 275 13.70 -7.94 14.95
CA ALA A 275 12.52 -7.09 14.99
C ALA A 275 11.62 -7.44 13.82
N ILE A 276 10.48 -8.08 14.12
CA ILE A 276 9.54 -8.52 13.09
C ILE A 276 8.55 -7.39 12.82
N PRO A 277 8.35 -7.00 11.56
CA PRO A 277 7.44 -5.88 11.27
C PRO A 277 5.99 -6.16 11.60
N ASP A 278 5.54 -7.41 11.48
CA ASP A 278 4.18 -7.82 11.83
C ASP A 278 4.27 -8.85 12.95
N PHE A 279 4.00 -8.41 14.18
CA PHE A 279 4.15 -9.28 15.34
C PHE A 279 3.09 -8.92 16.37
N ALA A 280 2.42 -9.93 16.91
CA ALA A 280 1.27 -9.70 17.77
C ALA A 280 1.68 -9.39 19.21
N PRO A 281 2.46 -10.23 19.89
CA PRO A 281 2.88 -9.89 21.26
C PRO A 281 4.05 -8.91 21.20
N GLY A 282 4.50 -8.50 22.40
CA GLY A 282 5.67 -7.65 22.46
C GLY A 282 6.92 -8.34 21.95
N ALA A 283 7.05 -9.64 22.24
CA ALA A 283 8.21 -10.43 21.85
C ALA A 283 7.90 -11.89 22.15
N MET A 284 8.78 -12.78 21.68
CA MET A 284 8.64 -14.21 21.91
C MET A 284 10.03 -14.81 22.13
N GLU A 285 10.18 -15.59 23.19
CA GLU A 285 11.48 -16.03 23.68
C GLU A 285 11.99 -17.30 23.01
N ASN A 286 11.78 -17.47 21.70
CA ASN A 286 12.29 -18.64 21.00
C ASN A 286 13.78 -18.80 21.26
N TRP A 287 14.17 -19.97 21.77
CA TRP A 287 15.52 -20.24 22.21
C TRP A 287 16.54 -19.96 21.10
N GLY A 288 17.36 -18.93 21.28
CA GLY A 288 18.38 -18.57 20.31
C GLY A 288 17.91 -17.67 19.19
N LEU A 289 16.61 -17.38 19.11
CA LEU A 289 16.07 -16.54 18.04
C LEU A 289 14.83 -15.83 18.60
N ILE A 290 15.08 -14.81 19.41
CA ILE A 290 14.00 -14.07 20.08
C ILE A 290 13.40 -13.08 19.08
N THR A 291 12.12 -13.26 18.77
CA THR A 291 11.41 -12.36 17.88
C THR A 291 10.81 -11.20 18.69
N TYR A 292 10.74 -10.02 18.06
CA TYR A 292 10.32 -8.82 18.74
C TYR A 292 9.38 -8.01 17.86
N ARG A 293 8.56 -7.18 18.51
CA ARG A 293 7.96 -6.04 17.84
C ARG A 293 9.01 -4.95 17.65
N GLU A 294 8.88 -4.19 16.57
CA GLU A 294 9.86 -3.16 16.29
C GLU A 294 9.92 -2.13 17.39
N THR A 295 8.78 -1.83 18.03
CA THR A 295 8.75 -0.92 19.17
C THR A 295 9.35 -1.55 20.44
N SER A 296 9.57 -2.86 20.45
CA SER A 296 10.14 -3.55 21.60
C SER A 296 11.65 -3.73 21.51
N LEU A 297 12.25 -3.51 20.34
CA LEU A 297 13.66 -3.79 20.15
C LEU A 297 14.42 -2.59 19.62
N LEU A 298 13.86 -1.91 18.62
CA LEU A 298 14.55 -0.83 17.94
C LEU A 298 14.46 0.47 18.73
N PHE A 299 15.53 1.27 18.64
CA PHE A 299 15.60 2.55 19.32
C PHE A 299 16.25 3.58 18.40
N ASP A 300 15.62 4.73 18.27
CA ASP A 300 16.15 5.83 17.46
C ASP A 300 16.29 7.06 18.36
N PRO A 301 17.51 7.53 18.64
CA PRO A 301 17.67 8.65 19.56
C PRO A 301 16.94 9.91 19.12
N LYS A 302 16.61 10.03 17.85
CA LYS A 302 15.96 11.23 17.33
C LYS A 302 14.44 11.20 17.56
N THR A 303 13.84 10.02 17.61
CA THR A 303 12.39 9.92 17.74
C THR A 303 11.93 9.02 18.90
N SER A 304 12.84 8.41 19.65
CA SER A 304 12.48 7.53 20.75
C SER A 304 12.81 8.23 22.06
N SER A 305 11.81 8.36 22.94
CA SER A 305 11.97 9.05 24.20
C SER A 305 12.67 8.15 25.22
N ALA A 306 12.88 8.68 26.42
CA ALA A 306 13.48 7.90 27.50
C ALA A 306 12.56 6.80 27.99
N SER A 307 11.24 7.04 27.95
CA SER A 307 10.30 5.98 28.31
C SER A 307 10.31 4.86 27.28
N ASP A 308 10.51 5.20 26.00
CA ASP A 308 10.75 4.16 25.00
C ASP A 308 12.04 3.42 25.30
N LYS A 309 13.09 4.15 25.73
CA LYS A 309 14.33 3.51 26.14
C LYS A 309 14.09 2.53 27.29
N LEU A 310 13.27 2.93 28.27
CA LEU A 310 12.92 2.03 29.36
C LEU A 310 12.13 0.83 28.85
N TRP A 311 11.22 1.06 27.90
CA TRP A 311 10.39 -0.03 27.41
C TRP A 311 11.23 -1.09 26.70
N VAL A 312 12.12 -0.65 25.80
CA VAL A 312 12.98 -1.60 25.08
C VAL A 312 13.84 -2.39 26.06
N THR A 313 14.36 -1.72 27.09
CA THR A 313 15.20 -2.41 28.08
C THR A 313 14.39 -3.44 28.84
N ARG A 314 13.12 -3.14 29.14
CA ARG A 314 12.28 -4.09 29.86
C ARG A 314 12.03 -5.36 29.06
N VAL A 315 11.67 -5.21 27.78
CA VAL A 315 11.31 -6.36 26.98
C VAL A 315 12.51 -7.25 26.71
N ILE A 316 13.67 -6.64 26.42
CA ILE A 316 14.90 -7.42 26.23
C ILE A 316 15.23 -8.20 27.49
N ALA A 317 15.23 -7.52 28.64
CA ALA A 317 15.48 -8.20 29.91
C ALA A 317 14.42 -9.26 30.18
N HIS A 318 13.18 -9.03 29.72
CA HIS A 318 12.12 -10.00 29.93
C HIS A 318 12.35 -11.27 29.12
N GLU A 319 12.75 -11.13 27.86
CA GLU A 319 12.94 -12.29 27.00
C GLU A 319 14.24 -13.02 27.30
N LEU A 320 15.29 -12.29 27.69
CA LEU A 320 16.54 -12.95 28.05
C LEU A 320 16.39 -13.75 29.35
N ALA A 321 15.59 -13.24 30.29
CA ALA A 321 15.29 -14.01 31.50
C ALA A 321 14.55 -15.29 31.18
N HIS A 322 13.76 -15.31 30.10
CA HIS A 322 13.02 -16.49 29.70
C HIS A 322 13.93 -17.63 29.27
N GLN A 323 15.14 -17.33 28.82
CA GLN A 323 16.07 -18.40 28.42
C GLN A 323 16.32 -19.37 29.56
N TRP A 324 16.23 -18.89 30.80
CA TRP A 324 16.28 -19.75 31.98
C TRP A 324 14.89 -20.09 32.47
N PHE A 325 14.08 -19.08 32.82
CA PHE A 325 12.70 -19.29 33.26
C PHE A 325 11.80 -19.36 32.04
N GLY A 326 11.72 -20.56 31.46
CA GLY A 326 10.91 -20.76 30.27
C GLY A 326 11.50 -21.76 29.30
N ASN A 327 12.69 -21.47 28.79
CA ASN A 327 13.35 -22.38 27.85
C ASN A 327 14.09 -23.48 28.58
N LEU A 328 15.03 -23.10 29.46
CA LEU A 328 15.76 -24.09 30.23
C LEU A 328 14.83 -24.86 31.16
N VAL A 329 14.03 -24.13 31.94
CA VAL A 329 13.03 -24.73 32.82
C VAL A 329 11.66 -24.29 32.35
N THR A 330 10.82 -25.25 31.97
CA THR A 330 9.49 -24.99 31.44
C THR A 330 8.44 -25.59 32.38
N MET A 331 7.25 -25.00 32.39
CA MET A 331 6.17 -25.55 33.19
C MET A 331 5.67 -26.85 32.58
N GLU A 332 5.11 -27.72 33.43
CA GLU A 332 4.55 -28.97 32.93
C GLU A 332 3.36 -28.71 32.02
N TRP A 333 2.39 -27.92 32.47
CA TRP A 333 1.22 -27.60 31.69
C TRP A 333 0.86 -26.13 31.88
N TRP A 334 0.08 -25.60 30.94
CA TRP A 334 -0.22 -24.17 30.89
C TRP A 334 -0.97 -23.67 32.13
N ASN A 335 -1.46 -24.56 32.98
CA ASN A 335 -2.09 -24.12 34.23
C ASN A 335 -1.11 -23.33 35.09
N ASP A 336 0.17 -23.65 35.01
CA ASP A 336 1.22 -22.95 35.74
C ASP A 336 2.07 -22.08 34.80
N ILE A 337 1.42 -21.41 33.85
CA ILE A 337 2.12 -20.55 32.90
C ILE A 337 2.87 -19.44 33.62
N TRP A 338 2.41 -19.06 34.82
CA TRP A 338 3.06 -17.98 35.56
C TRP A 338 4.48 -18.32 35.95
N LEU A 339 4.85 -19.60 35.97
CA LEU A 339 6.24 -19.97 36.25
C LEU A 339 7.19 -19.38 35.22
N ASN A 340 6.73 -19.20 33.98
CA ASN A 340 7.51 -18.54 32.95
C ASN A 340 7.29 -17.02 32.96
N GLU A 341 6.05 -16.59 32.80
CA GLU A 341 5.77 -15.18 32.61
C GLU A 341 5.93 -14.39 33.90
N GLY A 342 5.55 -14.98 35.04
CA GLY A 342 5.71 -14.29 36.31
C GLY A 342 7.17 -14.09 36.69
N PHE A 343 8.00 -15.10 36.48
CA PHE A 343 9.42 -14.97 36.80
C PHE A 343 10.13 -14.05 35.83
N ALA A 344 9.82 -14.16 34.53
CA ALA A 344 10.42 -13.25 33.56
C ALA A 344 10.01 -11.81 33.84
N LYS A 345 8.74 -11.59 34.19
CA LYS A 345 8.31 -10.25 34.60
C LYS A 345 9.03 -9.81 35.86
N TYR A 346 9.25 -10.73 36.81
CA TYR A 346 9.95 -10.37 38.03
C TYR A 346 11.42 -10.08 37.76
N MET A 347 12.08 -10.91 36.95
CA MET A 347 13.50 -10.72 36.69
C MET A 347 13.80 -9.41 35.97
N GLU A 348 12.79 -8.80 35.34
CA GLU A 348 12.96 -7.45 34.82
C GLU A 348 13.44 -6.50 35.90
N LEU A 349 12.77 -6.53 37.07
CA LEU A 349 13.14 -5.66 38.17
C LEU A 349 14.58 -5.90 38.60
N ILE A 350 14.96 -7.18 38.77
CA ILE A 350 16.30 -7.49 39.26
C ILE A 350 17.35 -7.12 38.21
N ALA A 351 17.13 -7.51 36.95
CA ALA A 351 18.15 -7.34 35.92
C ALA A 351 18.32 -5.88 35.54
N VAL A 352 17.21 -5.19 35.24
CA VAL A 352 17.30 -3.80 34.80
C VAL A 352 17.88 -2.92 35.89
N ASN A 353 17.44 -3.13 37.14
CA ASN A 353 17.95 -2.33 38.24
C ASN A 353 19.43 -2.60 38.51
N ALA A 354 19.91 -3.81 38.20
CA ALA A 354 21.32 -4.11 38.41
C ALA A 354 22.18 -3.68 37.23
N THR A 355 21.65 -3.74 36.02
CA THR A 355 22.42 -3.36 34.83
C THR A 355 22.24 -1.90 34.46
N TYR A 356 21.04 -1.35 34.62
CA TYR A 356 20.75 0.05 34.30
C TYR A 356 20.05 0.72 35.47
N PRO A 357 20.76 0.96 36.57
CA PRO A 357 20.13 1.64 37.71
C PRO A 357 19.72 3.07 37.41
N GLU A 358 20.33 3.72 36.41
CA GLU A 358 19.96 5.07 36.04
C GLU A 358 18.56 5.14 35.45
N LEU A 359 18.04 4.03 34.91
CA LEU A 359 16.68 4.01 34.40
C LEU A 359 15.64 4.07 35.52
N GLN A 360 16.05 3.83 36.77
CA GLN A 360 15.17 3.96 37.94
C GLN A 360 13.94 3.08 37.79
N PHE A 361 14.12 1.89 37.23
CA PHE A 361 13.00 0.96 37.05
C PHE A 361 12.44 0.46 38.38
N ASP A 362 13.20 0.62 39.47
CA ASP A 362 12.71 0.17 40.76
CA ASP A 362 12.71 0.17 40.76
C ASP A 362 11.47 0.94 41.19
N ASP A 363 11.42 2.24 40.89
CA ASP A 363 10.26 3.05 41.25
C ASP A 363 9.07 2.74 40.34
N TYR A 364 9.34 2.39 39.09
CA TYR A 364 8.26 2.12 38.14
C TYR A 364 7.63 0.75 38.35
N PHE A 365 8.28 -0.14 39.12
CA PHE A 365 7.75 -1.49 39.31
C PHE A 365 6.47 -1.49 40.14
N LEU A 366 6.23 -0.46 40.95
CA LEU A 366 4.99 -0.38 41.72
C LEU A 366 3.78 -0.31 40.80
N ASN A 367 3.92 0.32 39.63
CA ASN A 367 2.82 0.41 38.68
C ASN A 367 2.42 -0.97 38.17
N VAL A 368 3.37 -1.91 38.10
CA VAL A 368 3.05 -3.27 37.67
C VAL A 368 2.05 -3.90 38.62
N CYS A 369 2.26 -3.73 39.93
CA CYS A 369 1.38 -4.32 40.91
C CYS A 369 0.06 -3.57 41.03
N PHE A 370 0.10 -2.24 40.99
CA PHE A 370 -1.13 -1.47 41.06
C PHE A 370 -2.05 -1.76 39.88
N GLU A 371 -1.47 -2.09 38.72
CA GLU A 371 -2.27 -2.34 37.53
C GLU A 371 -3.08 -3.63 37.67
N VAL A 372 -2.46 -4.69 38.20
CA VAL A 372 -3.17 -5.96 38.32
C VAL A 372 -4.16 -5.93 39.50
N ILE A 373 -3.89 -5.09 40.51
CA ILE A 373 -4.82 -4.96 41.62
C ILE A 373 -6.18 -4.47 41.14
N THR A 374 -6.19 -3.65 40.08
CA THR A 374 -7.46 -3.17 39.52
C THR A 374 -8.36 -4.33 39.11
N LYS A 375 -7.79 -5.33 38.41
CA LYS A 375 -8.57 -6.50 38.03
C LYS A 375 -8.67 -7.52 39.15
N ASP A 376 -7.68 -7.59 40.03
CA ASP A 376 -7.71 -8.58 41.10
C ASP A 376 -8.69 -8.20 42.20
N SER A 377 -9.05 -6.93 42.32
CA SER A 377 -10.03 -6.49 43.30
C SER A 377 -11.47 -6.74 42.84
N LEU A 378 -11.66 -7.25 41.63
CA LEU A 378 -12.98 -7.62 41.13
C LEU A 378 -13.22 -9.11 41.34
N ASN A 379 -14.50 -9.48 41.39
CA ASN A 379 -14.84 -10.88 41.62
C ASN A 379 -14.55 -11.74 40.40
N SER A 380 -14.58 -11.14 39.20
CA SER A 380 -14.31 -11.87 37.96
C SER A 380 -12.84 -12.20 37.79
N SER A 381 -12.00 -12.03 38.81
CA SER A 381 -10.59 -12.37 38.71
C SER A 381 -10.44 -13.89 38.78
N ARG A 382 -9.19 -14.36 38.86
CA ARG A 382 -8.92 -15.78 38.88
C ARG A 382 -7.67 -16.03 39.70
N PRO A 383 -7.51 -17.22 40.27
CA PRO A 383 -6.22 -17.58 40.87
C PRO A 383 -5.15 -17.69 39.80
N ILE A 384 -3.91 -17.41 40.20
CA ILE A 384 -2.83 -17.36 39.22
C ILE A 384 -2.56 -18.75 38.65
N SER A 385 -2.84 -19.80 39.41
CA SER A 385 -2.72 -21.18 38.94
C SER A 385 -4.13 -21.73 38.80
N LYS A 386 -4.55 -21.96 37.55
CA LYS A 386 -5.89 -22.38 37.21
C LYS A 386 -5.82 -23.35 36.03
N PRO A 387 -6.56 -24.45 36.08
CA PRO A 387 -6.51 -25.42 34.98
C PRO A 387 -7.00 -24.81 33.68
N ALA A 388 -6.41 -25.27 32.57
CA ALA A 388 -6.76 -24.80 31.24
C ALA A 388 -6.61 -25.95 30.26
N GLU A 389 -7.54 -26.04 29.31
CA GLU A 389 -7.56 -27.17 28.39
C GLU A 389 -7.55 -26.71 26.94
N THR A 390 -8.61 -26.03 26.50
CA THR A 390 -8.74 -25.64 25.11
C THR A 390 -7.70 -24.58 24.75
N PRO A 391 -7.36 -24.47 23.45
CA PRO A 391 -6.40 -23.42 23.06
C PRO A 391 -6.83 -22.02 23.45
N THR A 392 -8.13 -21.72 23.39
CA THR A 392 -8.61 -20.41 23.80
C THR A 392 -8.39 -20.19 25.29
N GLN A 393 -8.72 -21.19 26.11
CA GLN A 393 -8.52 -21.07 27.55
C GLN A 393 -7.03 -20.90 27.88
N ILE A 394 -6.16 -21.58 27.13
CA ILE A 394 -4.73 -21.44 27.35
C ILE A 394 -4.26 -20.03 27.02
N GLN A 395 -4.79 -19.45 25.94
CA GLN A 395 -4.44 -18.08 25.60
C GLN A 395 -4.93 -17.10 26.66
N GLU A 396 -6.07 -17.37 27.29
CA GLU A 396 -6.57 -16.50 28.34
C GLU A 396 -5.67 -16.51 29.57
N MET A 397 -4.80 -17.50 29.71
CA MET A 397 -3.87 -17.54 30.83
C MET A 397 -2.80 -16.47 30.74
N PHE A 398 -2.58 -15.89 29.56
CA PHE A 398 -1.60 -14.83 29.37
C PHE A 398 -2.24 -13.49 29.68
N ASP A 399 -2.39 -13.22 30.97
CA ASP A 399 -3.01 -11.97 31.42
C ASP A 399 -2.19 -11.31 32.52
N GLU A 400 -2.74 -10.25 33.12
CA GLU A 400 -2.02 -9.53 34.16
C GLU A 400 -1.86 -10.36 35.44
N VAL A 401 -2.67 -11.39 35.63
CA VAL A 401 -2.53 -12.23 36.81
C VAL A 401 -1.29 -13.10 36.71
N SER A 402 -1.04 -13.68 35.53
CA SER A 402 0.16 -14.50 35.34
C SER A 402 1.41 -13.62 35.31
N TYR A 403 1.36 -12.51 34.56
CA TYR A 403 2.52 -11.64 34.43
C TYR A 403 2.70 -10.79 35.68
N ASN A 404 1.83 -9.80 35.88
CA ASN A 404 2.04 -8.79 36.91
C ASN A 404 1.92 -9.39 38.32
N LYS A 405 0.81 -10.06 38.61
CA LYS A 405 0.62 -10.60 39.95
C LYS A 405 1.67 -11.66 40.28
N GLY A 406 2.12 -12.42 39.28
CA GLY A 406 3.19 -13.37 39.52
C GLY A 406 4.48 -12.71 39.95
N ALA A 407 4.86 -11.62 39.27
CA ALA A 407 6.06 -10.89 39.65
C ALA A 407 5.91 -10.24 41.01
N CYS A 408 4.71 -9.76 41.33
CA CYS A 408 4.51 -9.02 42.57
C CYS A 408 4.50 -9.94 43.78
N ILE A 409 3.94 -11.14 43.64
CA ILE A 409 4.01 -12.10 44.75
C ILE A 409 5.38 -12.72 44.88
N LEU A 410 6.16 -12.75 43.79
CA LEU A 410 7.55 -13.19 43.89
C LEU A 410 8.40 -12.14 44.58
N ASN A 411 8.18 -10.87 44.27
CA ASN A 411 8.87 -9.80 44.98
C ASN A 411 8.51 -9.77 46.45
N MET A 412 7.25 -10.10 46.77
CA MET A 412 6.85 -10.21 48.17
C MET A 412 7.55 -11.38 48.85
N LEU A 413 7.67 -12.51 48.15
CA LEU A 413 8.37 -13.66 48.72
C LEU A 413 9.86 -13.37 48.88
N LYS A 414 10.45 -12.65 47.93
CA LYS A 414 11.85 -12.27 48.03
C LYS A 414 12.10 -11.42 49.27
N ASP A 415 11.23 -10.43 49.51
CA ASP A 415 11.39 -9.57 50.68
C ASP A 415 11.21 -10.35 51.97
N PHE A 416 10.39 -11.41 51.95
CA PHE A 416 10.19 -12.20 53.16
C PHE A 416 11.38 -13.11 53.44
N LEU A 417 11.97 -13.70 52.41
CA LEU A 417 13.09 -14.62 52.57
C LEU A 417 14.45 -13.96 52.44
N GLY A 418 14.51 -12.74 51.94
CA GLY A 418 15.81 -12.11 51.74
C GLY A 418 16.37 -12.42 50.37
N GLU A 419 17.14 -11.46 49.84
CA GLU A 419 17.68 -11.61 48.49
C GLU A 419 18.63 -12.81 48.39
N GLU A 420 19.51 -12.97 49.38
CA GLU A 420 20.49 -14.05 49.32
C GLU A 420 19.82 -15.41 49.35
N LYS A 421 18.89 -15.61 50.29
CA LYS A 421 18.19 -16.89 50.38
C LYS A 421 17.29 -17.11 49.16
N PHE A 422 16.69 -16.04 48.64
CA PHE A 422 15.84 -16.17 47.46
C PHE A 422 16.67 -16.49 46.22
N GLN A 423 17.82 -15.84 46.05
CA GLN A 423 18.68 -16.12 44.91
C GLN A 423 19.20 -17.55 44.96
N LYS A 424 19.65 -18.00 46.13
CA LYS A 424 20.11 -19.38 46.28
C LYS A 424 19.00 -20.37 45.96
N GLY A 425 17.74 -20.01 46.26
CA GLY A 425 16.65 -20.93 46.00
C GLY A 425 16.35 -21.11 44.53
N ILE A 426 16.36 -20.01 43.77
CA ILE A 426 16.05 -20.11 42.35
C ILE A 426 17.21 -20.74 41.58
N ILE A 427 18.44 -20.59 42.08
CA ILE A 427 19.57 -21.27 41.45
C ILE A 427 19.42 -22.78 41.56
N GLN A 428 19.07 -23.26 42.75
CA GLN A 428 18.81 -24.70 42.91
CA GLN A 428 18.82 -24.69 42.92
C GLN A 428 17.60 -25.13 42.10
N TYR A 429 16.62 -24.25 41.94
CA TYR A 429 15.44 -24.56 41.14
C TYR A 429 15.80 -24.70 39.67
N LEU A 430 16.59 -23.77 39.14
CA LEU A 430 16.96 -23.82 37.73
C LEU A 430 17.89 -25.00 37.44
N LYS A 431 18.83 -25.29 38.33
CA LYS A 431 19.75 -26.40 38.11
C LYS A 431 19.05 -27.75 38.26
N LYS A 432 18.06 -27.85 39.15
CA LYS A 432 17.40 -29.13 39.38
C LYS A 432 16.51 -29.53 38.22
N PHE A 433 15.89 -28.57 37.53
CA PHE A 433 14.93 -28.85 36.48
C PHE A 433 15.43 -28.41 35.10
N SER A 434 16.75 -28.28 34.93
CA SER A 434 17.29 -27.90 33.64
C SER A 434 16.90 -28.93 32.58
N TYR A 435 16.42 -28.44 31.44
CA TYR A 435 15.98 -29.26 30.32
C TYR A 435 14.84 -30.21 30.71
N ARG A 436 14.10 -29.86 31.76
CA ARG A 436 13.01 -30.68 32.24
C ARG A 436 11.83 -29.73 32.50
N ASN A 437 10.87 -30.17 33.31
CA ASN A 437 9.69 -29.38 33.60
C ASN A 437 9.42 -29.37 35.10
N ALA A 438 8.66 -28.36 35.53
CA ALA A 438 8.35 -28.18 36.94
C ALA A 438 6.96 -27.60 37.10
N LYS A 439 6.41 -27.75 38.30
CA LYS A 439 5.12 -27.21 38.67
C LYS A 439 5.29 -26.28 39.88
N ASN A 440 4.16 -25.82 40.43
CA ASN A 440 4.20 -24.90 41.56
C ASN A 440 4.90 -25.53 42.78
N ASP A 441 4.49 -26.75 43.14
CA ASP A 441 5.07 -27.40 44.31
C ASP A 441 6.58 -27.57 44.18
N ASP A 442 7.07 -27.76 42.95
CA ASP A 442 8.50 -27.86 42.73
C ASP A 442 9.21 -26.56 43.09
N LEU A 443 8.59 -25.42 42.75
CA LEU A 443 9.20 -24.13 43.07
C LEU A 443 9.19 -23.86 44.57
N TRP A 444 8.10 -24.23 45.25
CA TRP A 444 8.03 -23.97 46.69
C TRP A 444 9.03 -24.85 47.45
N SER A 445 9.23 -26.09 46.98
CA SER A 445 10.22 -26.94 47.63
C SER A 445 11.63 -26.41 47.41
N SER A 446 11.91 -25.89 46.22
CA SER A 446 13.24 -25.35 45.94
C SER A 446 13.52 -24.10 46.77
N LEU A 447 12.52 -23.24 46.93
CA LEU A 447 12.69 -22.04 47.75
C LEU A 447 12.66 -22.34 49.24
N SER A 448 12.13 -23.50 49.63
CA SER A 448 12.15 -23.89 51.04
C SER A 448 13.56 -24.21 51.51
N ASN A 449 14.31 -24.94 50.69
CA ASN A 449 15.67 -25.33 51.04
C ASN A 449 16.65 -24.20 50.77
N GLU A 478 10.24 -23.51 58.69
CA GLU A 478 10.71 -22.72 57.56
C GLU A 478 10.35 -23.39 56.24
N ASN A 479 10.49 -24.72 56.20
CA ASN A 479 10.16 -25.47 54.99
C ASN A 479 8.67 -25.42 54.69
N ALA A 480 7.85 -25.94 55.60
CA ALA A 480 6.41 -25.88 55.44
C ALA A 480 5.85 -24.47 55.52
N GLU A 481 6.67 -23.50 55.93
CA GLU A 481 6.19 -22.12 56.04
C GLU A 481 5.93 -21.52 54.66
N VAL A 482 6.93 -21.55 53.78
CA VAL A 482 6.80 -20.88 52.49
C VAL A 482 5.91 -21.65 51.52
N LYS A 483 5.76 -22.97 51.68
CA LYS A 483 4.85 -23.70 50.82
C LYS A 483 3.40 -23.43 51.19
N GLU A 484 3.09 -23.47 52.49
CA GLU A 484 1.72 -23.16 52.92
C GLU A 484 1.38 -21.70 52.71
N MET A 485 2.38 -20.81 52.77
CA MET A 485 2.12 -19.39 52.54
C MET A 485 1.81 -19.11 51.07
N MET A 486 2.71 -19.53 50.18
CA MET A 486 2.51 -19.25 48.76
C MET A 486 1.36 -20.05 48.16
N THR A 487 0.88 -21.08 48.85
CA THR A 487 -0.31 -21.79 48.39
C THR A 487 -1.52 -20.88 48.36
N THR A 488 -1.70 -20.06 49.41
CA THR A 488 -2.85 -19.17 49.46
C THR A 488 -2.73 -18.01 48.46
N TRP A 489 -1.53 -17.72 47.97
CA TRP A 489 -1.33 -16.66 47.01
C TRP A 489 -1.44 -17.13 45.57
N THR A 490 -1.50 -18.44 45.33
CA THR A 490 -1.55 -18.99 43.99
C THR A 490 -2.86 -19.70 43.66
N LEU A 491 -3.54 -20.24 44.67
CA LEU A 491 -4.79 -20.96 44.45
C LEU A 491 -6.03 -20.14 44.78
N GLN A 492 -5.86 -18.95 45.35
CA GLN A 492 -6.97 -18.06 45.68
C GLN A 492 -6.91 -16.81 44.82
N LYS A 493 -8.05 -16.38 44.30
CA LYS A 493 -8.13 -15.15 43.56
C LYS A 493 -8.10 -13.95 44.50
N GLY A 494 -8.01 -12.76 43.92
CA GLY A 494 -8.15 -11.54 44.68
C GLY A 494 -6.93 -11.17 45.50
N ILE A 495 -7.08 -10.08 46.23
CA ILE A 495 -6.02 -9.51 47.05
C ILE A 495 -6.58 -9.23 48.44
N PRO A 496 -5.85 -9.53 49.52
CA PRO A 496 -6.36 -9.28 50.86
C PRO A 496 -6.30 -7.81 51.24
N LEU A 497 -7.19 -7.44 52.17
CA LEU A 497 -7.23 -6.10 52.75
C LEU A 497 -6.88 -6.21 54.22
N LEU A 498 -5.85 -5.49 54.65
CA LEU A 498 -5.43 -5.47 56.04
C LEU A 498 -6.09 -4.28 56.74
N VAL A 499 -6.87 -4.57 57.78
CA VAL A 499 -7.53 -3.55 58.58
C VAL A 499 -6.80 -3.45 59.91
N VAL A 500 -6.37 -2.24 60.26
CA VAL A 500 -5.57 -2.00 61.46
C VAL A 500 -6.32 -1.01 62.35
N LYS A 501 -6.39 -1.33 63.64
CA LYS A 501 -6.95 -0.43 64.64
C LYS A 501 -5.90 -0.23 65.73
N GLN A 502 -5.69 1.02 66.12
CA GLN A 502 -4.64 1.38 67.07
C GLN A 502 -5.24 2.09 68.27
N ASP A 503 -4.98 1.54 69.46
CA ASP A 503 -5.34 2.20 70.71
C ASP A 503 -4.16 2.06 71.65
N GLY A 504 -3.55 3.19 72.02
CA GLY A 504 -2.36 3.14 72.84
C GLY A 504 -1.22 2.43 72.12
N CYS A 505 -0.81 1.29 72.64
CA CYS A 505 0.22 0.46 72.03
C CYS A 505 -0.32 -0.84 71.46
N SER A 506 -1.63 -1.05 71.49
CA SER A 506 -2.24 -2.28 70.98
C SER A 506 -2.68 -2.11 69.54
N LEU A 507 -2.42 -3.13 68.72
CA LEU A 507 -2.77 -3.13 67.31
C LEU A 507 -3.60 -4.37 67.01
N ARG A 508 -4.86 -4.16 66.61
CA ARG A 508 -5.73 -5.25 66.20
C ARG A 508 -5.63 -5.41 64.68
N LEU A 509 -5.10 -6.54 64.24
CA LEU A 509 -4.89 -6.81 62.82
C LEU A 509 -5.97 -7.76 62.31
N GLN A 510 -6.72 -7.32 61.30
CA GLN A 510 -7.75 -8.13 60.68
C GLN A 510 -7.54 -8.14 59.17
N GLN A 511 -7.82 -9.28 58.54
CA GLN A 511 -7.68 -9.41 57.10
C GLN A 511 -9.02 -9.74 56.47
N GLU A 512 -9.28 -9.12 55.32
CA GLU A 512 -10.48 -9.37 54.53
C GLU A 512 -10.08 -9.48 53.06
N ARG A 513 -11.03 -9.92 52.24
CA ARG A 513 -10.84 -9.92 50.80
C ARG A 513 -11.25 -8.56 50.24
N PHE A 514 -10.30 -7.86 49.62
CA PHE A 514 -10.57 -6.53 49.10
C PHE A 514 -11.45 -6.61 47.85
N LEU A 515 -12.61 -5.97 47.90
CA LEU A 515 -13.56 -5.93 46.80
C LEU A 515 -13.84 -4.49 46.40
N GLN A 516 -13.82 -4.22 45.09
CA GLN A 516 -14.13 -2.90 44.57
C GLN A 516 -15.60 -2.81 44.19
N GLY A 517 -16.22 -1.68 44.51
CA GLY A 517 -17.62 -1.49 44.20
C GLY A 517 -18.59 -2.29 45.06
N VAL A 518 -18.08 -3.00 46.07
CA VAL A 518 -18.90 -3.79 46.97
C VAL A 518 -18.61 -3.31 48.38
N PHE A 519 -19.62 -2.73 49.03
CA PHE A 519 -19.43 -2.21 50.38
C PHE A 519 -19.60 -3.33 51.40
N GLN A 520 -19.09 -3.07 52.61
CA GLN A 520 -19.15 -4.08 53.67
C GLN A 520 -20.59 -4.38 54.08
N GLU A 521 -21.47 -3.38 54.04
CA GLU A 521 -22.87 -3.57 54.41
C GLU A 521 -23.73 -4.10 53.26
N ASP A 522 -23.13 -4.48 52.14
CA ASP A 522 -23.89 -5.03 51.03
C ASP A 522 -24.14 -6.53 51.24
N PRO A 523 -25.24 -7.06 50.72
CA PRO A 523 -25.54 -8.49 50.91
C PRO A 523 -24.56 -9.40 50.19
N GLU A 524 -23.97 -8.94 49.09
CA GLU A 524 -23.01 -9.76 48.36
C GLU A 524 -21.66 -9.87 49.08
N TRP A 525 -21.38 -8.95 50.01
CA TRP A 525 -20.08 -8.92 50.67
C TRP A 525 -19.87 -10.17 51.52
N ARG A 526 -20.87 -10.59 52.29
CA ARG A 526 -20.73 -11.77 53.13
CA ARG A 526 -20.72 -11.77 53.13
C ARG A 526 -20.44 -13.02 52.29
N ALA A 527 -21.11 -13.15 51.15
CA ALA A 527 -20.92 -14.31 50.29
C ALA A 527 -19.57 -14.31 49.60
N LEU A 528 -18.90 -13.16 49.52
CA LEU A 528 -17.61 -13.05 48.84
C LEU A 528 -16.43 -13.04 49.80
N GLN A 529 -16.67 -13.12 51.10
CA GLN A 529 -15.60 -13.09 52.09
C GLN A 529 -15.32 -14.46 52.71
N GLU A 530 -16.21 -15.43 52.52
CA GLU A 530 -16.06 -16.73 53.16
C GLU A 530 -14.90 -17.51 52.56
N ARG A 531 -14.26 -18.33 53.41
CA ARG A 531 -13.17 -19.24 53.03
C ARG A 531 -12.10 -18.54 52.19
N TYR A 532 -11.78 -17.31 52.56
CA TYR A 532 -10.66 -16.57 52.00
C TYR A 532 -9.72 -16.19 53.14
N LEU A 533 -8.50 -16.73 53.10
CA LEU A 533 -7.53 -16.51 54.16
C LEU A 533 -6.14 -16.55 53.55
N TRP A 534 -5.29 -15.59 53.93
CA TRP A 534 -3.95 -15.48 53.38
C TRP A 534 -2.92 -15.46 54.50
N HIS A 535 -1.77 -16.06 54.23
CA HIS A 535 -0.58 -15.93 55.08
C HIS A 535 0.16 -14.70 54.60
N ILE A 536 -0.13 -13.56 55.20
CA ILE A 536 0.37 -12.27 54.74
C ILE A 536 1.65 -11.95 55.51
N PRO A 537 2.79 -11.81 54.83
CA PRO A 537 4.01 -11.36 55.54
C PRO A 537 3.98 -9.86 55.79
N LEU A 538 3.42 -9.47 56.93
CA LEU A 538 3.23 -8.06 57.24
C LEU A 538 4.55 -7.38 57.53
N THR A 539 4.68 -6.13 57.08
CA THR A 539 5.83 -5.29 57.39
C THR A 539 5.31 -3.90 57.74
N TYR A 540 5.86 -3.31 58.80
CA TYR A 540 5.37 -2.02 59.24
C TYR A 540 6.50 -1.20 59.86
N SER A 541 6.28 0.11 59.92
CA SER A 541 7.18 1.04 60.58
C SER A 541 6.33 2.07 61.32
N THR A 542 6.94 2.70 62.31
CA THR A 542 6.25 3.69 63.13
C THR A 542 6.95 5.04 63.03
N SER A 543 6.32 6.05 63.61
CA SER A 543 6.89 7.38 63.65
C SER A 543 8.03 7.49 64.66
N SER A 544 8.08 6.60 65.64
CA SER A 544 9.14 6.63 66.64
C SER A 544 10.40 5.92 66.15
N SER A 545 10.25 4.87 65.36
CA SER A 545 11.39 4.09 64.88
C SER A 545 11.19 3.76 63.41
N ASN A 546 12.18 4.11 62.59
CA ASN A 546 12.16 3.77 61.17
C ASN A 546 12.57 2.33 60.90
N VAL A 547 12.92 1.56 61.93
CA VAL A 547 13.32 0.18 61.75
C VAL A 547 12.12 -0.64 61.29
N ILE A 548 12.34 -1.48 60.29
CA ILE A 548 11.28 -2.32 59.73
C ILE A 548 11.01 -3.48 60.67
N HIS A 549 9.73 -3.71 60.97
CA HIS A 549 9.29 -4.81 61.81
C HIS A 549 8.37 -5.71 61.00
N ARG A 550 8.48 -7.02 61.21
CA ARG A 550 7.78 -8.00 60.41
C ARG A 550 6.94 -8.92 61.31
N HIS A 551 5.87 -9.45 60.74
CA HIS A 551 4.97 -10.37 61.43
C HIS A 551 4.13 -11.09 60.40
N ILE A 552 4.02 -12.41 60.54
CA ILE A 552 3.23 -13.23 59.62
C ILE A 552 1.81 -13.31 60.15
N LEU A 553 0.85 -12.84 59.34
CA LEU A 553 -0.57 -12.92 59.70
C LEU A 553 -1.14 -14.17 59.04
N LYS A 554 -1.51 -15.15 59.86
CA LYS A 554 -2.04 -16.42 59.38
C LYS A 554 -3.53 -16.57 59.59
N SER A 555 -4.10 -15.91 60.59
CA SER A 555 -5.51 -16.09 60.94
C SER A 555 -6.30 -14.87 60.47
N LYS A 556 -7.63 -14.93 60.69
CA LYS A 556 -8.49 -13.83 60.29
C LYS A 556 -8.29 -12.62 61.18
N THR A 557 -7.92 -12.81 62.44
CA THR A 557 -7.72 -11.74 63.39
C THR A 557 -6.51 -12.04 64.26
N ASP A 558 -5.73 -11.01 64.57
CA ASP A 558 -4.56 -11.16 65.42
C ASP A 558 -4.25 -9.82 66.07
N THR A 559 -3.45 -9.86 67.13
CA THR A 559 -3.10 -8.69 67.90
C THR A 559 -1.59 -8.54 67.96
N LEU A 560 -1.13 -7.30 68.04
CA LEU A 560 0.29 -6.98 68.09
C LEU A 560 0.52 -5.85 69.07
N ASP A 561 1.63 -5.91 69.80
CA ASP A 561 1.98 -4.92 70.82
C ASP A 561 3.16 -4.08 70.33
N LEU A 562 3.04 -2.77 70.47
CA LEU A 562 4.01 -1.77 70.07
C LEU A 562 4.81 -1.29 71.27
N PRO A 563 6.11 -1.00 71.11
CA PRO A 563 6.90 -0.58 72.28
C PRO A 563 6.52 0.78 72.81
N GLU A 564 6.27 1.75 71.94
CA GLU A 564 5.97 3.12 72.36
C GLU A 564 4.66 3.58 71.74
N LYS A 565 4.05 4.58 72.38
CA LYS A 565 2.80 5.17 71.91
C LYS A 565 3.12 6.15 70.79
N THR A 566 3.23 5.62 69.57
CA THR A 566 3.61 6.42 68.43
C THR A 566 2.40 7.17 67.87
N SER A 567 2.69 8.19 67.05
CA SER A 567 1.63 8.99 66.44
C SER A 567 0.96 8.26 65.29
N TRP A 568 1.70 7.42 64.56
CA TRP A 568 1.12 6.64 63.47
C TRP A 568 1.97 5.40 63.25
N VAL A 569 1.40 4.45 62.52
CA VAL A 569 2.10 3.23 62.11
C VAL A 569 1.76 2.96 60.65
N LYS A 570 2.78 2.72 59.83
CA LYS A 570 2.61 2.53 58.40
C LYS A 570 2.94 1.08 58.04
N PHE A 571 1.92 0.33 57.64
CA PHE A 571 2.09 -1.06 57.25
C PHE A 571 2.41 -1.17 55.76
N ASN A 572 2.93 -2.34 55.39
CA ASN A 572 3.38 -2.63 54.03
C ASN A 572 4.45 -1.63 53.62
N VAL A 573 5.67 -1.83 54.13
CA VAL A 573 6.77 -0.91 53.84
C VAL A 573 7.13 -1.00 52.36
N ASP A 574 7.22 0.15 51.70
CA ASP A 574 7.57 0.26 50.29
C ASP A 574 6.62 -0.51 49.38
N SER A 575 5.46 -0.90 49.91
CA SER A 575 4.45 -1.65 49.16
C SER A 575 5.03 -2.93 48.55
N ASN A 576 5.95 -3.57 49.27
CA ASN A 576 6.53 -4.82 48.82
C ASN A 576 5.54 -5.97 48.92
N GLY A 577 4.52 -5.85 49.75
CA GLY A 577 3.53 -6.90 49.91
C GLY A 577 2.32 -6.68 49.03
N TYR A 578 1.72 -7.79 48.60
CA TYR A 578 0.57 -7.74 47.70
C TYR A 578 -0.72 -7.71 48.52
N TYR A 579 -0.93 -6.57 49.19
CA TYR A 579 -2.11 -6.38 50.01
C TYR A 579 -2.31 -4.88 50.24
N ILE A 580 -3.56 -4.53 50.55
CA ILE A 580 -3.95 -3.15 50.81
C ILE A 580 -4.19 -2.99 52.30
N VAL A 581 -3.81 -1.84 52.84
CA VAL A 581 -3.91 -1.56 54.27
C VAL A 581 -4.95 -0.47 54.50
N HIS A 582 -5.86 -0.72 55.43
CA HIS A 582 -6.86 0.26 55.85
C HIS A 582 -6.72 0.50 57.34
N TYR A 583 -6.84 1.76 57.75
CA TYR A 583 -6.67 2.16 59.14
C TYR A 583 -7.99 2.67 59.70
N GLU A 584 -8.36 2.16 60.88
CA GLU A 584 -9.57 2.60 61.55
C GLU A 584 -9.24 3.72 62.54
N GLY A 585 -10.29 4.40 63.01
CA GLY A 585 -10.09 5.51 63.92
C GLY A 585 -9.44 6.68 63.22
N HIS A 586 -8.45 7.27 63.87
CA HIS A 586 -7.69 8.39 63.30
C HIS A 586 -6.44 7.94 62.57
N GLY A 587 -6.36 6.66 62.19
CA GLY A 587 -5.19 6.16 61.50
C GLY A 587 -4.83 6.95 60.26
N TRP A 588 -5.80 7.12 59.36
CA TRP A 588 -5.55 7.90 58.15
C TRP A 588 -5.30 9.36 58.46
N ASP A 589 -6.01 9.92 59.45
CA ASP A 589 -5.82 11.32 59.81
C ASP A 589 -4.39 11.58 60.26
N GLN A 590 -3.82 10.66 61.05
CA GLN A 590 -2.43 10.83 61.49
C GLN A 590 -1.47 10.77 60.30
N LEU A 591 -1.68 9.82 59.38
CA LEU A 591 -0.80 9.69 58.23
C LEU A 591 -0.95 10.88 57.27
N ILE A 592 -2.18 11.33 57.03
CA ILE A 592 -2.39 12.48 56.16
C ILE A 592 -1.81 13.74 56.81
N THR A 593 -1.96 13.88 58.12
CA THR A 593 -1.33 15.00 58.82
C THR A 593 0.18 14.96 58.67
N GLN A 594 0.76 13.76 58.70
CA GLN A 594 2.21 13.63 58.54
C GLN A 594 2.65 14.09 57.15
N LEU A 595 1.84 13.80 56.12
CA LEU A 595 2.19 14.19 54.76
C LEU A 595 2.15 15.71 54.58
N ASN A 596 1.18 16.38 55.20
CA ASN A 596 1.06 17.82 55.03
C ASN A 596 2.11 18.59 55.82
N GLN A 597 2.61 18.01 56.92
CA GLN A 597 3.57 18.68 57.78
C GLN A 597 5.01 18.32 57.45
N ASN A 598 5.32 17.03 57.31
CA ASN A 598 6.67 16.54 57.06
C ASN A 598 6.55 15.27 56.22
N HIS A 599 6.35 15.46 54.91
CA HIS A 599 6.12 14.31 54.04
C HIS A 599 7.38 13.48 53.82
N THR A 600 8.56 14.05 54.08
CA THR A 600 9.80 13.28 53.95
C THR A 600 10.03 12.33 55.12
N LEU A 601 9.23 12.43 56.19
CA LEU A 601 9.33 11.49 57.28
C LEU A 601 8.77 10.12 56.90
N LEU A 602 8.00 10.04 55.84
CA LEU A 602 7.52 8.78 55.28
C LEU A 602 8.37 8.40 54.07
N ARG A 603 8.66 7.11 53.95
CA ARG A 603 9.49 6.62 52.86
C ARG A 603 8.86 6.98 51.51
N PRO A 604 9.68 7.26 50.49
CA PRO A 604 9.12 7.64 49.19
C PRO A 604 8.13 6.64 48.62
N LYS A 605 8.43 5.34 48.75
CA LYS A 605 7.49 4.32 48.30
C LYS A 605 6.31 4.15 49.24
N ASP A 606 6.47 4.50 50.52
CA ASP A 606 5.31 4.51 51.41
C ASP A 606 4.30 5.55 50.97
N ARG A 607 4.78 6.70 50.49
CA ARG A 607 3.86 7.73 50.02
C ARG A 607 3.12 7.28 48.76
N VAL A 608 3.82 6.56 47.86
CA VAL A 608 3.17 6.01 46.68
C VAL A 608 2.07 5.04 47.09
N GLY A 609 2.38 4.15 48.05
CA GLY A 609 1.39 3.19 48.49
C GLY A 609 0.21 3.83 49.22
N LEU A 610 0.49 4.88 50.00
CA LEU A 610 -0.60 5.58 50.69
C LEU A 610 -1.54 6.24 49.69
N ILE A 611 -0.98 7.01 48.76
CA ILE A 611 -1.81 7.66 47.74
C ILE A 611 -2.62 6.61 46.97
N HIS A 612 -2.00 5.48 46.64
CA HIS A 612 -2.72 4.42 45.93
C HIS A 612 -3.84 3.84 46.78
N ASP A 613 -3.51 3.42 48.02
CA ASP A 613 -4.48 2.71 48.84
C ASP A 613 -5.64 3.62 49.26
N VAL A 614 -5.40 4.92 49.40
CA VAL A 614 -6.47 5.83 49.82
C VAL A 614 -7.57 5.88 48.77
N PHE A 615 -7.20 6.06 47.51
CA PHE A 615 -8.20 6.13 46.45
C PHE A 615 -8.83 4.77 46.19
N GLN A 616 -8.12 3.68 46.49
CA GLN A 616 -8.73 2.36 46.36
C GLN A 616 -9.80 2.13 47.42
N LEU A 617 -9.55 2.59 48.65
CA LEU A 617 -10.52 2.41 49.71
C LEU A 617 -11.75 3.30 49.55
N VAL A 618 -11.63 4.41 48.81
CA VAL A 618 -12.80 5.20 48.46
C VAL A 618 -13.75 4.37 47.61
N GLY A 619 -13.22 3.67 46.61
CA GLY A 619 -14.05 2.78 45.82
C GLY A 619 -14.57 1.60 46.60
N ALA A 620 -13.86 1.21 47.67
CA ALA A 620 -14.31 0.12 48.53
C ALA A 620 -15.32 0.57 49.58
N GLY A 621 -15.57 1.87 49.71
CA GLY A 621 -16.54 2.36 50.66
C GLY A 621 -16.03 2.56 52.07
N ARG A 622 -14.73 2.37 52.30
CA ARG A 622 -14.16 2.58 53.63
C ARG A 622 -13.69 4.00 53.86
N LEU A 623 -13.75 4.86 52.84
CA LEU A 623 -13.31 6.23 52.96
C LEU A 623 -14.13 7.09 52.01
N THR A 624 -14.44 8.31 52.42
CA THR A 624 -15.13 9.24 51.54
C THR A 624 -14.12 9.95 50.65
N LEU A 625 -14.60 10.37 49.47
CA LEU A 625 -13.70 10.91 48.46
C LEU A 625 -13.01 12.18 48.93
N ASP A 626 -13.69 13.01 49.73
CA ASP A 626 -13.05 14.24 50.20
C ASP A 626 -11.84 13.95 51.05
N LYS A 627 -11.85 12.85 51.80
CA LYS A 627 -10.66 12.46 52.56
C LYS A 627 -9.51 12.13 51.61
N ALA A 628 -9.81 11.51 50.47
CA ALA A 628 -8.77 11.22 49.49
C ALA A 628 -8.26 12.49 48.83
N LEU A 629 -9.17 13.37 48.41
CA LEU A 629 -8.77 14.62 47.77
C LEU A 629 -8.03 15.53 48.73
N ASP A 630 -8.29 15.42 50.03
CA ASP A 630 -7.55 16.21 51.00
C ASP A 630 -6.08 15.81 51.05
N MET A 631 -5.78 14.53 50.82
CA MET A 631 -4.38 14.09 50.81
C MET A 631 -3.61 14.73 49.66
N THR A 632 -4.26 14.92 48.51
CA THR A 632 -3.59 15.48 47.35
C THR A 632 -3.12 16.91 47.57
N TYR A 633 -3.54 17.56 48.66
CA TYR A 633 -3.06 18.91 48.94
C TYR A 633 -1.56 18.94 49.20
N TYR A 634 -1.02 17.88 49.81
CA TYR A 634 0.40 17.87 50.12
C TYR A 634 1.26 17.74 48.87
N LEU A 635 0.65 17.34 47.74
CA LEU A 635 1.41 17.16 46.51
C LEU A 635 2.06 18.45 46.03
N GLN A 636 1.64 19.60 46.57
CA GLN A 636 2.32 20.85 46.26
C GLN A 636 3.75 20.86 46.75
N HIS A 637 4.06 20.06 47.77
CA HIS A 637 5.40 19.96 48.31
C HIS A 637 6.10 18.67 47.90
N GLU A 638 5.44 17.82 47.13
CA GLU A 638 6.01 16.53 46.73
C GLU A 638 6.99 16.75 45.57
N THR A 639 8.25 16.40 45.79
CA THR A 639 9.26 16.46 44.74
C THR A 639 9.67 15.10 44.23
N SER A 640 9.27 14.02 44.90
CA SER A 640 9.49 12.67 44.38
C SER A 640 8.52 12.40 43.25
N SER A 641 9.05 12.26 42.03
CA SER A 641 8.19 12.09 40.86
C SER A 641 7.26 10.87 40.94
N PRO A 642 7.65 9.70 41.45
CA PRO A 642 6.68 8.60 41.53
C PRO A 642 5.43 8.94 42.33
N ALA A 643 5.58 9.55 43.50
CA ALA A 643 4.42 9.90 44.30
C ALA A 643 3.61 11.01 43.64
N LEU A 644 4.28 11.99 43.04
CA LEU A 644 3.59 13.10 42.39
C LEU A 644 2.75 12.61 41.21
N LEU A 645 3.36 11.78 40.35
CA LEU A 645 2.63 11.25 39.20
C LEU A 645 1.49 10.33 39.63
N GLU A 646 1.66 9.63 40.75
CA GLU A 646 0.60 8.75 41.24
C GLU A 646 -0.63 9.57 41.64
N GLY A 647 -0.43 10.62 42.44
CA GLY A 647 -1.55 11.44 42.85
C GLY A 647 -2.20 12.17 41.70
N LEU A 648 -1.39 12.63 40.74
CA LEU A 648 -1.94 13.33 39.58
C LEU A 648 -2.77 12.40 38.70
N SER A 649 -2.43 11.12 38.66
CA SER A 649 -3.15 10.19 37.78
C SER A 649 -4.61 10.05 38.18
N TYR A 650 -4.89 10.10 39.49
CA TYR A 650 -6.27 10.02 39.94
C TYR A 650 -7.04 11.30 39.61
N LEU A 651 -6.43 12.46 39.85
CA LEU A 651 -7.07 13.72 39.49
C LEU A 651 -7.26 13.81 37.98
N GLU A 652 -6.30 13.34 37.20
CA GLU A 652 -6.44 13.35 35.74
C GLU A 652 -7.52 12.39 35.28
N SER A 653 -7.56 11.19 35.86
CA SER A 653 -8.59 10.23 35.49
C SER A 653 -9.99 10.75 35.86
N PHE A 654 -10.10 11.44 36.99
CA PHE A 654 -11.39 12.02 37.37
C PHE A 654 -11.85 13.01 36.31
N TYR A 655 -10.95 13.85 35.80
CA TYR A 655 -11.32 14.82 34.78
C TYR A 655 -11.83 14.12 33.53
N HIS A 656 -11.10 13.11 33.05
CA HIS A 656 -11.52 12.41 31.84
C HIS A 656 -12.80 11.60 32.07
N MET A 657 -13.04 11.16 33.30
CA MET A 657 -14.29 10.47 33.61
CA MET A 657 -14.29 10.47 33.61
C MET A 657 -15.48 11.43 33.51
N MET A 658 -15.29 12.68 33.95
CA MET A 658 -16.35 13.68 33.82
C MET A 658 -16.50 14.10 32.36
N ASP A 659 -15.38 14.24 31.64
CA ASP A 659 -15.44 14.69 30.26
C ASP A 659 -16.20 13.70 29.38
N ARG A 660 -15.97 12.39 29.58
CA ARG A 660 -16.68 11.39 28.80
C ARG A 660 -18.17 11.37 29.10
N ARG A 661 -18.56 11.76 30.32
CA ARG A 661 -19.97 11.80 30.70
C ARG A 661 -20.58 13.19 30.54
N ASN A 662 -19.83 14.13 29.97
CA ASN A 662 -20.34 15.48 29.70
C ASN A 662 -20.75 16.21 30.97
N ILE A 663 -20.12 15.88 32.09
CA ILE A 663 -20.36 16.59 33.36
C ILE A 663 -19.41 17.78 33.36
N SER A 664 -19.83 18.84 32.66
CA SER A 664 -18.93 19.95 32.36
C SER A 664 -18.65 20.83 33.57
N ASP A 665 -19.54 20.88 34.55
CA ASP A 665 -19.28 21.73 35.72
C ASP A 665 -18.18 21.15 36.60
N ILE A 666 -18.09 19.83 36.69
CA ILE A 666 -17.04 19.21 37.50
C ILE A 666 -15.73 19.18 36.75
N SER A 667 -15.78 18.91 35.44
CA SER A 667 -14.55 18.86 34.65
C SER A 667 -13.88 20.23 34.56
N GLU A 668 -14.68 21.29 34.47
CA GLU A 668 -14.11 22.64 34.45
C GLU A 668 -13.46 23.00 35.78
N ASN A 669 -14.09 22.61 36.89
CA ASN A 669 -13.49 22.85 38.20
C ASN A 669 -12.22 22.03 38.37
N LEU A 670 -12.21 20.80 37.86
CA LEU A 670 -11.01 19.97 37.92
C LEU A 670 -9.90 20.54 37.04
N LYS A 671 -10.26 21.05 35.86
CA LYS A 671 -9.27 21.68 34.99
C LYS A 671 -8.64 22.89 35.66
N ARG A 672 -9.45 23.73 36.29
CA ARG A 672 -8.92 24.93 36.92
C ARG A 672 -8.10 24.59 38.16
N TYR A 673 -8.53 23.58 38.93
CA TYR A 673 -7.78 23.18 40.11
C TYR A 673 -6.41 22.63 39.75
N LEU A 674 -6.34 21.81 38.71
CA LEU A 674 -5.05 21.25 38.29
C LEU A 674 -4.12 22.33 37.78
N LEU A 675 -4.60 23.18 36.88
CA LEU A 675 -3.77 24.23 36.30
C LEU A 675 -3.36 25.29 37.33
N GLN A 676 -4.08 25.40 38.43
CA GLN A 676 -3.79 26.43 39.44
C GLN A 676 -2.99 25.88 40.61
N TYR A 677 -3.39 24.74 41.17
CA TYR A 677 -2.70 24.20 42.33
C TYR A 677 -1.33 23.62 41.98
N PHE A 678 -1.13 23.19 40.73
CA PHE A 678 0.14 22.66 40.28
C PHE A 678 0.80 23.55 39.25
N LYS A 679 0.39 24.81 39.16
CA LYS A 679 1.04 25.77 38.27
C LYS A 679 2.54 25.90 38.49
N PRO A 680 3.08 25.95 39.72
CA PRO A 680 4.54 26.08 39.86
C PRO A 680 5.32 24.96 39.17
N VAL A 681 4.95 23.70 39.38
CA VAL A 681 5.71 22.61 38.80
C VAL A 681 5.46 22.52 37.30
N ILE A 682 4.30 22.98 36.82
CA ILE A 682 4.01 22.95 35.39
C ILE A 682 4.83 24.01 34.66
N ASP A 683 4.88 25.22 35.20
CA ASP A 683 5.52 26.33 34.49
C ASP A 683 7.03 26.14 34.39
N ARG A 684 7.65 25.50 35.37
CA ARG A 684 9.09 25.30 35.38
C ARG A 684 9.53 24.05 34.61
N GLN A 685 8.65 23.48 33.79
CA GLN A 685 9.01 22.37 32.93
C GLN A 685 9.52 22.92 31.60
N SER A 686 10.65 22.39 31.14
CA SER A 686 11.19 22.80 29.87
C SER A 686 10.70 21.88 28.75
N TRP A 687 10.79 22.39 27.52
CA TRP A 687 10.47 21.59 26.34
C TRP A 687 11.78 21.07 25.74
N SER A 688 12.34 20.09 26.42
CA SER A 688 13.63 19.51 26.05
C SER A 688 13.66 18.05 26.49
N ASP A 689 14.87 17.47 26.51
CA ASP A 689 15.07 16.10 26.98
C ASP A 689 16.07 16.05 28.13
N LYS A 690 16.22 17.15 28.87
CA LYS A 690 17.17 17.21 29.96
C LYS A 690 16.65 16.46 31.18
N GLY A 691 17.55 16.16 32.10
CA GLY A 691 17.19 15.51 33.35
C GLY A 691 17.30 14.01 33.29
N SER A 692 16.94 13.38 34.41
CA SER A 692 16.95 11.94 34.54
C SER A 692 15.72 11.34 33.87
N VAL A 693 15.57 10.02 33.99
CA VAL A 693 14.44 9.34 33.36
C VAL A 693 13.12 9.83 33.96
N TRP A 694 13.05 9.84 35.30
CA TRP A 694 11.83 10.33 35.95
C TRP A 694 11.64 11.82 35.75
N ASP A 695 12.72 12.58 35.57
CA ASP A 695 12.58 13.99 35.22
C ASP A 695 11.94 14.14 33.84
N ARG A 696 12.33 13.29 32.88
CA ARG A 696 11.76 13.37 31.55
C ARG A 696 10.34 12.82 31.52
N MET A 697 10.06 11.79 32.31
CA MET A 697 8.70 11.26 32.39
C MET A 697 7.77 12.25 33.10
N LEU A 698 8.29 12.95 34.11
CA LEU A 698 7.51 14.00 34.75
C LEU A 698 7.22 15.14 33.78
N ARG A 699 8.20 15.51 32.95
CA ARG A 699 7.99 16.55 31.96
C ARG A 699 6.90 16.14 30.97
N SER A 700 6.98 14.93 30.44
CA SER A 700 6.02 14.49 29.44
C SER A 700 4.62 14.42 30.01
N ALA A 701 4.48 13.96 31.26
CA ALA A 701 3.15 13.85 31.88
C ALA A 701 2.57 15.24 32.17
N LEU A 702 3.38 16.14 32.73
CA LEU A 702 2.88 17.46 33.09
C LEU A 702 2.50 18.25 31.85
N LEU A 703 3.36 18.26 30.82
CA LEU A 703 3.05 19.01 29.61
C LEU A 703 1.90 18.38 28.83
N LYS A 704 1.77 17.05 28.88
CA LYS A 704 0.61 16.41 28.26
C LYS A 704 -0.67 16.76 29.02
N LEU A 705 -0.61 16.79 30.35
CA LEU A 705 -1.76 17.17 31.15
C LEU A 705 -2.16 18.61 30.87
N ALA A 706 -1.19 19.53 30.90
CA ALA A 706 -1.50 20.94 30.67
C ALA A 706 -2.10 21.16 29.29
N CYS A 707 -1.53 20.53 28.25
CA CYS A 707 -2.07 20.69 26.91
C CYS A 707 -3.42 20.01 26.76
N ASP A 708 -3.64 18.90 27.45
CA ASP A 708 -4.95 18.25 27.41
C ASP A 708 -6.02 19.13 28.04
N LEU A 709 -5.64 19.96 29.02
CA LEU A 709 -6.55 20.91 29.63
C LEU A 709 -6.63 22.23 28.87
N ASN A 710 -6.05 22.27 27.66
CA ASN A 710 -6.07 23.46 26.80
C ASN A 710 -5.45 24.67 27.47
N HIS A 711 -4.43 24.44 28.30
CA HIS A 711 -3.66 25.53 28.88
C HIS A 711 -2.99 26.34 27.77
N ALA A 712 -3.33 27.63 27.70
CA ALA A 712 -2.87 28.46 26.59
C ALA A 712 -1.35 28.46 26.42
N PRO A 713 -0.53 28.61 27.47
CA PRO A 713 0.92 28.52 27.25
C PRO A 713 1.37 27.19 26.67
N CYS A 714 0.76 26.08 27.09
CA CYS A 714 1.13 24.79 26.53
C CYS A 714 0.77 24.70 25.05
N ILE A 715 -0.41 25.19 24.68
CA ILE A 715 -0.86 25.09 23.29
C ILE A 715 -0.04 26.02 22.40
N GLN A 716 0.29 27.21 22.89
CA GLN A 716 1.09 28.15 22.11
C GLN A 716 2.46 27.58 21.78
N LYS A 717 3.12 26.95 22.77
CA LYS A 717 4.44 26.39 22.54
C LYS A 717 4.38 25.17 21.64
N ALA A 718 3.42 24.27 21.88
CA ALA A 718 3.32 23.05 21.07
C ALA A 718 2.97 23.37 19.63
N ALA A 719 2.02 24.29 19.41
CA ALA A 719 1.67 24.67 18.04
C ALA A 719 2.82 25.37 17.33
N GLU A 720 3.65 26.10 18.07
CA GLU A 720 4.82 26.73 17.46
C GLU A 720 5.84 25.69 17.03
N LEU A 721 6.11 24.70 17.87
CA LEU A 721 7.04 23.63 17.51
C LEU A 721 6.56 22.85 16.30
N PHE A 722 5.28 22.50 16.28
CA PHE A 722 4.73 21.76 15.14
C PHE A 722 4.78 22.60 13.86
N SER A 723 4.48 23.90 13.98
CA SER A 723 4.51 24.76 12.81
C SER A 723 5.91 24.80 12.20
N GLN A 724 6.93 25.06 13.02
CA GLN A 724 8.30 25.05 12.53
C GLN A 724 8.67 23.69 11.95
N TRP A 725 8.21 22.61 12.58
CA TRP A 725 8.48 21.27 12.09
C TRP A 725 7.87 21.05 10.70
N MET A 726 6.61 21.45 10.53
CA MET A 726 5.96 21.28 9.24
C MET A 726 6.47 22.30 8.22
N GLU A 727 6.71 23.54 8.66
CA GLU A 727 7.26 24.54 7.74
C GLU A 727 8.65 24.15 7.26
N SER A 728 9.42 23.45 8.09
CA SER A 728 10.70 22.91 7.67
C SER A 728 10.56 21.84 6.59
N SER A 729 9.38 21.23 6.49
CA SER A 729 9.09 20.16 5.53
C SER A 729 9.92 18.92 5.82
N GLY A 730 10.78 18.98 6.83
CA GLY A 730 11.57 17.84 7.24
C GLY A 730 11.50 17.62 8.74
N LYS A 731 12.48 16.90 9.27
CA LYS A 731 12.57 16.60 10.70
C LYS A 731 13.61 17.54 11.32
N LEU A 732 13.14 18.49 12.12
CA LEU A 732 14.01 19.28 12.96
C LEU A 732 14.00 18.70 14.37
N ASN A 733 15.06 18.98 15.12
CA ASN A 733 15.25 18.33 16.41
C ASN A 733 14.17 18.77 17.39
N ILE A 734 13.03 18.07 17.38
CA ILE A 734 11.98 18.27 18.38
C ILE A 734 12.28 17.32 19.54
N PRO A 735 12.32 17.82 20.77
CA PRO A 735 12.62 16.93 21.91
C PRO A 735 11.65 15.76 21.97
N THR A 736 12.21 14.57 22.21
CA THR A 736 11.41 13.35 22.18
C THR A 736 10.42 13.30 23.34
N ASP A 737 10.73 13.98 24.45
CA ASP A 737 9.83 13.95 25.61
C ASP A 737 8.53 14.70 25.32
N VAL A 738 8.57 15.67 24.41
CA VAL A 738 7.37 16.42 24.02
C VAL A 738 6.91 16.06 22.62
N LEU A 739 7.48 15.02 22.01
CA LEU A 739 7.16 14.69 20.63
C LEU A 739 5.70 14.30 20.47
N LYS A 740 5.19 13.46 21.36
CA LYS A 740 3.78 13.06 21.29
C LYS A 740 2.85 14.24 21.53
N ILE A 741 3.26 15.20 22.36
CA ILE A 741 2.42 16.36 22.65
C ILE A 741 2.39 17.29 21.44
N VAL A 742 3.55 17.57 20.84
CA VAL A 742 3.62 18.49 19.73
C VAL A 742 2.81 17.97 18.55
N TYR A 743 2.92 16.67 18.27
CA TYR A 743 2.17 16.09 17.16
C TYR A 743 0.67 16.14 17.43
N SER A 744 0.27 15.96 18.69
CA SER A 744 -1.16 15.96 19.02
C SER A 744 -1.80 17.31 18.75
N VAL A 745 -1.12 18.40 19.11
CA VAL A 745 -1.65 19.73 18.83
C VAL A 745 -1.72 19.99 17.34
N GLY A 746 -0.69 19.57 16.60
CA GLY A 746 -0.68 19.76 15.16
C GLY A 746 -1.77 19.01 14.42
N ALA A 747 -2.29 17.93 15.00
CA ALA A 747 -3.36 17.16 14.38
C ALA A 747 -4.74 17.77 14.58
N GLN A 748 -4.84 18.93 15.24
CA GLN A 748 -6.13 19.58 15.44
C GLN A 748 -6.56 20.39 14.23
N THR A 749 -5.74 20.46 13.19
CA THR A 749 -6.11 21.07 11.92
C THR A 749 -5.98 20.04 10.80
N THR A 750 -6.87 20.15 9.81
CA THR A 750 -6.85 19.20 8.70
C THR A 750 -5.52 19.24 7.97
N ALA A 751 -4.91 20.43 7.86
CA ALA A 751 -3.60 20.55 7.22
C ALA A 751 -2.54 19.73 7.96
N GLY A 752 -2.43 19.94 9.27
CA GLY A 752 -1.46 19.19 10.05
C GLY A 752 -1.81 17.72 10.19
N TRP A 753 -3.10 17.40 10.19
CA TRP A 753 -3.53 16.01 10.27
C TRP A 753 -3.13 15.24 9.02
N ASN A 754 -3.33 15.84 7.85
CA ASN A 754 -2.94 15.19 6.60
C ASN A 754 -1.42 15.05 6.50
N TYR A 755 -0.68 16.04 7.03
CA TYR A 755 0.78 15.97 6.97
C TYR A 755 1.31 14.88 7.89
N LEU A 756 0.68 14.68 9.05
CA LEU A 756 1.12 13.63 9.96
C LEU A 756 0.85 12.25 9.38
N LEU A 757 -0.30 12.07 8.72
CA LEU A 757 -0.59 10.79 8.08
C LEU A 757 0.39 10.52 6.94
N GLU A 758 0.79 11.57 6.22
CA GLU A 758 1.82 11.42 5.20
C GLU A 758 3.17 11.09 5.84
N GLN A 759 3.50 11.79 6.94
CA GLN A 759 4.74 11.49 7.66
C GLN A 759 4.71 10.09 8.26
N TYR A 760 3.53 9.60 8.63
CA TYR A 760 3.42 8.26 9.19
C TYR A 760 3.86 7.21 8.18
N GLU A 761 3.34 7.30 6.95
CA GLU A 761 3.63 6.28 5.94
C GLU A 761 5.09 6.30 5.52
N LEU A 762 5.76 7.45 5.61
CA LEU A 762 7.14 7.58 5.18
C LEU A 762 8.15 7.38 6.31
N SER A 763 7.69 7.29 7.55
CA SER A 763 8.60 7.20 8.69
C SER A 763 9.32 5.86 8.73
N MET A 764 10.61 5.90 9.04
CA MET A 764 11.41 4.70 9.24
C MET A 764 11.55 4.33 10.72
N SER A 765 10.80 4.99 11.60
CA SER A 765 10.87 4.77 13.03
C SER A 765 9.51 4.27 13.52
N SER A 766 9.47 3.04 14.03
CA SER A 766 8.22 2.52 14.59
C SER A 766 7.81 3.29 15.85
N ALA A 767 8.78 3.81 16.60
CA ALA A 767 8.45 4.62 17.77
C ALA A 767 7.80 5.93 17.37
N GLU A 768 8.32 6.58 16.33
CA GLU A 768 7.70 7.81 15.84
C GLU A 768 6.31 7.53 15.30
N GLN A 769 6.15 6.45 14.52
CA GLN A 769 4.82 6.07 14.03
C GLN A 769 3.85 5.86 15.18
N ASN A 770 4.32 5.25 16.27
CA ASN A 770 3.47 5.06 17.44
C ASN A 770 2.99 6.41 17.99
N LYS A 771 3.90 7.37 18.10
CA LYS A 771 3.52 8.69 18.59
C LYS A 771 2.65 9.42 17.59
N ILE A 772 2.94 9.28 16.29
CA ILE A 772 2.13 9.93 15.27
C ILE A 772 0.71 9.38 15.28
N LEU A 773 0.57 8.06 15.38
CA LEU A 773 -0.76 7.46 15.36
C LEU A 773 -1.59 7.90 16.58
N TYR A 774 -0.94 8.11 17.72
CA TYR A 774 -1.65 8.67 18.87
C TYR A 774 -2.15 10.08 18.55
N ALA A 775 -1.32 10.89 17.91
CA ALA A 775 -1.71 12.26 17.58
C ALA A 775 -2.92 12.26 16.66
N LEU A 776 -2.92 11.42 15.63
CA LEU A 776 -4.06 11.33 14.72
C LEU A 776 -5.32 10.89 15.45
N SER A 777 -5.18 10.13 16.54
CA SER A 777 -6.33 9.65 17.30
C SER A 777 -6.93 10.73 18.20
N THR A 778 -6.24 11.86 18.37
CA THR A 778 -6.77 12.97 19.17
C THR A 778 -7.57 13.95 18.33
N SER A 779 -7.87 13.61 17.08
CA SER A 779 -8.66 14.49 16.24
C SER A 779 -10.10 14.52 16.72
N LYS A 780 -10.77 15.64 16.47
CA LYS A 780 -12.17 15.82 16.85
C LYS A 780 -13.12 15.67 15.65
N HIS A 781 -12.59 15.34 14.48
CA HIS A 781 -13.42 15.06 13.31
C HIS A 781 -13.65 13.55 13.23
N GLN A 782 -14.92 13.14 13.31
CA GLN A 782 -15.22 11.72 13.33
C GLN A 782 -14.87 11.04 12.01
N GLU A 783 -14.89 11.79 10.90
CA GLU A 783 -14.50 11.20 9.62
C GLU A 783 -13.01 10.87 9.60
N LYS A 784 -12.19 11.62 10.34
CA LYS A 784 -10.77 11.31 10.42
C LYS A 784 -10.53 10.09 11.31
N LEU A 785 -11.27 9.98 12.41
CA LEU A 785 -11.12 8.82 13.29
C LEU A 785 -11.56 7.53 12.59
N LEU A 786 -12.65 7.59 11.83
CA LEU A 786 -13.11 6.41 11.09
C LEU A 786 -12.10 6.01 10.03
N LYS A 787 -11.45 6.99 9.39
CA LYS A 787 -10.44 6.68 8.39
C LYS A 787 -9.29 5.88 8.99
N LEU A 788 -8.86 6.25 10.20
CA LEU A 788 -7.81 5.51 10.88
C LEU A 788 -8.24 4.07 11.15
N ILE A 789 -9.50 3.89 11.55
CA ILE A 789 -10.02 2.54 11.79
C ILE A 789 -10.07 1.75 10.48
N GLU A 790 -10.49 2.40 9.39
CA GLU A 790 -10.52 1.74 8.10
C GLU A 790 -9.11 1.37 7.64
N LEU A 791 -8.16 2.30 7.79
CA LEU A 791 -6.77 1.99 7.45
C LEU A 791 -6.22 0.86 8.30
N GLY A 792 -6.53 0.87 9.61
CA GLY A 792 -6.08 -0.21 10.46
C GLY A 792 -6.65 -1.56 10.07
N MET A 793 -7.90 -1.58 9.60
CA MET A 793 -8.48 -2.81 9.09
C MET A 793 -7.82 -3.24 7.78
N GLU A 794 -7.53 -2.27 6.91
CA GLU A 794 -6.90 -2.59 5.63
C GLU A 794 -5.51 -3.21 5.84
N GLY A 795 -4.75 -2.66 6.80
CA GLY A 795 -3.50 -3.26 7.19
C GLY A 795 -2.30 -2.92 6.34
N LYS A 796 -2.45 -2.06 5.33
CA LYS A 796 -1.34 -1.73 4.45
C LYS A 796 -0.55 -0.52 4.93
N VAL A 797 -1.22 0.60 5.17
CA VAL A 797 -0.54 1.77 5.71
C VAL A 797 -0.41 1.67 7.23
N ILE A 798 -1.51 1.39 7.92
CA ILE A 798 -1.50 1.14 9.35
C ILE A 798 -1.65 -0.36 9.54
N LYS A 799 -0.59 -0.99 10.06
CA LYS A 799 -0.60 -2.44 10.22
C LYS A 799 -1.64 -2.88 11.24
N THR A 800 -2.27 -4.03 10.97
CA THR A 800 -3.34 -4.53 11.82
C THR A 800 -2.88 -4.81 13.24
N GLN A 801 -1.58 -5.00 13.46
CA GLN A 801 -1.07 -5.22 14.80
C GLN A 801 -1.29 -4.00 15.71
N ASN A 802 -1.57 -2.83 15.13
CA ASN A 802 -1.84 -1.63 15.89
C ASN A 802 -3.33 -1.33 15.99
N LEU A 803 -4.19 -2.19 15.45
CA LEU A 803 -5.63 -1.92 15.43
C LEU A 803 -6.20 -1.89 16.84
N ALA A 804 -5.83 -2.86 17.68
CA ALA A 804 -6.38 -2.92 19.03
C ALA A 804 -5.98 -1.69 19.85
N ALA A 805 -4.73 -1.25 19.73
CA ALA A 805 -4.29 -0.06 20.46
C ALA A 805 -4.90 1.21 19.87
N LEU A 806 -5.16 1.22 18.56
CA LEU A 806 -5.77 2.39 17.94
C LEU A 806 -7.22 2.55 18.37
N LEU A 807 -7.99 1.47 18.35
CA LEU A 807 -9.37 1.53 18.80
C LEU A 807 -9.46 1.98 20.25
N HIS A 808 -8.51 1.55 21.09
CA HIS A 808 -8.50 1.98 22.48
C HIS A 808 -8.21 3.47 22.60
N ALA A 809 -7.24 3.97 21.82
CA ALA A 809 -6.92 5.39 21.88
C ALA A 809 -8.06 6.27 21.39
N ILE A 810 -8.84 5.77 20.44
CA ILE A 810 -9.99 6.53 19.95
C ILE A 810 -11.15 6.47 20.93
N ALA A 811 -11.34 5.32 21.58
CA ALA A 811 -12.51 5.13 22.44
C ALA A 811 -12.40 5.91 23.75
N ARG A 812 -11.19 6.09 24.27
N ARG A 812 -11.19 6.09 24.27
CA ARG A 812 -11.02 6.76 25.55
CA ARG A 812 -11.04 6.76 25.55
C ARG A 812 -11.22 8.27 25.46
C ARG A 812 -11.30 8.26 25.48
N ARG A 813 -11.57 8.80 24.30
CA ARG A 813 -11.88 10.21 24.15
C ARG A 813 -13.37 10.40 23.83
N PRO A 814 -13.96 11.51 24.26
CA PRO A 814 -15.42 11.69 24.06
C PRO A 814 -15.84 11.67 22.60
N LYS A 815 -15.04 12.26 21.71
CA LYS A 815 -15.43 12.35 20.30
C LYS A 815 -15.42 10.98 19.62
N GLY A 816 -14.62 10.04 20.11
CA GLY A 816 -14.51 8.74 19.48
C GLY A 816 -15.10 7.60 20.27
N GLN A 817 -15.63 7.91 21.46
CA GLN A 817 -16.20 6.88 22.33
C GLN A 817 -17.28 6.08 21.63
N GLN A 818 -18.29 6.78 21.08
CA GLN A 818 -19.40 6.08 20.43
C GLN A 818 -18.96 5.40 19.13
N LEU A 819 -18.07 6.05 18.38
CA LEU A 819 -17.63 5.51 17.10
C LEU A 819 -16.95 4.15 17.28
N ALA A 820 -16.06 4.04 18.25
CA ALA A 820 -15.35 2.77 18.46
C ALA A 820 -16.30 1.67 18.93
N TRP A 821 -17.23 2.01 19.83
CA TRP A 821 -18.18 1.03 20.32
C TRP A 821 -19.12 0.58 19.20
N ASP A 822 -19.54 1.50 18.33
CA ASP A 822 -20.35 1.10 17.18
C ASP A 822 -19.56 0.21 16.23
N PHE A 823 -18.29 0.54 15.98
CA PHE A 823 -17.50 -0.25 15.04
C PHE A 823 -17.31 -1.68 15.50
N VAL A 824 -17.04 -1.88 16.79
CA VAL A 824 -16.79 -3.23 17.30
C VAL A 824 -18.05 -4.08 17.18
N ARG A 825 -19.22 -3.50 17.48
CA ARG A 825 -20.46 -4.25 17.38
C ARG A 825 -20.79 -4.59 15.93
N GLU A 826 -20.61 -3.63 15.02
CA GLU A 826 -21.04 -3.84 13.63
C GLU A 826 -20.04 -4.69 12.84
N ASN A 827 -18.76 -4.63 13.18
CA ASN A 827 -17.72 -5.34 12.44
C ASN A 827 -17.08 -6.45 13.28
N TRP A 828 -17.84 -7.08 14.16
CA TRP A 828 -17.28 -8.13 15.01
C TRP A 828 -16.79 -9.32 14.20
N THR A 829 -17.59 -9.76 13.22
CA THR A 829 -17.19 -10.92 12.42
C THR A 829 -15.95 -10.64 11.59
N HIS A 830 -15.79 -9.40 11.12
CA HIS A 830 -14.59 -9.04 10.38
C HIS A 830 -13.37 -9.05 11.29
N LEU A 831 -13.52 -8.60 12.54
CA LEU A 831 -12.41 -8.60 13.48
C LEU A 831 -12.00 -10.01 13.85
N LEU A 832 -12.95 -10.93 13.95
CA LEU A 832 -12.64 -12.30 14.32
C LEU A 832 -11.94 -13.07 13.22
N LYS A 833 -11.89 -12.53 12.00
CA LYS A 833 -11.10 -13.12 10.93
C LYS A 833 -9.66 -12.61 10.94
N LYS A 834 -9.39 -11.48 11.58
CA LYS A 834 -8.04 -10.95 11.69
C LYS A 834 -7.29 -11.51 12.88
N PHE A 835 -8.00 -11.86 13.96
CA PHE A 835 -7.38 -12.35 15.17
C PHE A 835 -8.18 -13.54 15.70
N ASP A 836 -7.53 -14.34 16.54
CA ASP A 836 -8.22 -15.44 17.20
C ASP A 836 -9.06 -14.90 18.36
N LEU A 837 -10.06 -15.70 18.76
CA LEU A 837 -10.95 -15.30 19.85
C LEU A 837 -10.17 -15.03 21.13
N GLY A 838 -9.26 -15.93 21.48
CA GLY A 838 -8.45 -15.79 22.67
C GLY A 838 -7.24 -14.90 22.53
N SER A 839 -7.04 -14.29 21.37
CA SER A 839 -5.87 -13.45 21.15
C SER A 839 -5.94 -12.20 22.03
N TYR A 840 -4.77 -11.65 22.33
CA TYR A 840 -4.71 -10.44 23.13
C TYR A 840 -5.28 -9.22 22.41
N ASP A 841 -5.28 -9.24 21.07
CA ASP A 841 -5.88 -8.14 20.32
C ASP A 841 -7.38 -8.07 20.54
N ILE A 842 -8.07 -9.20 20.41
CA ILE A 842 -9.52 -9.24 20.64
C ILE A 842 -9.84 -8.82 22.06
N ARG A 843 -8.98 -9.20 23.02
CA ARG A 843 -9.22 -8.85 24.42
C ARG A 843 -9.18 -7.34 24.61
N MET A 844 -8.23 -6.66 23.97
CA MET A 844 -8.12 -5.21 24.10
CA MET A 844 -8.13 -5.21 24.11
C MET A 844 -9.17 -4.48 23.26
N ILE A 845 -9.55 -5.04 22.12
CA ILE A 845 -10.61 -4.43 21.31
C ILE A 845 -11.91 -4.42 22.09
N ILE A 846 -12.22 -5.51 22.79
CA ILE A 846 -13.41 -5.58 23.64
C ILE A 846 -13.26 -4.65 24.82
N SER A 847 -12.18 -4.83 25.60
CA SER A 847 -12.02 -4.05 26.83
C SER A 847 -11.77 -2.58 26.54
N GLY A 848 -10.94 -2.28 25.55
CA GLY A 848 -10.57 -0.90 25.26
C GLY A 848 -11.68 -0.02 24.73
N THR A 849 -12.82 -0.61 24.36
CA THR A 849 -13.95 0.15 23.86
C THR A 849 -15.16 0.09 24.78
N THR A 850 -15.07 -0.61 25.90
CA THR A 850 -16.24 -0.82 26.76
C THR A 850 -15.95 -0.52 28.22
N ALA A 851 -14.71 -0.78 28.67
CA ALA A 851 -14.41 -0.75 30.10
C ALA A 851 -14.61 0.64 30.71
N HIS A 852 -14.39 1.70 29.94
CA HIS A 852 -14.50 3.05 30.46
C HIS A 852 -15.94 3.53 30.59
N PHE A 853 -16.91 2.76 30.11
CA PHE A 853 -18.31 3.15 30.24
C PHE A 853 -18.69 3.24 31.72
N SER A 854 -19.68 4.09 32.01
CA SER A 854 -20.08 4.31 33.40
C SER A 854 -21.56 4.65 33.54
N SER A 855 -22.40 4.30 32.58
CA SER A 855 -23.83 4.56 32.66
C SER A 855 -24.60 3.26 32.48
N LYS A 856 -25.78 3.20 33.10
CA LYS A 856 -26.60 1.99 33.00
C LYS A 856 -27.05 1.74 31.56
N ASP A 857 -27.20 2.79 30.76
CA ASP A 857 -27.52 2.61 29.35
C ASP A 857 -26.42 1.82 28.64
N LYS A 858 -25.17 2.22 28.83
CA LYS A 858 -24.06 1.53 28.19
C LYS A 858 -23.88 0.12 28.75
N LEU A 859 -24.10 -0.05 30.06
CA LEU A 859 -23.99 -1.37 30.66
C LEU A 859 -24.96 -2.35 30.01
N GLN A 860 -26.16 -1.88 29.67
CA GLN A 860 -27.14 -2.74 29.03
C GLN A 860 -26.70 -3.12 27.61
N GLU A 861 -26.21 -2.14 26.85
CA GLU A 861 -25.77 -2.44 25.48
C GLU A 861 -24.58 -3.38 25.47
N VAL A 862 -23.67 -3.23 26.45
CA VAL A 862 -22.54 -4.14 26.55
C VAL A 862 -22.99 -5.52 26.98
N LYS A 863 -23.92 -5.59 27.94
CA LYS A 863 -24.46 -6.88 28.37
C LYS A 863 -25.14 -7.60 27.21
N LEU A 864 -25.93 -6.87 26.42
CA LEU A 864 -26.60 -7.49 25.27
C LEU A 864 -25.59 -7.95 24.22
N PHE A 865 -24.54 -7.15 23.98
CA PHE A 865 -23.55 -7.53 22.98
C PHE A 865 -22.80 -8.79 23.38
N PHE A 866 -22.42 -8.90 24.66
CA PHE A 866 -21.74 -10.10 25.12
C PHE A 866 -22.65 -11.32 25.04
N GLU A 867 -23.95 -11.14 25.32
CA GLU A 867 -24.89 -12.25 25.24
C GLU A 867 -25.04 -12.74 23.80
N SER A 868 -25.01 -11.84 22.83
CA SER A 868 -25.09 -12.25 21.43
C SER A 868 -23.84 -13.03 21.02
N LEU A 869 -22.68 -12.66 21.56
CA LEU A 869 -21.47 -13.40 21.27
C LEU A 869 -21.49 -14.78 21.92
N GLU A 870 -22.07 -14.88 23.12
CA GLU A 870 -22.22 -16.19 23.75
C GLU A 870 -23.12 -17.09 22.92
N ALA A 871 -24.16 -16.53 22.30
CA ALA A 871 -25.04 -17.32 21.45
C ALA A 871 -24.30 -17.85 20.23
N GLN A 872 -23.34 -17.09 19.71
CA GLN A 872 -22.53 -17.53 18.58
C GLN A 872 -21.48 -18.56 18.99
N GLY A 873 -21.39 -18.91 20.26
CA GLY A 873 -20.41 -19.88 20.72
C GLY A 873 -19.07 -19.31 21.13
N SER A 874 -18.99 -18.01 21.40
CA SER A 874 -17.75 -17.36 21.79
C SER A 874 -17.85 -16.96 23.27
N HIS A 875 -16.99 -17.54 24.10
CA HIS A 875 -16.93 -17.24 25.52
C HIS A 875 -15.54 -16.76 25.88
N LEU A 876 -15.46 -15.64 26.60
CA LEU A 876 -14.21 -15.10 27.10
C LEU A 876 -14.42 -14.58 28.52
N ASP A 877 -13.43 -14.81 29.39
CA ASP A 877 -13.51 -14.31 30.75
C ASP A 877 -13.51 -12.79 30.80
N ILE A 878 -13.07 -12.12 29.72
CA ILE A 878 -13.09 -10.66 29.68
C ILE A 878 -14.51 -10.12 29.65
N PHE A 879 -15.49 -10.95 29.30
CA PHE A 879 -16.89 -10.52 29.27
C PHE A 879 -17.34 -10.09 30.67
N GLN A 880 -17.23 -10.99 31.64
CA GLN A 880 -17.63 -10.67 33.01
C GLN A 880 -16.72 -9.60 33.61
N THR A 881 -15.45 -9.58 33.21
CA THR A 881 -14.53 -8.56 33.73
C THR A 881 -14.96 -7.17 33.28
N VAL A 882 -15.38 -7.02 32.02
CA VAL A 882 -15.84 -5.73 31.54
C VAL A 882 -17.14 -5.33 32.23
N LEU A 883 -18.07 -6.28 32.37
CA LEU A 883 -19.35 -5.97 33.01
C LEU A 883 -19.14 -5.51 34.45
N GLU A 884 -18.30 -6.22 35.21
CA GLU A 884 -18.04 -5.81 36.58
C GLU A 884 -17.31 -4.48 36.65
N THR A 885 -16.45 -4.19 35.67
CA THR A 885 -15.76 -2.90 35.65
C THR A 885 -16.73 -1.75 35.38
N ILE A 886 -17.68 -1.96 34.46
CA ILE A 886 -18.66 -0.92 34.16
C ILE A 886 -19.57 -0.68 35.35
N THR A 887 -20.02 -1.75 36.02
CA THR A 887 -20.85 -1.58 37.21
C THR A 887 -20.11 -0.85 38.31
N LYS A 888 -18.80 -1.11 38.44
CA LYS A 888 -17.99 -0.38 39.42
C LYS A 888 -17.97 1.12 39.13
N ASN A 889 -17.83 1.48 37.85
CA ASN A 889 -17.83 2.90 37.50
C ASN A 889 -19.18 3.54 37.76
N ILE A 890 -20.27 2.80 37.53
CA ILE A 890 -21.60 3.32 37.85
C ILE A 890 -21.72 3.57 39.35
N LYS A 891 -21.38 2.56 40.16
CA LYS A 891 -21.54 2.68 41.61
C LYS A 891 -20.54 3.67 42.20
N TRP A 892 -19.39 3.86 41.55
CA TRP A 892 -18.45 4.87 42.03
C TRP A 892 -19.03 6.27 41.87
N LEU A 893 -19.67 6.54 40.73
CA LEU A 893 -20.32 7.84 40.53
C LEU A 893 -21.48 8.01 41.50
N GLU A 894 -22.32 7.00 41.65
CA GLU A 894 -23.47 7.10 42.54
C GLU A 894 -23.05 7.42 43.97
N LYS A 895 -21.90 6.91 44.41
CA LYS A 895 -21.46 7.10 45.78
C LYS A 895 -20.61 8.34 45.99
N ASN A 896 -19.88 8.80 44.97
CA ASN A 896 -18.87 9.81 45.17
C ASN A 896 -19.00 11.04 44.28
N LEU A 897 -19.89 11.04 43.29
CA LEU A 897 -20.00 12.20 42.39
C LEU A 897 -20.37 13.48 43.13
N PRO A 898 -21.38 13.51 44.01
CA PRO A 898 -21.66 14.77 44.72
C PRO A 898 -20.52 15.21 45.62
N THR A 899 -19.81 14.26 46.24
CA THR A 899 -18.66 14.61 47.07
C THR A 899 -17.57 15.28 46.25
N LEU A 900 -17.32 14.75 45.04
CA LEU A 900 -16.34 15.37 44.15
C LEU A 900 -16.79 16.77 43.74
N ARG A 901 -18.07 16.93 43.42
CA ARG A 901 -18.58 18.25 43.06
C ARG A 901 -18.46 19.23 44.22
N THR A 902 -18.77 18.78 45.43
CA THR A 902 -18.70 19.67 46.58
C THR A 902 -17.25 20.04 46.92
N TRP A 903 -16.36 19.04 46.94
CA TRP A 903 -14.97 19.30 47.29
C TRP A 903 -14.34 20.32 46.34
N LEU A 904 -14.57 20.18 45.04
CA LEU A 904 -14.05 21.15 44.08
C LEU A 904 -14.65 22.52 44.32
N MET A 905 -15.95 22.57 44.62
CA MET A 905 -16.61 23.86 44.85
C MET A 905 -16.11 24.51 46.14
N VAL A 906 -15.85 23.70 47.17
CA VAL A 906 -15.23 24.22 48.38
C VAL A 906 -13.84 24.76 48.09
N ASN A 907 -13.15 24.17 47.11
CA ASN A 907 -11.77 24.58 46.81
C ASN A 907 -11.76 25.95 46.14
N THR A 908 -12.73 26.23 45.28
CA THR A 908 -12.80 27.55 44.64
C THR A 908 -13.01 28.66 45.66
N ARG A 909 -13.53 28.32 46.84
CA ARG A 909 -13.72 29.30 47.91
C ARG A 909 -12.55 29.34 48.89
N HIS A 910 -11.75 28.27 48.95
CA HIS A 910 -10.62 28.25 49.87
C HIS A 910 -9.47 29.14 49.43
N HIS A 911 -9.43 29.49 48.14
CA HIS A 911 -8.37 30.35 47.62
C HIS A 911 -8.62 31.80 47.99
N PRO B 2 16.53 40.13 -20.98
CA PRO B 2 16.26 39.04 -20.03
C PRO B 2 17.25 39.03 -18.86
N VAL B 3 16.75 38.84 -17.65
CA VAL B 3 17.57 38.80 -16.44
C VAL B 3 17.69 37.35 -15.97
N ALA B 4 18.88 37.00 -15.49
CA ALA B 4 19.14 35.65 -14.99
C ALA B 4 18.72 35.55 -13.52
N THR B 5 18.81 34.33 -12.99
CA THR B 5 18.43 34.08 -11.61
C THR B 5 19.37 34.77 -10.61
N ASN B 6 20.59 35.10 -11.02
CA ASN B 6 21.55 35.76 -10.15
C ASN B 6 21.54 37.28 -10.30
N GLY B 7 20.59 37.83 -11.07
CA GLY B 7 20.49 39.24 -11.28
C GLY B 7 21.21 39.77 -12.51
N GLU B 8 22.18 39.03 -13.02
CA GLU B 8 22.92 39.45 -14.20
C GLU B 8 22.10 39.20 -15.47
N ARG B 9 22.60 39.73 -16.58
CA ARG B 9 21.91 39.61 -17.85
C ARG B 9 22.24 38.28 -18.54
N PHE B 10 21.26 37.74 -19.25
CA PHE B 10 21.44 36.51 -20.01
C PHE B 10 21.86 36.83 -21.43
N PRO B 11 22.95 36.25 -21.94
CA PRO B 11 23.46 36.60 -23.27
C PRO B 11 22.65 36.04 -24.43
N TRP B 12 21.49 35.44 -24.19
CA TRP B 12 20.66 34.88 -25.25
C TRP B 12 19.21 35.22 -24.95
N GLN B 13 18.43 35.45 -26.02
CA GLN B 13 17.08 35.96 -25.88
C GLN B 13 15.99 34.99 -26.33
N GLU B 14 16.24 34.19 -27.35
CA GLU B 14 15.20 33.39 -27.98
C GLU B 14 15.09 32.01 -27.35
N LEU B 15 13.90 31.42 -27.45
CA LEU B 15 13.67 30.06 -26.99
C LEU B 15 14.52 29.07 -27.77
N ARG B 16 14.74 29.33 -29.06
CA ARG B 16 15.58 28.46 -29.87
C ARG B 16 17.05 28.70 -29.59
N LEU B 17 17.82 27.61 -29.52
CA LEU B 17 19.24 27.71 -29.27
C LEU B 17 19.95 28.33 -30.47
N PRO B 18 21.11 28.95 -30.24
CA PRO B 18 21.92 29.43 -31.36
C PRO B 18 22.44 28.27 -32.20
N SER B 19 22.77 28.59 -33.45
CA SER B 19 23.36 27.63 -34.37
C SER B 19 24.87 27.76 -34.46
N VAL B 20 25.47 28.59 -33.60
CA VAL B 20 26.91 28.83 -33.67
C VAL B 20 27.69 27.68 -33.06
N VAL B 21 27.12 26.99 -32.08
CA VAL B 21 27.77 25.86 -31.43
C VAL B 21 26.97 24.60 -31.75
N ILE B 22 27.63 23.63 -32.36
CA ILE B 22 26.99 22.41 -32.82
C ILE B 22 27.57 21.23 -32.04
N PRO B 23 26.73 20.45 -31.35
CA PRO B 23 27.25 19.29 -30.61
C PRO B 23 27.60 18.14 -31.54
N LEU B 24 28.67 17.43 -31.20
CA LEU B 24 29.13 16.28 -31.96
C LEU B 24 29.02 14.96 -31.21
N HIS B 25 29.39 14.95 -29.93
CA HIS B 25 29.42 13.70 -29.18
C HIS B 25 29.15 14.00 -27.70
N TYR B 26 28.29 13.19 -27.10
CA TYR B 26 27.98 13.28 -25.67
C TYR B 26 28.59 12.10 -24.93
N ASP B 27 29.38 12.39 -23.90
CA ASP B 27 29.78 11.40 -22.91
C ASP B 27 28.87 11.60 -21.70
N LEU B 28 28.03 10.60 -21.42
CA LEU B 28 27.02 10.73 -20.37
C LEU B 28 27.23 9.63 -19.33
N PHE B 29 27.50 10.05 -18.09
CA PHE B 29 27.59 9.15 -16.95
C PHE B 29 26.50 9.53 -15.97
N VAL B 30 25.65 8.56 -15.60
CA VAL B 30 24.57 8.77 -14.67
C VAL B 30 24.69 7.76 -13.54
N HIS B 31 24.60 8.22 -12.30
CA HIS B 31 24.70 7.39 -11.11
C HIS B 31 23.42 7.53 -10.30
N PRO B 32 22.35 6.83 -10.69
CA PRO B 32 21.11 6.89 -9.92
C PRO B 32 21.14 5.97 -8.71
N ASN B 33 20.39 6.37 -7.69
CA ASN B 33 20.21 5.55 -6.50
C ASN B 33 18.73 5.32 -6.28
N LEU B 34 18.31 4.06 -6.38
CA LEU B 34 16.90 3.69 -6.26
C LEU B 34 16.47 3.51 -4.81
N THR B 35 17.31 3.88 -3.84
CA THR B 35 16.94 3.92 -2.44
C THR B 35 16.71 5.35 -1.95
N SER B 36 17.67 6.24 -2.21
CA SER B 36 17.47 7.65 -1.95
C SER B 36 16.69 8.36 -3.04
N LEU B 37 16.36 7.64 -4.12
CA LEU B 37 15.49 8.15 -5.19
C LEU B 37 16.04 9.44 -5.80
N ASP B 38 17.34 9.47 -6.07
CA ASP B 38 17.98 10.63 -6.67
C ASP B 38 19.12 10.13 -7.55
N PHE B 39 19.90 11.07 -8.09
CA PHE B 39 21.02 10.69 -8.94
C PHE B 39 22.04 11.82 -8.98
N VAL B 40 23.29 11.45 -9.26
CA VAL B 40 24.35 12.38 -9.61
C VAL B 40 24.86 11.98 -10.98
N ALA B 41 25.38 12.94 -11.72
CA ALA B 41 25.77 12.67 -13.10
C ALA B 41 26.81 13.67 -13.57
N SER B 42 27.47 13.32 -14.67
CA SER B 42 28.47 14.16 -15.30
C SER B 42 28.42 13.95 -16.80
N GLU B 43 28.90 14.94 -17.54
CA GLU B 43 28.86 14.85 -19.00
C GLU B 43 30.03 15.59 -19.62
N LYS B 44 30.40 15.14 -20.82
CA LYS B 44 31.42 15.80 -21.64
C LYS B 44 30.87 15.93 -23.05
N ILE B 45 30.62 17.17 -23.48
CA ILE B 45 29.98 17.45 -24.76
C ILE B 45 31.05 17.96 -25.72
N GLU B 46 31.33 17.16 -26.75
CA GLU B 46 32.20 17.60 -27.85
C GLU B 46 31.39 18.48 -28.80
N VAL B 47 31.80 19.73 -28.95
CA VAL B 47 31.08 20.70 -29.76
C VAL B 47 32.00 21.24 -30.84
N LEU B 48 31.39 21.65 -31.95
CA LEU B 48 32.10 22.28 -33.06
C LEU B 48 31.64 23.73 -33.17
N VAL B 49 32.58 24.66 -33.02
CA VAL B 49 32.27 26.09 -33.04
C VAL B 49 32.33 26.56 -34.48
N SER B 50 31.19 26.98 -35.02
CA SER B 50 31.13 27.49 -36.39
C SER B 50 31.25 29.00 -36.46
N ASN B 51 30.85 29.71 -35.41
CA ASN B 51 30.95 31.16 -35.35
C ASN B 51 31.60 31.55 -34.02
N ALA B 52 32.48 32.55 -34.08
CA ALA B 52 33.12 33.05 -32.87
C ALA B 52 32.08 33.59 -31.89
N THR B 53 32.18 33.16 -30.63
CA THR B 53 31.20 33.51 -29.62
C THR B 53 31.85 33.49 -28.25
N GLN B 54 31.29 34.28 -27.34
CA GLN B 54 31.76 34.36 -25.96
C GLN B 54 30.92 33.53 -25.00
N PHE B 55 29.95 32.77 -25.50
CA PHE B 55 29.06 32.01 -24.63
C PHE B 55 28.47 30.84 -25.40
N ILE B 56 28.09 29.80 -24.67
CA ILE B 56 27.43 28.63 -25.22
C ILE B 56 26.08 28.48 -24.53
N ILE B 57 25.02 28.30 -25.32
CA ILE B 57 23.66 28.20 -24.80
C ILE B 57 23.16 26.79 -25.05
N LEU B 58 22.69 26.14 -23.98
CA LEU B 58 22.11 24.81 -24.07
C LEU B 58 20.97 24.71 -23.05
N HIS B 59 20.15 23.68 -23.20
CA HIS B 59 18.98 23.49 -22.35
C HIS B 59 19.31 22.76 -21.06
N SER B 60 18.65 23.17 -19.98
CA SER B 60 18.79 22.54 -18.67
C SER B 60 17.61 22.97 -17.81
N LYS B 61 17.03 22.01 -17.09
CA LYS B 61 15.84 22.28 -16.29
C LYS B 61 15.87 21.44 -15.02
N ASP B 62 15.71 22.11 -13.87
CA ASP B 62 15.62 21.46 -12.56
C ASP B 62 16.85 20.61 -12.24
N LEU B 63 18.01 21.02 -12.76
CA LEU B 63 19.26 20.33 -12.50
C LEU B 63 20.20 21.25 -11.75
N GLU B 64 20.77 20.74 -10.66
CA GLU B 64 21.75 21.49 -9.86
C GLU B 64 23.13 21.24 -10.47
N ILE B 65 23.72 22.28 -11.04
CA ILE B 65 25.01 22.19 -11.70
C ILE B 65 26.09 22.66 -10.73
N THR B 66 27.08 21.81 -10.48
CA THR B 66 28.12 22.08 -9.50
C THR B 66 29.46 22.48 -10.12
N ASN B 67 29.87 21.81 -11.21
CA ASN B 67 31.11 22.12 -11.89
C ASN B 67 30.85 22.31 -13.37
N ALA B 68 31.69 23.13 -14.01
CA ALA B 68 31.58 23.38 -15.44
C ALA B 68 32.92 23.85 -15.96
N THR B 69 33.53 23.07 -16.85
CA THR B 69 34.84 23.39 -17.42
C THR B 69 34.78 23.28 -18.94
N LEU B 70 35.80 23.84 -19.58
CA LEU B 70 35.92 23.80 -21.04
C LEU B 70 37.37 23.46 -21.39
N GLN B 71 37.58 22.34 -22.06
CA GLN B 71 38.89 21.93 -22.52
C GLN B 71 38.91 21.86 -24.04
N SER B 72 40.12 21.85 -24.59
CA SER B 72 40.29 21.79 -26.04
C SER B 72 41.70 21.32 -26.35
N GLU B 73 41.82 20.38 -27.29
CA GLU B 73 43.11 19.92 -27.76
C GLU B 73 43.61 20.69 -28.97
N GLU B 74 42.72 21.41 -29.65
CA GLU B 74 43.10 22.25 -30.78
C GLU B 74 43.34 23.70 -30.39
N ASP B 75 42.66 24.19 -29.37
CA ASP B 75 42.85 25.55 -28.85
C ASP B 75 43.72 25.46 -27.61
N SER B 76 44.97 25.91 -27.73
CA SER B 76 45.91 25.82 -26.62
C SER B 76 45.49 26.66 -25.42
N ARG B 77 44.63 27.65 -25.61
CA ARG B 77 44.16 28.45 -24.49
C ARG B 77 43.39 27.60 -23.48
N TYR B 78 42.77 26.52 -23.95
CA TYR B 78 42.05 25.59 -23.08
C TYR B 78 42.82 24.28 -22.98
N MET B 79 44.04 24.35 -22.45
CA MET B 79 44.91 23.19 -22.39
C MET B 79 44.35 22.15 -21.42
N LYS B 80 45.07 21.03 -21.27
CA LYS B 80 44.70 19.85 -20.50
C LYS B 80 43.89 20.16 -19.23
N PRO B 81 44.32 21.11 -18.39
CA PRO B 81 43.45 21.47 -17.25
C PRO B 81 42.13 22.09 -17.67
N GLY B 82 42.16 23.05 -18.59
CA GLY B 82 40.95 23.73 -19.00
C GLY B 82 40.74 25.02 -18.24
N LYS B 83 39.55 25.59 -18.41
CA LYS B 83 39.17 26.82 -17.76
C LYS B 83 37.79 26.66 -17.14
N GLU B 84 37.63 27.17 -15.93
CA GLU B 84 36.36 27.09 -15.24
C GLU B 84 35.34 28.01 -15.91
N LEU B 85 34.10 27.55 -15.99
CA LEU B 85 33.03 28.31 -16.63
C LEU B 85 32.01 28.75 -15.59
N LYS B 86 31.58 30.01 -15.69
CA LYS B 86 30.52 30.54 -14.86
C LYS B 86 29.18 30.30 -15.55
N VAL B 87 28.26 29.65 -14.87
CA VAL B 87 26.97 29.27 -15.44
C VAL B 87 25.93 30.32 -15.06
N LEU B 88 25.05 30.64 -16.01
CA LEU B 88 23.92 31.53 -15.78
C LEU B 88 22.64 30.78 -16.14
N SER B 89 21.65 30.84 -15.26
CA SER B 89 20.41 30.10 -15.43
C SER B 89 19.30 31.03 -15.88
N TYR B 90 18.49 30.56 -16.83
CA TYR B 90 17.32 31.30 -17.31
C TYR B 90 16.17 30.32 -17.43
N PRO B 91 15.39 30.14 -16.37
CA PRO B 91 14.33 29.11 -16.39
C PRO B 91 13.20 29.44 -17.35
N ALA B 92 12.96 30.70 -17.67
CA ALA B 92 11.85 31.06 -18.54
C ALA B 92 11.95 30.37 -19.89
N HIS B 93 13.17 30.26 -20.43
CA HIS B 93 13.41 29.53 -21.67
C HIS B 93 14.06 28.18 -21.44
N GLU B 94 14.21 27.77 -20.18
CA GLU B 94 14.82 26.48 -19.81
C GLU B 94 16.20 26.33 -20.41
N GLN B 95 16.97 27.42 -20.43
CA GLN B 95 18.30 27.46 -20.99
C GLN B 95 19.31 27.87 -19.93
N ILE B 96 20.58 27.57 -20.18
CA ILE B 96 21.69 28.04 -19.38
C ILE B 96 22.76 28.62 -20.28
N ALA B 97 23.62 29.46 -19.70
CA ALA B 97 24.69 30.13 -20.44
C ALA B 97 26.03 29.78 -19.80
N LEU B 98 26.97 29.35 -20.64
CA LEU B 98 28.33 29.02 -20.22
C LEU B 98 29.26 30.13 -20.70
N LEU B 99 29.71 30.97 -19.76
CA LEU B 99 30.54 32.12 -20.10
C LEU B 99 32.01 31.70 -20.18
N VAL B 100 32.64 31.95 -21.31
CA VAL B 100 34.03 31.58 -21.54
C VAL B 100 34.91 32.80 -21.31
N PRO B 101 36.15 32.64 -20.88
CA PRO B 101 37.01 33.82 -20.66
C PRO B 101 37.43 34.51 -21.93
N GLU B 102 37.66 33.78 -23.01
CA GLU B 102 38.09 34.35 -24.28
C GLU B 102 37.28 33.75 -25.42
N LYS B 103 36.99 34.58 -26.43
CA LYS B 103 36.14 34.17 -27.53
C LYS B 103 36.68 32.93 -28.23
N LEU B 104 35.77 32.05 -28.63
CA LEU B 104 36.15 30.78 -29.25
C LEU B 104 36.46 30.97 -30.73
N THR B 105 37.31 30.08 -31.25
CA THR B 105 37.76 30.12 -32.64
C THR B 105 36.85 29.25 -33.51
N PRO B 106 36.37 29.76 -34.65
CA PRO B 106 35.53 28.95 -35.53
C PRO B 106 36.27 27.72 -36.04
N HIS B 107 35.50 26.66 -36.29
CA HIS B 107 35.96 25.38 -36.87
C HIS B 107 36.85 24.58 -35.93
N LEU B 108 37.02 25.01 -34.67
CA LEU B 108 37.79 24.24 -33.71
C LEU B 108 36.85 23.55 -32.73
N LYS B 109 37.28 22.38 -32.26
CA LYS B 109 36.48 21.56 -31.37
C LYS B 109 36.85 21.82 -29.92
N TYR B 110 35.84 21.74 -29.04
CA TYR B 110 36.00 21.95 -27.62
C TYR B 110 35.29 20.83 -26.86
N TYR B 111 35.53 20.77 -25.56
CA TYR B 111 34.91 19.77 -24.69
C TYR B 111 34.25 20.48 -23.51
N VAL B 112 32.94 20.34 -23.40
CA VAL B 112 32.15 20.97 -22.35
C VAL B 112 31.88 19.91 -21.28
N ALA B 113 32.51 20.07 -20.11
CA ALA B 113 32.32 19.16 -18.99
C ALA B 113 31.47 19.82 -17.91
N MET B 114 30.54 19.06 -17.34
CA MET B 114 29.65 19.57 -16.31
C MET B 114 29.26 18.45 -15.36
N ASP B 115 29.11 18.80 -14.09
CA ASP B 115 28.55 17.91 -13.07
C ASP B 115 27.18 18.42 -12.66
N PHE B 116 26.23 17.51 -12.50
CA PHE B 116 24.86 17.88 -12.18
C PHE B 116 24.18 16.76 -11.42
N GLN B 117 23.13 17.11 -10.70
CA GLN B 117 22.42 16.16 -9.85
C GLN B 117 21.00 16.65 -9.62
N ALA B 118 20.12 15.72 -9.27
CA ALA B 118 18.73 16.01 -8.95
C ALA B 118 18.09 14.74 -8.40
N LYS B 119 16.87 14.89 -7.89
CA LYS B 119 16.09 13.74 -7.47
C LYS B 119 15.38 13.12 -8.67
N LEU B 120 15.04 11.84 -8.52
CA LEU B 120 14.21 11.18 -9.53
C LEU B 120 12.83 11.82 -9.56
N GLY B 121 12.33 12.06 -10.78
CA GLY B 121 11.03 12.69 -10.92
C GLY B 121 9.92 11.84 -10.32
N ASP B 122 8.88 12.52 -9.86
CA ASP B 122 7.69 11.86 -9.32
C ASP B 122 6.52 11.88 -10.29
N GLY B 123 6.74 12.37 -11.51
CA GLY B 123 5.72 12.34 -12.53
C GLY B 123 6.00 11.29 -13.60
N PHE B 124 5.82 11.67 -14.87
CA PHE B 124 6.05 10.77 -15.99
C PHE B 124 7.08 11.32 -16.97
N GLU B 125 7.82 12.36 -16.59
CA GLU B 125 8.74 13.04 -17.49
CA GLU B 125 8.75 13.03 -17.49
C GLU B 125 10.15 12.99 -16.93
N GLY B 126 11.13 13.06 -17.83
CA GLY B 126 12.53 13.06 -17.44
C GLY B 126 12.99 11.71 -16.91
N PHE B 127 13.91 11.76 -15.96
CA PHE B 127 14.41 10.57 -15.27
C PHE B 127 13.60 10.41 -13.99
N TYR B 128 12.62 9.52 -14.03
CA TYR B 128 11.62 9.43 -12.97
C TYR B 128 11.54 8.01 -12.42
N LYS B 129 10.83 7.88 -11.30
CA LYS B 129 10.68 6.63 -10.58
C LYS B 129 9.38 5.93 -10.97
N SER B 130 9.43 4.59 -10.97
CA SER B 130 8.27 3.77 -11.29
C SER B 130 8.27 2.53 -10.40
N THR B 131 7.08 2.03 -10.10
CA THR B 131 6.91 0.90 -9.21
C THR B 131 6.02 -0.16 -9.86
N TYR B 132 6.20 -1.41 -9.43
CA TYR B 132 5.34 -2.50 -9.84
C TYR B 132 5.14 -3.45 -8.65
N ARG B 133 4.23 -4.39 -8.82
CA ARG B 133 3.87 -5.35 -7.77
C ARG B 133 4.20 -6.76 -8.24
N THR B 134 4.81 -7.55 -7.36
CA THR B 134 5.16 -8.92 -7.65
C THR B 134 4.01 -9.86 -7.30
N LEU B 135 4.12 -11.12 -7.76
CA LEU B 135 3.11 -12.11 -7.46
C LEU B 135 2.96 -12.34 -5.96
N GLY B 136 4.05 -12.23 -5.21
CA GLY B 136 3.99 -12.39 -3.77
C GLY B 136 3.50 -11.19 -3.00
N GLY B 137 3.29 -10.06 -3.68
CA GLY B 137 2.83 -8.85 -3.04
C GLY B 137 3.92 -7.84 -2.74
N GLU B 138 5.11 -7.99 -3.31
CA GLU B 138 6.19 -7.04 -3.10
C GLU B 138 6.12 -5.90 -4.10
N THR B 139 6.59 -4.74 -3.68
CA THR B 139 6.67 -3.55 -4.51
C THR B 139 8.13 -3.23 -4.78
N ARG B 140 8.50 -3.11 -6.05
CA ARG B 140 9.87 -2.86 -6.46
C ARG B 140 9.96 -1.53 -7.19
N ILE B 141 11.17 -0.96 -7.20
CA ILE B 141 11.44 0.35 -7.76
C ILE B 141 12.30 0.20 -9.01
N LEU B 142 11.99 1.00 -10.03
CA LEU B 142 12.85 1.12 -11.21
C LEU B 142 12.96 2.60 -11.57
N ALA B 143 13.98 2.91 -12.35
CA ALA B 143 14.22 4.26 -12.86
C ALA B 143 14.21 4.21 -14.38
N VAL B 144 13.46 5.12 -15.00
CA VAL B 144 13.22 5.08 -16.44
C VAL B 144 13.16 6.51 -16.97
N THR B 145 13.58 6.69 -18.22
CA THR B 145 13.61 7.99 -18.87
C THR B 145 12.45 8.12 -19.86
N ASP B 146 11.98 9.36 -20.03
CA ASP B 146 11.02 9.69 -21.07
C ASP B 146 11.24 11.16 -21.42
N PHE B 147 11.75 11.42 -22.63
CA PHE B 147 12.26 12.75 -22.97
C PHE B 147 11.45 13.49 -24.02
N GLU B 148 10.71 12.79 -24.86
CA GLU B 148 9.99 13.48 -25.93
C GLU B 148 8.81 14.26 -25.33
N PRO B 149 8.63 15.53 -25.71
CA PRO B 149 9.45 16.29 -26.67
C PRO B 149 10.64 17.02 -26.07
N THR B 150 10.51 17.64 -24.89
CA THR B 150 11.52 18.56 -24.37
C THR B 150 11.89 18.24 -22.93
N GLN B 151 12.01 16.96 -22.59
CA GLN B 151 12.32 16.54 -21.24
C GLN B 151 13.72 15.98 -21.07
N ALA B 152 14.50 15.87 -22.15
CA ALA B 152 15.89 15.45 -22.01
C ALA B 152 16.70 16.45 -21.20
N ARG B 153 16.33 17.73 -21.27
CA ARG B 153 17.00 18.75 -20.48
C ARG B 153 16.76 18.60 -18.99
N MET B 154 15.76 17.81 -18.59
CA MET B 154 15.50 17.56 -17.17
C MET B 154 16.39 16.47 -16.59
N ALA B 155 17.12 15.73 -17.42
CA ALA B 155 18.00 14.66 -16.96
C ALA B 155 19.47 14.96 -17.17
N PHE B 156 19.83 15.70 -18.22
CA PHE B 156 21.21 16.08 -18.45
C PHE B 156 21.22 17.32 -19.33
N PRO B 157 22.08 18.30 -19.05
CA PRO B 157 22.15 19.49 -19.90
C PRO B 157 22.57 19.12 -21.32
N CYS B 158 21.83 19.65 -22.30
CA CYS B 158 22.07 19.28 -23.69
C CYS B 158 21.43 20.32 -24.59
N PHE B 159 21.81 20.25 -25.87
CA PHE B 159 21.15 21.03 -26.92
C PHE B 159 19.87 20.29 -27.31
N ASP B 160 18.82 20.55 -26.52
CA ASP B 160 17.60 19.75 -26.56
C ASP B 160 16.66 20.22 -27.67
N GLU B 161 17.13 20.08 -28.91
CA GLU B 161 16.33 20.31 -30.10
C GLU B 161 16.63 19.19 -31.08
N PRO B 162 15.62 18.68 -31.80
CA PRO B 162 15.82 17.47 -32.62
C PRO B 162 16.81 17.66 -33.76
N LEU B 163 17.15 18.89 -34.12
CA LEU B 163 18.11 19.13 -35.20
C LEU B 163 19.55 18.94 -34.75
N PHE B 164 19.83 19.01 -33.45
CA PHE B 164 21.19 18.90 -32.92
C PHE B 164 21.52 17.43 -32.65
N LYS B 165 21.57 16.65 -33.71
CA LYS B 165 21.92 15.24 -33.58
C LYS B 165 23.40 15.09 -33.22
N ALA B 166 23.69 14.03 -32.45
CA ALA B 166 25.05 13.81 -31.95
C ALA B 166 25.16 12.36 -31.48
N ASN B 167 26.40 11.95 -31.23
CA ASN B 167 26.66 10.65 -30.63
C ASN B 167 26.45 10.71 -29.12
N PHE B 168 26.18 9.54 -28.54
CA PHE B 168 25.97 9.44 -27.10
C PHE B 168 26.69 8.21 -26.57
N SER B 169 27.63 8.42 -25.66
CA SER B 169 28.33 7.36 -24.95
C SER B 169 27.83 7.38 -23.51
N ILE B 170 27.11 6.34 -23.11
CA ILE B 170 26.35 6.34 -21.86
C ILE B 170 26.97 5.32 -20.91
N LYS B 171 27.18 5.74 -19.67
CA LYS B 171 27.64 4.87 -18.59
C LYS B 171 26.67 4.99 -17.42
N ILE B 172 26.34 3.85 -16.82
CA ILE B 172 25.38 3.80 -15.73
C ILE B 172 26.01 3.02 -14.57
N ARG B 173 25.93 3.58 -13.37
CA ARG B 173 26.37 2.90 -12.16
C ARG B 173 25.16 2.36 -11.41
N ARG B 174 25.27 1.16 -10.89
CA ARG B 174 24.12 0.45 -10.34
C ARG B 174 24.57 -0.57 -9.31
N GLU B 175 23.60 -1.13 -8.61
CA GLU B 175 23.81 -2.24 -7.69
C GLU B 175 23.72 -3.56 -8.44
N SER B 176 24.17 -4.63 -7.78
CA SER B 176 24.14 -5.95 -8.39
C SER B 176 22.71 -6.46 -8.56
N ARG B 177 21.76 -5.99 -7.75
CA ARG B 177 20.38 -6.43 -7.87
C ARG B 177 19.67 -5.81 -9.06
N HIS B 178 20.33 -4.93 -9.81
CA HIS B 178 19.74 -4.25 -10.94
C HIS B 178 20.53 -4.54 -12.21
N ILE B 179 19.83 -4.44 -13.35
CA ILE B 179 20.48 -4.35 -14.65
C ILE B 179 20.34 -2.90 -15.13
N ALA B 180 21.10 -2.56 -16.16
CA ALA B 180 21.03 -1.24 -16.76
C ALA B 180 20.87 -1.40 -18.27
N LEU B 181 19.82 -0.78 -18.80
CA LEU B 181 19.54 -0.81 -20.23
C LEU B 181 19.65 0.59 -20.81
N SER B 182 20.08 0.66 -22.06
CA SER B 182 20.19 1.94 -22.75
C SER B 182 19.92 1.71 -24.23
N ASN B 183 20.20 2.73 -25.05
CA ASN B 183 19.97 2.63 -26.49
C ASN B 183 20.77 1.48 -27.10
N MET B 184 22.06 1.41 -26.78
CA MET B 184 22.98 0.51 -27.43
C MET B 184 23.30 -0.70 -26.56
N PRO B 185 23.87 -1.76 -27.13
CA PRO B 185 24.26 -2.92 -26.30
C PRO B 185 25.31 -2.55 -25.27
N LYS B 186 25.34 -3.31 -24.18
CA LYS B 186 26.35 -3.15 -23.15
C LYS B 186 27.65 -3.79 -23.62
N VAL B 187 28.73 -3.00 -23.67
CA VAL B 187 30.00 -3.52 -24.15
C VAL B 187 30.81 -4.18 -23.04
N LYS B 188 30.70 -3.70 -21.81
CA LYS B 188 31.44 -4.26 -20.69
C LYS B 188 30.84 -3.76 -19.39
N THR B 189 31.09 -4.51 -18.32
CA THR B 189 30.68 -4.17 -16.97
C THR B 189 31.92 -4.16 -16.07
N ILE B 190 32.10 -3.07 -15.34
CA ILE B 190 33.26 -2.91 -14.46
C ILE B 190 32.79 -3.02 -13.02
N GLU B 191 33.52 -3.82 -12.23
CA GLU B 191 33.25 -3.95 -10.81
C GLU B 191 34.04 -2.90 -10.05
N LEU B 192 33.37 -2.20 -9.13
CA LEU B 192 34.01 -1.13 -8.37
C LEU B 192 34.37 -1.62 -6.97
N GLU B 193 35.24 -0.85 -6.31
CA GLU B 193 35.76 -1.24 -5.01
C GLU B 193 34.64 -1.45 -4.00
N GLY B 194 33.74 -0.48 -3.87
CA GLY B 194 32.66 -0.56 -2.90
C GLY B 194 31.66 -1.67 -3.16
N GLY B 195 31.74 -2.33 -4.31
CA GLY B 195 30.81 -3.40 -4.66
C GLY B 195 29.81 -3.04 -5.72
N LEU B 196 29.73 -1.77 -6.12
CA LEU B 196 28.83 -1.38 -7.19
C LEU B 196 29.37 -1.84 -8.54
N LEU B 197 28.54 -1.67 -9.57
CA LEU B 197 28.90 -2.02 -10.93
C LEU B 197 28.63 -0.83 -11.84
N GLU B 198 29.39 -0.75 -12.93
CA GLU B 198 29.28 0.35 -13.89
C GLU B 198 29.22 -0.22 -15.28
N ASP B 199 28.10 0.01 -15.96
CA ASP B 199 27.87 -0.52 -17.31
C ASP B 199 28.26 0.51 -18.35
N HIS B 200 29.05 0.09 -19.33
CA HIS B 200 29.45 0.92 -20.46
C HIS B 200 28.71 0.46 -21.70
N PHE B 201 28.07 1.38 -22.39
CA PHE B 201 27.28 1.08 -23.58
C PHE B 201 27.99 1.60 -24.83
N GLU B 202 27.75 0.92 -25.94
CA GLU B 202 28.33 1.31 -27.21
C GLU B 202 27.89 2.73 -27.59
N THR B 203 28.77 3.44 -28.28
CA THR B 203 28.43 4.79 -28.73
C THR B 203 27.29 4.72 -29.73
N THR B 204 26.26 5.53 -29.49
CA THR B 204 25.12 5.56 -30.39
C THR B 204 25.51 6.15 -31.75
N VAL B 205 24.63 5.94 -32.72
CA VAL B 205 24.73 6.63 -34.00
C VAL B 205 24.20 8.06 -33.80
N LYS B 206 24.26 8.87 -34.85
CA LYS B 206 23.71 10.22 -34.78
C LYS B 206 22.20 10.15 -34.53
N MET B 207 21.75 10.87 -33.50
CA MET B 207 20.34 10.87 -33.15
C MET B 207 20.04 12.09 -32.29
N SER B 208 18.75 12.39 -32.17
CA SER B 208 18.30 13.55 -31.42
C SER B 208 18.25 13.24 -29.93
N THR B 209 18.26 14.29 -29.12
CA THR B 209 18.33 14.13 -27.67
C THR B 209 17.10 13.44 -27.10
N TYR B 210 15.94 13.62 -27.73
CA TYR B 210 14.71 13.06 -27.17
C TYR B 210 14.65 11.53 -27.28
N LEU B 211 15.59 10.90 -27.98
CA LEU B 211 15.64 9.46 -28.08
C LEU B 211 16.65 8.82 -27.13
N VAL B 212 17.43 9.62 -26.40
CA VAL B 212 18.33 9.07 -25.40
C VAL B 212 17.52 8.40 -24.31
N ALA B 213 17.95 7.22 -23.90
CA ALA B 213 17.22 6.47 -22.90
C ALA B 213 18.17 5.64 -22.06
N TYR B 214 17.84 5.50 -20.78
CA TYR B 214 18.53 4.57 -19.89
C TYR B 214 17.59 4.18 -18.78
N ILE B 215 17.63 2.90 -18.40
CA ILE B 215 16.71 2.33 -17.42
C ILE B 215 17.52 1.50 -16.43
N VAL B 216 17.16 1.59 -15.16
CA VAL B 216 17.72 0.75 -14.10
C VAL B 216 16.57 -0.02 -13.47
N CYS B 217 16.62 -1.34 -13.57
CA CYS B 217 15.52 -2.19 -13.10
C CYS B 217 16.07 -3.59 -12.85
N ASP B 218 15.16 -4.52 -12.54
CA ASP B 218 15.49 -5.92 -12.30
C ASP B 218 14.57 -6.83 -13.11
N PHE B 219 14.28 -6.43 -14.35
CA PHE B 219 13.33 -7.14 -15.18
C PHE B 219 13.96 -8.40 -15.75
N HIS B 220 13.10 -9.35 -16.13
CA HIS B 220 13.48 -10.53 -16.89
C HIS B 220 13.08 -10.34 -18.35
N SER B 221 13.64 -11.17 -19.21
CA SER B 221 13.46 -11.00 -20.65
C SER B 221 13.32 -12.34 -21.34
N LEU B 222 12.66 -12.30 -22.49
CA LEU B 222 12.67 -13.39 -23.46
C LEU B 222 13.32 -12.87 -24.75
N SER B 223 14.17 -13.69 -25.35
CA SER B 223 15.02 -13.25 -26.44
C SER B 223 14.79 -14.07 -27.68
N GLY B 224 15.05 -13.46 -28.83
CA GLY B 224 14.97 -14.11 -30.12
C GLY B 224 15.77 -13.32 -31.14
N PHE B 225 16.03 -13.97 -32.27
CA PHE B 225 16.84 -13.37 -33.33
C PHE B 225 16.04 -13.28 -34.61
N THR B 226 16.11 -12.12 -35.26
CA THR B 226 15.47 -11.92 -36.55
C THR B 226 16.27 -12.63 -37.64
N SER B 227 15.77 -12.56 -38.88
CA SER B 227 16.52 -13.14 -39.99
C SER B 227 17.83 -12.39 -40.22
N SER B 228 17.90 -11.12 -39.84
CA SER B 228 19.09 -10.31 -39.99
C SER B 228 20.00 -10.36 -38.77
N GLY B 229 19.71 -11.25 -37.81
CA GLY B 229 20.58 -11.41 -36.66
C GLY B 229 20.35 -10.41 -35.54
N VAL B 230 19.33 -9.57 -35.64
CA VAL B 230 19.05 -8.61 -34.57
C VAL B 230 18.52 -9.34 -33.36
N LYS B 231 19.14 -9.13 -32.21
CA LYS B 231 18.69 -9.73 -30.96
C LYS B 231 17.55 -8.89 -30.41
N VAL B 232 16.33 -9.42 -30.49
CA VAL B 232 15.15 -8.76 -29.94
C VAL B 232 14.88 -9.34 -28.56
N SER B 233 14.72 -8.45 -27.58
CA SER B 233 14.42 -8.87 -26.21
C SER B 233 13.22 -8.09 -25.71
N ILE B 234 12.29 -8.79 -25.07
CA ILE B 234 11.10 -8.19 -24.47
C ILE B 234 11.29 -8.22 -22.97
N TYR B 235 11.35 -7.04 -22.36
CA TYR B 235 11.57 -6.91 -20.93
C TYR B 235 10.26 -6.61 -20.21
N ALA B 236 10.08 -7.21 -19.04
CA ALA B 236 8.92 -6.98 -18.20
C ALA B 236 9.26 -7.41 -16.78
N SER B 237 8.38 -7.04 -15.85
CA SER B 237 8.56 -7.44 -14.46
C SER B 237 8.67 -8.96 -14.36
N PRO B 238 9.49 -9.48 -13.44
CA PRO B 238 9.81 -10.92 -13.44
C PRO B 238 8.60 -11.84 -13.44
N ASP B 239 7.56 -11.51 -12.69
CA ASP B 239 6.37 -12.35 -12.61
C ASP B 239 5.47 -12.24 -13.84
N LYS B 240 5.83 -11.42 -14.82
CA LYS B 240 5.03 -11.24 -16.02
C LYS B 240 5.75 -11.70 -17.28
N ARG B 241 6.76 -12.56 -17.14
CA ARG B 241 7.55 -12.97 -18.29
C ARG B 241 6.73 -13.77 -19.29
N ASN B 242 5.75 -14.55 -18.81
CA ASN B 242 4.89 -15.32 -19.70
C ASN B 242 4.09 -14.46 -20.67
N GLN B 243 3.86 -13.19 -20.33
CA GLN B 243 3.05 -12.31 -21.16
C GLN B 243 3.84 -11.64 -22.27
N THR B 244 5.12 -11.95 -22.42
CA THR B 244 5.97 -11.33 -23.43
C THR B 244 6.10 -12.18 -24.69
N HIS B 245 5.45 -13.34 -24.76
CA HIS B 245 5.66 -14.26 -25.86
C HIS B 245 5.22 -13.65 -27.19
N TYR B 246 4.00 -13.10 -27.24
CA TYR B 246 3.51 -12.55 -28.49
C TYR B 246 4.31 -11.32 -28.92
N ALA B 247 4.71 -10.49 -27.96
CA ALA B 247 5.51 -9.31 -28.28
C ALA B 247 6.79 -9.69 -29.01
N LEU B 248 7.43 -10.78 -28.57
CA LEU B 248 8.62 -11.26 -29.27
C LEU B 248 8.27 -11.74 -30.67
N GLN B 249 7.22 -12.55 -30.80
CA GLN B 249 6.82 -13.07 -32.11
C GLN B 249 6.45 -11.92 -33.04
N ALA B 250 5.68 -10.95 -32.56
CA ALA B 250 5.26 -9.84 -33.41
C ALA B 250 6.44 -8.94 -33.77
N SER B 251 7.33 -8.68 -32.81
CA SER B 251 8.48 -7.83 -33.10
C SER B 251 9.42 -8.48 -34.11
N LEU B 252 9.66 -9.79 -33.99
CA LEU B 252 10.51 -10.48 -34.94
C LEU B 252 9.94 -10.41 -36.35
N LYS B 253 8.64 -10.71 -36.48
CA LYS B 253 8.00 -10.69 -37.80
C LYS B 253 7.99 -9.28 -38.39
N LEU B 254 7.67 -8.28 -37.57
CA LEU B 254 7.52 -6.92 -38.08
C LEU B 254 8.86 -6.31 -38.45
N LEU B 255 9.90 -6.57 -37.65
CA LEU B 255 11.22 -6.01 -37.95
C LEU B 255 11.77 -6.59 -39.24
N ASP B 256 11.58 -7.89 -39.48
CA ASP B 256 11.99 -8.48 -40.75
C ASP B 256 11.22 -7.86 -41.91
N PHE B 257 9.92 -7.65 -41.74
CA PHE B 257 9.13 -7.02 -42.78
C PHE B 257 9.61 -5.59 -43.04
N TYR B 258 9.87 -4.83 -41.97
CA TYR B 258 10.32 -3.45 -42.14
C TYR B 258 11.66 -3.39 -42.86
N GLU B 259 12.55 -4.35 -42.58
CA GLU B 259 13.83 -4.37 -43.26
C GLU B 259 13.67 -4.64 -44.75
N LYS B 260 12.81 -5.59 -45.12
CA LYS B 260 12.58 -5.87 -46.53
C LYS B 260 11.80 -4.74 -47.20
N TYR B 261 10.75 -4.26 -46.54
CA TYR B 261 9.89 -3.23 -47.14
C TYR B 261 10.64 -1.92 -47.34
N PHE B 262 11.35 -1.46 -46.31
CA PHE B 262 12.12 -0.23 -46.40
C PHE B 262 13.44 -0.43 -47.14
N ASP B 263 13.87 -1.67 -47.33
CA ASP B 263 15.17 -2.00 -47.95
C ASP B 263 16.32 -1.35 -47.18
N ILE B 264 16.14 -1.15 -45.89
CA ILE B 264 17.15 -0.57 -45.01
C ILE B 264 17.20 -1.40 -43.74
N TYR B 265 18.36 -1.99 -43.45
CA TYR B 265 18.52 -2.79 -42.25
C TYR B 265 18.37 -1.93 -40.99
N TYR B 266 17.87 -2.54 -39.94
CA TYR B 266 17.94 -1.93 -38.62
C TYR B 266 19.40 -1.84 -38.22
N PRO B 267 19.93 -0.64 -37.96
CA PRO B 267 21.39 -0.47 -37.88
C PRO B 267 22.02 -0.94 -36.58
N LEU B 268 21.24 -1.23 -35.55
CA LEU B 268 21.79 -1.60 -34.26
C LEU B 268 21.79 -3.12 -34.09
N SER B 269 22.66 -3.60 -33.21
CA SER B 269 22.79 -5.03 -32.99
C SER B 269 21.59 -5.61 -32.24
N LYS B 270 21.01 -4.84 -31.33
CA LYS B 270 19.90 -5.31 -30.53
C LYS B 270 18.75 -4.31 -30.59
N LEU B 271 17.56 -4.80 -30.25
CA LEU B 271 16.38 -3.97 -30.10
C LEU B 271 15.59 -4.47 -28.91
N ASP B 272 15.47 -3.62 -27.88
CA ASP B 272 14.78 -3.98 -26.66
C ASP B 272 13.40 -3.35 -26.62
N LEU B 273 12.43 -4.11 -26.12
CA LEU B 273 11.08 -3.63 -25.85
C LEU B 273 10.76 -3.91 -24.40
N ILE B 274 10.48 -2.86 -23.64
CA ILE B 274 10.32 -2.98 -22.19
C ILE B 274 8.97 -2.40 -21.79
N ALA B 275 8.23 -3.13 -20.97
CA ALA B 275 6.93 -2.69 -20.48
C ALA B 275 7.12 -1.94 -19.16
N ILE B 276 6.93 -0.62 -19.20
CA ILE B 276 7.13 0.20 -18.02
C ILE B 276 5.82 0.26 -17.24
N PRO B 277 5.84 -0.04 -15.94
CA PRO B 277 4.58 -0.07 -15.17
C PRO B 277 3.91 1.29 -15.05
N ASP B 278 4.68 2.37 -15.00
CA ASP B 278 4.13 3.73 -14.95
C ASP B 278 4.61 4.47 -16.20
N PHE B 279 3.71 4.61 -17.17
CA PHE B 279 4.08 5.20 -18.46
C PHE B 279 2.87 5.95 -19.01
N ALA B 280 3.10 7.18 -19.49
CA ALA B 280 2.00 8.04 -19.89
C ALA B 280 1.50 7.77 -21.31
N PRO B 281 2.34 7.81 -22.35
CA PRO B 281 1.84 7.50 -23.70
C PRO B 281 1.73 5.99 -23.88
N GLY B 282 1.27 5.59 -25.06
CA GLY B 282 1.22 4.17 -25.38
C GLY B 282 2.61 3.54 -25.41
N ALA B 283 3.59 4.28 -25.91
CA ALA B 283 4.96 3.80 -26.06
C ALA B 283 5.85 4.97 -26.46
N MET B 284 7.16 4.72 -26.46
CA MET B 284 8.15 5.71 -26.86
C MET B 284 9.26 5.01 -27.62
N GLU B 285 9.59 5.56 -28.79
CA GLU B 285 10.45 4.88 -29.77
C GLU B 285 11.93 5.11 -29.55
N ASN B 286 12.41 5.15 -28.30
CA ASN B 286 13.83 5.30 -28.05
C ASN B 286 14.63 4.23 -28.79
N TRP B 287 15.58 4.68 -29.61
CA TRP B 287 16.33 3.81 -30.50
C TRP B 287 17.02 2.67 -29.75
N GLY B 288 16.58 1.44 -29.99
CA GLY B 288 17.16 0.28 -29.35
C GLY B 288 16.59 -0.05 -27.98
N LEU B 289 15.71 0.79 -27.44
CA LEU B 289 15.13 0.57 -26.11
C LEU B 289 13.74 1.21 -26.12
N ILE B 290 12.80 0.52 -26.77
CA ILE B 290 11.44 1.04 -26.92
C ILE B 290 10.66 0.76 -25.63
N THR B 291 10.24 1.83 -24.97
CA THR B 291 9.42 1.72 -23.77
C THR B 291 7.94 1.64 -24.13
N TYR B 292 7.19 0.90 -23.34
CA TYR B 292 5.78 0.63 -23.62
C TYR B 292 4.96 0.74 -22.35
N ARG B 293 3.67 1.00 -22.53
CA ARG B 293 2.70 0.70 -21.48
C ARG B 293 2.46 -0.80 -21.48
N GLU B 294 2.18 -1.35 -20.29
CA GLU B 294 1.96 -2.79 -20.18
C GLU B 294 0.80 -3.24 -21.03
N THR B 295 -0.23 -2.40 -21.19
CA THR B 295 -1.35 -2.72 -22.07
C THR B 295 -0.97 -2.62 -23.55
N SER B 296 0.16 -2.02 -23.88
CA SER B 296 0.61 -1.90 -25.26
C SER B 296 1.58 -3.00 -25.68
N LEU B 297 2.12 -3.77 -24.73
CA LEU B 297 3.14 -4.75 -25.05
C LEU B 297 2.78 -6.15 -24.59
N LEU B 298 2.30 -6.27 -23.35
CA LEU B 298 2.06 -7.58 -22.76
C LEU B 298 0.72 -8.14 -23.22
N PHE B 299 0.67 -9.47 -23.33
CA PHE B 299 -0.53 -10.17 -23.75
C PHE B 299 -0.69 -11.44 -22.94
N ASP B 300 -1.89 -11.64 -22.39
CA ASP B 300 -2.21 -12.84 -21.63
C ASP B 300 -3.40 -13.54 -22.26
N PRO B 301 -3.22 -14.74 -22.82
CA PRO B 301 -4.35 -15.40 -23.53
C PRO B 301 -5.57 -15.63 -22.66
N LYS B 302 -5.43 -15.64 -21.34
CA LYS B 302 -6.56 -15.89 -20.47
C LYS B 302 -7.40 -14.64 -20.22
N THR B 303 -6.78 -13.45 -20.26
CA THR B 303 -7.47 -12.22 -19.93
C THR B 303 -7.37 -11.14 -21.01
N SER B 304 -6.67 -11.40 -22.11
CA SER B 304 -6.51 -10.43 -23.19
C SER B 304 -7.33 -10.89 -24.39
N SER B 305 -8.23 -10.03 -24.85
CA SER B 305 -9.11 -10.37 -25.96
C SER B 305 -8.37 -10.26 -27.29
N ALA B 306 -9.07 -10.57 -28.39
CA ALA B 306 -8.47 -10.44 -29.71
C ALA B 306 -8.26 -8.98 -30.08
N SER B 307 -9.14 -8.08 -29.62
CA SER B 307 -8.92 -6.66 -29.86
C SER B 307 -7.71 -6.15 -29.09
N ASP B 308 -7.46 -6.68 -27.89
CA ASP B 308 -6.21 -6.40 -27.20
C ASP B 308 -5.03 -6.92 -28.01
N LYS B 309 -5.17 -8.11 -28.58
CA LYS B 309 -4.12 -8.65 -29.45
C LYS B 309 -3.87 -7.73 -30.64
N LEU B 310 -4.95 -7.23 -31.25
CA LEU B 310 -4.80 -6.29 -32.36
C LEU B 310 -4.14 -4.99 -31.90
N TRP B 311 -4.50 -4.52 -30.71
CA TRP B 311 -3.95 -3.28 -30.19
C TRP B 311 -2.44 -3.40 -29.96
N VAL B 312 -2.01 -4.47 -29.30
CA VAL B 312 -0.59 -4.67 -29.06
C VAL B 312 0.18 -4.73 -30.37
N THR B 313 -0.39 -5.38 -31.38
CA THR B 313 0.26 -5.46 -32.68
C THR B 313 0.40 -4.08 -33.31
N ARG B 314 -0.60 -3.21 -33.11
CA ARG B 314 -0.52 -1.86 -33.67
C ARG B 314 0.62 -1.07 -33.07
N VAL B 315 0.75 -1.10 -31.74
CA VAL B 315 1.76 -0.27 -31.07
C VAL B 315 3.16 -0.76 -31.41
N ILE B 316 3.37 -2.07 -31.41
CA ILE B 316 4.67 -2.62 -31.78
C ILE B 316 5.02 -2.21 -33.21
N ALA B 317 4.08 -2.42 -34.14
CA ALA B 317 4.29 -1.98 -35.52
C ALA B 317 4.47 -0.46 -35.60
N HIS B 318 3.81 0.27 -34.71
CA HIS B 318 3.95 1.73 -34.70
C HIS B 318 5.35 2.14 -34.26
N GLU B 319 5.87 1.52 -33.20
CA GLU B 319 7.17 1.91 -32.68
C GLU B 319 8.32 1.34 -33.51
N LEU B 320 8.16 0.14 -34.07
CA LEU B 320 9.21 -0.40 -34.93
C LEU B 320 9.31 0.39 -36.22
N ALA B 321 8.18 0.89 -36.74
CA ALA B 321 8.23 1.77 -37.90
C ALA B 321 8.94 3.08 -37.56
N HIS B 322 8.88 3.50 -36.29
CA HIS B 322 9.56 4.72 -35.88
C HIS B 322 11.07 4.58 -35.96
N GLN B 323 11.61 3.36 -35.89
CA GLN B 323 13.04 3.17 -36.03
C GLN B 323 13.56 3.70 -37.35
N TRP B 324 12.70 3.71 -38.38
CA TRP B 324 13.00 4.37 -39.65
C TRP B 324 12.38 5.76 -39.71
N PHE B 325 11.05 5.85 -39.58
CA PHE B 325 10.35 7.13 -39.57
C PHE B 325 10.36 7.68 -38.14
N GLY B 326 11.46 8.35 -37.81
CA GLY B 326 11.61 8.91 -36.48
C GLY B 326 13.04 8.87 -35.98
N ASN B 327 13.59 7.66 -35.87
CA ASN B 327 14.96 7.50 -35.40
C ASN B 327 15.96 7.69 -36.53
N LEU B 328 15.83 6.89 -37.59
CA LEU B 328 16.70 7.04 -38.75
C LEU B 328 16.52 8.40 -39.42
N VAL B 329 15.27 8.75 -39.74
CA VAL B 329 14.95 10.04 -40.32
C VAL B 329 14.04 10.78 -39.34
N THR B 330 14.49 11.94 -38.89
CA THR B 330 13.79 12.75 -37.90
C THR B 330 13.37 14.07 -38.52
N MET B 331 12.30 14.65 -38.01
CA MET B 331 11.86 15.95 -38.50
C MET B 331 12.84 17.04 -38.06
N GLU B 332 12.88 18.12 -38.83
CA GLU B 332 13.73 19.25 -38.48
C GLU B 332 13.23 19.92 -37.20
N TRP B 333 11.95 20.27 -37.15
CA TRP B 333 11.37 20.93 -35.99
C TRP B 333 9.98 20.37 -35.75
N TRP B 334 9.50 20.57 -34.51
CA TRP B 334 8.24 19.97 -34.07
C TRP B 334 7.03 20.44 -34.87
N ASN B 335 7.17 21.49 -35.69
CA ASN B 335 6.08 21.90 -36.56
C ASN B 335 5.68 20.78 -37.51
N ASP B 336 6.64 19.95 -37.91
CA ASP B 336 6.39 18.80 -38.78
C ASP B 336 6.48 17.49 -38.01
N ILE B 337 5.92 17.48 -36.80
CA ILE B 337 5.90 16.27 -35.98
C ILE B 337 5.17 15.15 -36.70
N TRP B 338 4.25 15.49 -37.61
CA TRP B 338 3.49 14.48 -38.34
C TRP B 338 4.37 13.64 -39.24
N LEU B 339 5.57 14.11 -39.57
CA LEU B 339 6.48 13.29 -40.38
C LEU B 339 6.84 11.98 -39.67
N ASN B 340 6.88 11.99 -38.35
CA ASN B 340 7.10 10.76 -37.57
C ASN B 340 5.78 10.07 -37.23
N GLU B 341 4.88 10.79 -36.55
CA GLU B 341 3.68 10.15 -36.03
C GLU B 341 2.70 9.80 -37.13
N GLY B 342 2.60 10.65 -38.15
CA GLY B 342 1.72 10.34 -39.27
C GLY B 342 2.18 9.14 -40.07
N PHE B 343 3.49 9.03 -40.31
CA PHE B 343 4.01 7.89 -41.04
C PHE B 343 3.98 6.62 -40.19
N ALA B 344 4.33 6.73 -38.92
CA ALA B 344 4.26 5.56 -38.03
C ALA B 344 2.83 5.07 -37.88
N LYS B 345 1.87 6.01 -37.76
CA LYS B 345 0.46 5.64 -37.74
C LYS B 345 0.06 4.99 -39.06
N TYR B 346 0.58 5.50 -40.18
CA TYR B 346 0.28 4.92 -41.48
C TYR B 346 0.88 3.52 -41.63
N MET B 347 2.16 3.37 -41.22
CA MET B 347 2.83 2.09 -41.40
C MET B 347 2.19 0.97 -40.59
N GLU B 348 1.40 1.31 -39.58
CA GLU B 348 0.58 0.30 -38.90
C GLU B 348 -0.30 -0.44 -39.90
N LEU B 349 -0.97 0.30 -40.77
CA LEU B 349 -1.83 -0.31 -41.79
C LEU B 349 -1.04 -1.24 -42.69
N ILE B 350 0.11 -0.77 -43.19
CA ILE B 350 0.88 -1.57 -44.15
C ILE B 350 1.48 -2.79 -43.46
N ALA B 351 2.10 -2.60 -42.30
CA ALA B 351 2.84 -3.69 -41.67
C ALA B 351 1.92 -4.75 -41.09
N VAL B 352 0.91 -4.33 -40.32
CA VAL B 352 0.03 -5.29 -39.66
C VAL B 352 -0.76 -6.09 -40.69
N ASN B 353 -1.27 -5.41 -41.72
CA ASN B 353 -2.05 -6.12 -42.74
C ASN B 353 -1.18 -7.06 -43.56
N ALA B 354 0.10 -6.73 -43.72
CA ALA B 354 0.99 -7.61 -44.47
C ALA B 354 1.56 -8.73 -43.61
N THR B 355 1.79 -8.47 -42.32
CA THR B 355 2.37 -9.47 -41.43
C THR B 355 1.31 -10.31 -40.73
N TYR B 356 0.19 -9.69 -40.36
CA TYR B 356 -0.93 -10.37 -39.69
C TYR B 356 -2.21 -10.02 -40.43
N PRO B 357 -2.40 -10.54 -41.64
CA PRO B 357 -3.63 -10.24 -42.39
C PRO B 357 -4.88 -10.79 -41.73
N GLU B 358 -4.75 -11.81 -40.87
CA GLU B 358 -5.92 -12.35 -40.18
C GLU B 358 -6.53 -11.37 -39.20
N LEU B 359 -5.76 -10.37 -38.73
CA LEU B 359 -6.30 -9.37 -37.84
C LEU B 359 -7.24 -8.40 -38.55
N GLN B 360 -7.22 -8.38 -39.88
CA GLN B 360 -8.14 -7.56 -40.68
C GLN B 360 -8.08 -6.08 -40.30
N PHE B 361 -6.86 -5.59 -40.02
CA PHE B 361 -6.70 -4.20 -39.64
C PHE B 361 -7.03 -3.23 -40.78
N ASP B 362 -7.07 -3.71 -42.01
CA ASP B 362 -7.36 -2.83 -43.14
C ASP B 362 -8.78 -2.28 -43.07
N ASP B 363 -9.71 -3.04 -42.49
CA ASP B 363 -11.08 -2.54 -42.33
C ASP B 363 -11.20 -1.61 -41.13
N TYR B 364 -10.39 -1.83 -40.08
CA TYR B 364 -10.45 -1.00 -38.89
C TYR B 364 -9.79 0.36 -39.06
N PHE B 365 -8.99 0.54 -40.11
CA PHE B 365 -8.28 1.80 -40.30
C PHE B 365 -9.22 2.95 -40.62
N LEU B 366 -10.43 2.66 -41.14
CA LEU B 366 -11.39 3.72 -41.42
C LEU B 366 -11.78 4.47 -40.15
N ASN B 367 -11.80 3.79 -39.00
CA ASN B 367 -12.14 4.45 -37.75
C ASN B 367 -11.10 5.51 -37.39
N VAL B 368 -9.84 5.31 -37.78
CA VAL B 368 -8.81 6.31 -37.51
C VAL B 368 -9.13 7.62 -38.19
N CYS B 369 -9.59 7.56 -39.46
CA CYS B 369 -9.88 8.78 -40.19
C CYS B 369 -11.19 9.40 -39.74
N PHE B 370 -12.21 8.58 -39.50
CA PHE B 370 -13.49 9.10 -39.02
C PHE B 370 -13.36 9.77 -37.66
N GLU B 371 -12.42 9.30 -36.83
CA GLU B 371 -12.26 9.86 -35.49
C GLU B 371 -11.72 11.28 -35.55
N VAL B 372 -10.75 11.55 -36.41
CA VAL B 372 -10.19 12.89 -36.49
C VAL B 372 -11.13 13.84 -37.23
N ILE B 373 -11.98 13.31 -38.11
CA ILE B 373 -12.96 14.15 -38.81
C ILE B 373 -13.88 14.83 -37.81
N THR B 374 -14.18 14.17 -36.69
CA THR B 374 -15.02 14.77 -35.67
C THR B 374 -14.44 16.10 -35.19
N LYS B 375 -13.14 16.13 -34.90
CA LYS B 375 -12.50 17.36 -34.47
C LYS B 375 -12.11 18.25 -35.66
N ASP B 376 -11.80 17.65 -36.81
CA ASP B 376 -11.40 18.43 -37.97
C ASP B 376 -12.57 19.16 -38.63
N SER B 377 -13.80 18.68 -38.42
CA SER B 377 -14.98 19.35 -38.96
C SER B 377 -15.40 20.55 -38.12
N LEU B 378 -14.71 20.81 -37.01
CA LEU B 378 -14.97 21.98 -36.18
C LEU B 378 -14.01 23.10 -36.54
N ASN B 379 -14.40 24.33 -36.21
CA ASN B 379 -13.57 25.49 -36.53
C ASN B 379 -12.33 25.54 -35.66
N SER B 380 -12.37 24.95 -34.47
CA SER B 380 -11.25 24.94 -33.54
C SER B 380 -10.13 24.00 -33.98
N SER B 381 -10.14 23.49 -35.20
CA SER B 381 -9.09 22.59 -35.68
C SER B 381 -7.83 23.41 -35.99
N ARG B 382 -6.83 22.76 -36.58
CA ARG B 382 -5.56 23.40 -36.89
C ARG B 382 -4.97 22.71 -38.10
N PRO B 383 -4.11 23.39 -38.85
CA PRO B 383 -3.35 22.69 -39.90
C PRO B 383 -2.37 21.70 -39.27
N ILE B 384 -2.10 20.63 -40.03
CA ILE B 384 -1.29 19.55 -39.48
C ILE B 384 0.15 19.99 -39.25
N SER B 385 0.64 20.95 -40.05
CA SER B 385 1.97 21.52 -39.87
C SER B 385 1.80 22.97 -39.42
N LYS B 386 2.17 23.25 -38.17
CA LYS B 386 1.99 24.57 -37.58
C LYS B 386 3.16 24.85 -36.65
N PRO B 387 3.73 26.06 -36.71
CA PRO B 387 4.88 26.37 -35.85
C PRO B 387 4.52 26.28 -34.37
N ALA B 388 5.50 25.92 -33.56
CA ALA B 388 5.32 25.78 -32.13
C ALA B 388 6.62 26.18 -31.43
N GLU B 389 6.48 26.86 -30.28
CA GLU B 389 7.63 27.39 -29.57
C GLU B 389 7.70 26.87 -28.14
N THR B 390 6.74 27.21 -27.28
CA THR B 390 6.80 26.81 -25.89
C THR B 390 6.64 25.30 -25.75
N PRO B 391 7.15 24.72 -24.66
CA PRO B 391 6.96 23.27 -24.45
C PRO B 391 5.50 22.84 -24.44
N THR B 392 4.61 23.67 -23.90
CA THR B 392 3.19 23.32 -23.86
C THR B 392 2.61 23.21 -25.26
N GLN B 393 2.92 24.20 -26.12
CA GLN B 393 2.42 24.16 -27.49
C GLN B 393 2.99 22.97 -28.26
N ILE B 394 4.24 22.61 -28.00
CA ILE B 394 4.84 21.47 -28.68
C ILE B 394 4.14 20.17 -28.25
N GLN B 395 3.79 20.06 -26.97
CA GLN B 395 3.04 18.89 -26.51
C GLN B 395 1.67 18.82 -27.16
N GLU B 396 1.04 19.97 -27.40
CA GLU B 396 -0.26 19.99 -28.06
C GLU B 396 -0.19 19.51 -29.50
N MET B 397 1.01 19.47 -30.10
CA MET B 397 1.15 18.95 -31.46
C MET B 397 0.93 17.46 -31.52
N PHE B 398 1.00 16.75 -30.40
CA PHE B 398 0.78 15.31 -30.36
C PHE B 398 -0.72 15.06 -30.16
N ASP B 399 -1.48 15.27 -31.25
CA ASP B 399 -2.92 15.10 -31.20
C ASP B 399 -3.41 14.29 -32.39
N GLU B 400 -4.73 14.20 -32.56
CA GLU B 400 -5.30 13.42 -33.65
C GLU B 400 -4.99 14.02 -35.02
N VAL B 401 -4.64 15.30 -35.08
CA VAL B 401 -4.32 15.91 -36.36
C VAL B 401 -2.98 15.42 -36.88
N SER B 402 -1.98 15.35 -36.00
CA SER B 402 -0.67 14.84 -36.41
C SER B 402 -0.72 13.33 -36.67
N TYR B 403 -1.36 12.58 -35.77
CA TYR B 403 -1.41 11.13 -35.89
C TYR B 403 -2.40 10.69 -36.96
N ASN B 404 -3.71 10.87 -36.69
CA ASN B 404 -4.73 10.29 -37.54
C ASN B 404 -4.77 10.97 -38.90
N LYS B 405 -4.91 12.30 -38.92
CA LYS B 405 -5.02 13.01 -40.19
C LYS B 405 -3.77 12.83 -41.05
N GLY B 406 -2.60 12.72 -40.41
CA GLY B 406 -1.39 12.45 -41.17
C GLY B 406 -1.39 11.10 -41.85
N ALA B 407 -1.83 10.06 -41.13
CA ALA B 407 -1.88 8.72 -41.71
C ALA B 407 -2.92 8.65 -42.83
N CYS B 408 -4.03 9.37 -42.68
CA CYS B 408 -5.12 9.23 -43.64
C CYS B 408 -4.79 9.94 -44.96
N ILE B 409 -4.07 11.06 -44.90
CA ILE B 409 -3.64 11.72 -46.12
C ILE B 409 -2.50 10.97 -46.78
N LEU B 410 -1.74 10.17 -46.01
CA LEU B 410 -0.72 9.32 -46.61
C LEU B 410 -1.34 8.14 -47.35
N ASN B 411 -2.37 7.52 -46.77
CA ASN B 411 -3.08 6.45 -47.46
C ASN B 411 -3.78 6.97 -48.71
N MET B 412 -4.29 8.20 -48.66
CA MET B 412 -4.86 8.81 -49.85
C MET B 412 -3.79 9.06 -50.91
N LEU B 413 -2.61 9.50 -50.49
CA LEU B 413 -1.52 9.72 -51.43
C LEU B 413 -1.02 8.40 -52.01
N LYS B 414 -0.98 7.34 -51.19
CA LYS B 414 -0.55 6.04 -51.67
C LYS B 414 -1.48 5.50 -52.75
N ASP B 415 -2.80 5.57 -52.51
CA ASP B 415 -3.75 5.08 -53.50
C ASP B 415 -3.74 5.93 -54.76
N PHE B 416 -3.38 7.20 -54.65
CA PHE B 416 -3.34 8.07 -55.83
C PHE B 416 -2.13 7.76 -56.71
N LEU B 417 -0.98 7.49 -56.11
CA LEU B 417 0.24 7.23 -56.84
C LEU B 417 0.53 5.74 -57.05
N GLY B 418 -0.19 4.86 -56.36
CA GLY B 418 0.08 3.44 -56.46
C GLY B 418 1.06 2.96 -55.40
N GLU B 419 0.88 1.71 -55.00
CA GLU B 419 1.69 1.14 -53.92
C GLU B 419 3.17 1.10 -54.29
N GLU B 420 3.49 0.64 -55.49
CA GLU B 420 4.89 0.51 -55.89
C GLU B 420 5.56 1.88 -55.99
N LYS B 421 4.90 2.83 -56.65
CA LYS B 421 5.46 4.17 -56.76
C LYS B 421 5.57 4.84 -55.40
N PHE B 422 4.62 4.56 -54.49
CA PHE B 422 4.71 5.11 -53.13
C PHE B 422 5.85 4.44 -52.36
N GLN B 423 5.98 3.12 -52.49
CA GLN B 423 7.08 2.43 -51.81
C GLN B 423 8.44 2.87 -52.33
N LYS B 424 8.56 3.01 -53.66
CA LYS B 424 9.82 3.48 -54.22
C LYS B 424 10.17 4.88 -53.72
N GLY B 425 9.16 5.71 -53.46
CA GLY B 425 9.43 7.06 -52.98
C GLY B 425 9.90 7.09 -51.54
N ILE B 426 9.28 6.30 -50.66
CA ILE B 426 9.65 6.32 -49.26
C ILE B 426 11.00 5.65 -49.04
N ILE B 427 11.35 4.67 -49.88
CA ILE B 427 12.68 4.08 -49.79
C ILE B 427 13.74 5.11 -50.15
N GLN B 428 13.47 5.93 -51.16
CA GLN B 428 14.38 7.01 -51.50
C GLN B 428 14.39 8.09 -50.41
N TYR B 429 13.23 8.36 -49.81
CA TYR B 429 13.15 9.37 -48.77
C TYR B 429 13.95 8.96 -47.54
N LEU B 430 13.82 7.70 -47.12
CA LEU B 430 14.53 7.24 -45.94
C LEU B 430 16.03 7.16 -46.19
N LYS B 431 16.43 6.72 -47.39
CA LYS B 431 17.87 6.63 -47.70
C LYS B 431 18.48 8.00 -47.89
N LYS B 432 17.72 8.97 -48.40
CA LYS B 432 18.27 10.29 -48.68
C LYS B 432 18.55 11.07 -47.40
N PHE B 433 17.72 10.87 -46.37
CA PHE B 433 17.83 11.64 -45.14
C PHE B 433 18.20 10.76 -43.94
N SER B 434 18.85 9.63 -44.18
CA SER B 434 19.29 8.76 -43.09
C SER B 434 20.25 9.50 -42.18
N TYR B 435 20.00 9.40 -40.87
CA TYR B 435 20.80 10.04 -39.83
C TYR B 435 20.83 11.56 -39.99
N ARG B 436 19.81 12.12 -40.65
CA ARG B 436 19.74 13.55 -40.89
C ARG B 436 18.31 13.99 -40.55
N ASN B 437 17.90 15.14 -41.08
CA ASN B 437 16.58 15.70 -40.81
C ASN B 437 15.93 16.12 -42.12
N ALA B 438 14.61 16.25 -42.08
CA ALA B 438 13.84 16.59 -43.27
C ALA B 438 12.64 17.43 -42.86
N LYS B 439 12.08 18.13 -43.84
CA LYS B 439 10.88 18.95 -43.67
C LYS B 439 9.79 18.45 -44.61
N ASN B 440 8.69 19.20 -44.67
CA ASN B 440 7.58 18.81 -45.53
C ASN B 440 8.00 18.75 -47.00
N ASP B 441 8.67 19.81 -47.47
CA ASP B 441 9.09 19.86 -48.87
C ASP B 441 10.04 18.72 -49.21
N ASP B 442 10.85 18.28 -48.25
CA ASP B 442 11.74 17.14 -48.48
C ASP B 442 10.94 15.87 -48.75
N LEU B 443 9.84 15.67 -48.01
CA LEU B 443 9.01 14.49 -48.23
C LEU B 443 8.28 14.55 -49.56
N TRP B 444 7.80 15.73 -49.95
CA TRP B 444 7.10 15.85 -51.22
C TRP B 444 8.02 15.65 -52.40
N SER B 445 9.28 16.10 -52.29
CA SER B 445 10.24 15.94 -53.38
C SER B 445 10.60 14.48 -53.59
N SER B 446 10.74 13.71 -52.51
CA SER B 446 11.09 12.29 -52.65
C SER B 446 9.97 11.51 -53.33
N LEU B 447 8.72 11.79 -52.96
CA LEU B 447 7.59 11.12 -53.61
C LEU B 447 7.29 11.68 -54.99
N SER B 448 7.73 12.90 -55.29
CA SER B 448 7.52 13.46 -56.62
C SER B 448 8.43 12.79 -57.65
N ASN B 449 9.70 12.60 -57.31
CA ASN B 449 10.66 11.99 -58.22
C ASN B 449 10.57 10.48 -58.19
N VAL B 482 2.10 16.97 -57.58
CA VAL B 482 1.77 16.23 -56.38
C VAL B 482 2.23 17.00 -55.14
N LYS B 483 3.21 17.88 -55.33
CA LYS B 483 3.68 18.71 -54.23
C LYS B 483 2.66 19.81 -53.90
N GLU B 484 2.11 20.45 -54.92
CA GLU B 484 1.08 21.46 -54.71
C GLU B 484 -0.19 20.84 -54.15
N MET B 485 -0.44 19.56 -54.42
CA MET B 485 -1.62 18.89 -53.89
C MET B 485 -1.52 18.74 -52.38
N MET B 486 -0.45 18.13 -51.89
CA MET B 486 -0.29 17.93 -50.45
C MET B 486 -0.07 19.23 -49.70
N THR B 487 0.26 20.32 -50.39
CA THR B 487 0.34 21.62 -49.73
C THR B 487 -1.01 22.01 -49.15
N THR B 488 -2.09 21.80 -49.90
CA THR B 488 -3.42 22.16 -49.43
C THR B 488 -3.91 21.24 -48.32
N TRP B 489 -3.33 20.05 -48.19
CA TRP B 489 -3.71 19.11 -47.15
C TRP B 489 -2.90 19.27 -45.86
N THR B 490 -1.81 20.03 -45.90
CA THR B 490 -0.93 20.17 -44.74
C THR B 490 -0.89 21.57 -44.15
N LEU B 491 -1.12 22.61 -44.96
CA LEU B 491 -1.07 23.98 -44.46
C LEU B 491 -2.44 24.59 -44.22
N GLN B 492 -3.52 23.90 -44.60
CA GLN B 492 -4.88 24.38 -44.38
C GLN B 492 -5.60 23.46 -43.41
N LYS B 493 -6.33 24.06 -42.49
CA LYS B 493 -7.13 23.32 -41.52
C LYS B 493 -8.39 22.76 -42.17
N GLY B 494 -9.10 21.92 -41.42
CA GLY B 494 -10.39 21.44 -41.83
C GLY B 494 -10.33 20.34 -42.88
N ILE B 495 -11.51 19.91 -43.31
CA ILE B 495 -11.68 18.83 -44.28
C ILE B 495 -12.68 19.30 -45.33
N PRO B 496 -12.45 19.03 -46.62
CA PRO B 496 -13.40 19.47 -47.64
C PRO B 496 -14.65 18.60 -47.71
N LEU B 497 -15.74 19.21 -48.17
CA LEU B 497 -17.00 18.53 -48.41
C LEU B 497 -17.30 18.58 -49.90
N LEU B 498 -17.49 17.41 -50.51
CA LEU B 498 -17.78 17.32 -51.94
C LEU B 498 -19.28 17.25 -52.16
N VAL B 499 -19.81 18.20 -52.93
CA VAL B 499 -21.22 18.23 -53.30
C VAL B 499 -21.32 17.81 -54.77
N VAL B 500 -22.17 16.82 -55.03
CA VAL B 500 -22.32 16.24 -56.36
C VAL B 500 -23.77 16.42 -56.82
N LYS B 501 -23.93 16.85 -58.07
CA LYS B 501 -25.24 16.97 -58.70
C LYS B 501 -25.23 16.19 -60.00
N GLN B 502 -26.29 15.41 -60.22
CA GLN B 502 -26.38 14.51 -61.37
C GLN B 502 -27.63 14.84 -62.17
N ASP B 503 -27.45 15.15 -63.45
CA ASP B 503 -28.57 15.32 -64.38
C ASP B 503 -28.20 14.64 -65.70
N GLY B 504 -28.95 13.61 -66.06
CA GLY B 504 -28.64 12.86 -67.26
C GLY B 504 -27.28 12.19 -67.15
N CYS B 505 -26.34 12.62 -67.99
CA CYS B 505 -24.97 12.13 -67.94
C CYS B 505 -23.99 13.20 -67.47
N SER B 506 -24.47 14.37 -67.08
CA SER B 506 -23.61 15.45 -66.61
C SER B 506 -23.53 15.40 -65.09
N LEU B 507 -22.31 15.61 -64.57
CA LEU B 507 -22.05 15.58 -63.14
C LEU B 507 -21.40 16.90 -62.74
N ARG B 508 -22.10 17.66 -61.89
CA ARG B 508 -21.57 18.92 -61.37
C ARG B 508 -20.90 18.63 -60.03
N LEU B 509 -19.59 18.79 -59.98
CA LEU B 509 -18.80 18.52 -58.78
C LEU B 509 -18.43 19.84 -58.12
N GLN B 510 -18.82 20.01 -56.87
CA GLN B 510 -18.52 21.21 -56.10
C GLN B 510 -17.89 20.80 -54.77
N GLN B 511 -16.92 21.59 -54.32
CA GLN B 511 -16.24 21.34 -53.05
C GLN B 511 -16.47 22.51 -52.11
N GLU B 512 -16.68 22.19 -50.84
CA GLU B 512 -16.80 23.19 -49.79
C GLU B 512 -15.99 22.72 -48.59
N ARG B 513 -15.82 23.61 -47.63
CA ARG B 513 -15.21 23.26 -46.35
C ARG B 513 -16.29 22.70 -45.44
N PHE B 514 -16.14 21.45 -45.04
CA PHE B 514 -17.14 20.80 -44.20
C PHE B 514 -17.10 21.36 -42.80
N LEU B 515 -18.21 21.93 -42.35
CA LEU B 515 -18.33 22.49 -41.01
C LEU B 515 -19.46 21.79 -40.27
N GLN B 516 -19.20 21.44 -39.02
CA GLN B 516 -20.20 20.79 -38.18
C GLN B 516 -20.93 21.83 -37.34
N GLY B 517 -22.25 21.68 -37.25
CA GLY B 517 -23.07 22.60 -36.50
C GLY B 517 -23.27 23.95 -37.12
N VAL B 518 -22.76 24.18 -38.33
CA VAL B 518 -22.93 25.46 -39.03
C VAL B 518 -23.53 25.16 -40.39
N PHE B 519 -24.78 25.58 -40.60
CA PHE B 519 -25.47 25.37 -41.86
C PHE B 519 -25.14 26.50 -42.83
N GLN B 520 -25.40 26.25 -44.11
CA GLN B 520 -25.11 27.25 -45.13
C GLN B 520 -25.98 28.50 -44.96
N GLU B 521 -27.22 28.32 -44.48
CA GLU B 521 -28.12 29.45 -44.28
C GLU B 521 -27.87 30.16 -42.95
N ASP B 522 -26.82 29.78 -42.21
CA ASP B 522 -26.45 30.44 -40.97
C ASP B 522 -25.56 31.65 -41.27
N PRO B 523 -25.60 32.69 -40.43
CA PRO B 523 -24.79 33.88 -40.70
C PRO B 523 -23.30 33.63 -40.57
N GLU B 524 -22.87 32.67 -39.75
CA GLU B 524 -21.44 32.42 -39.59
C GLU B 524 -20.84 31.67 -40.77
N TRP B 525 -21.64 30.94 -41.54
CA TRP B 525 -21.09 30.17 -42.66
C TRP B 525 -20.61 31.10 -43.76
N ARG B 526 -21.33 32.20 -43.99
CA ARG B 526 -21.00 33.17 -45.03
C ARG B 526 -19.88 34.13 -44.63
N ALA B 527 -19.10 33.78 -43.61
CA ALA B 527 -17.95 34.59 -43.21
C ALA B 527 -16.69 33.79 -42.93
N LEU B 528 -16.78 32.49 -42.65
CA LEU B 528 -15.63 31.64 -42.39
C LEU B 528 -15.27 30.75 -43.57
N GLN B 529 -15.99 30.85 -44.68
CA GLN B 529 -15.79 30.01 -45.86
C GLN B 529 -15.06 30.82 -46.92
N GLU B 530 -13.74 30.64 -47.01
CA GLU B 530 -12.92 31.42 -47.94
C GLU B 530 -11.52 30.84 -47.97
N ARG B 531 -10.89 30.95 -49.14
CA ARG B 531 -9.50 30.52 -49.35
C ARG B 531 -9.27 29.08 -48.90
N TYR B 532 -10.24 28.21 -49.19
CA TYR B 532 -10.09 26.78 -48.96
C TYR B 532 -10.26 26.03 -50.27
N LEU B 533 -9.20 25.38 -50.71
CA LEU B 533 -9.21 24.63 -51.97
C LEU B 533 -8.23 23.47 -51.86
N TRP B 534 -8.66 22.29 -52.27
CA TRP B 534 -7.86 21.08 -52.17
C TRP B 534 -7.76 20.40 -53.53
N HIS B 535 -6.59 19.80 -53.79
CA HIS B 535 -6.41 18.91 -54.94
C HIS B 535 -6.83 17.52 -54.50
N ILE B 536 -8.11 17.20 -54.74
CA ILE B 536 -8.72 15.97 -54.22
C ILE B 536 -8.60 14.89 -55.30
N PRO B 537 -7.93 13.77 -55.02
CA PRO B 537 -7.93 12.65 -55.97
C PRO B 537 -9.23 11.87 -55.93
N LEU B 538 -10.21 12.25 -56.74
CA LEU B 538 -11.51 11.59 -56.69
C LEU B 538 -11.46 10.20 -57.30
N THR B 539 -12.23 9.30 -56.70
CA THR B 539 -12.46 7.96 -57.23
C THR B 539 -13.93 7.64 -57.09
N TYR B 540 -14.52 7.07 -58.13
CA TYR B 540 -15.96 6.81 -58.11
C TYR B 540 -16.28 5.56 -58.93
N SER B 541 -17.45 4.99 -58.64
CA SER B 541 -17.98 3.86 -59.38
C SER B 541 -19.48 4.03 -59.54
N THR B 542 -20.03 3.36 -60.55
CA THR B 542 -21.46 3.44 -60.82
C THR B 542 -22.11 2.07 -60.74
N ASN B 546 -18.41 -1.44 -62.54
CA ASN B 546 -17.78 -1.59 -61.23
C ASN B 546 -16.31 -1.19 -61.31
N VAL B 547 -15.87 -0.82 -62.50
CA VAL B 547 -14.50 -0.38 -62.70
C VAL B 547 -14.27 0.94 -61.99
N ILE B 548 -13.12 1.06 -61.31
CA ILE B 548 -12.81 2.28 -60.57
C ILE B 548 -12.40 3.35 -61.57
N HIS B 549 -12.99 4.54 -61.43
CA HIS B 549 -12.68 5.68 -62.28
C HIS B 549 -12.12 6.81 -61.43
N ARG B 550 -11.11 7.51 -61.96
CA ARG B 550 -10.37 8.50 -61.20
C ARG B 550 -10.37 9.83 -61.93
N HIS B 551 -10.25 10.92 -61.15
CA HIS B 551 -10.19 12.26 -61.71
C HIS B 551 -9.63 13.21 -60.66
N ILE B 552 -8.68 14.05 -61.05
CA ILE B 552 -8.05 15.00 -60.15
C ILE B 552 -8.86 16.30 -60.19
N LEU B 553 -9.42 16.68 -59.05
CA LEU B 553 -10.19 17.91 -58.90
C LEU B 553 -9.28 18.99 -58.32
N LYS B 554 -9.00 20.02 -59.11
CA LYS B 554 -8.12 21.10 -58.70
C LYS B 554 -8.83 22.42 -58.42
N SER B 555 -9.99 22.66 -59.04
CA SER B 555 -10.67 23.93 -58.96
C SER B 555 -11.88 23.86 -58.02
N LYS B 556 -12.54 25.01 -57.86
CA LYS B 556 -13.72 25.07 -56.99
C LYS B 556 -14.92 24.34 -57.59
N THR B 557 -15.05 24.35 -58.92
CA THR B 557 -16.16 23.71 -59.60
C THR B 557 -15.65 23.06 -60.88
N ASP B 558 -16.18 21.88 -61.18
CA ASP B 558 -15.81 21.17 -62.40
C ASP B 558 -16.94 20.22 -62.77
N THR B 559 -16.93 19.77 -64.02
CA THR B 559 -17.97 18.90 -64.55
C THR B 559 -17.33 17.63 -65.11
N LEU B 560 -18.09 16.53 -65.03
CA LEU B 560 -17.65 15.24 -65.52
C LEU B 560 -18.82 14.52 -66.17
N ASP B 561 -18.55 13.81 -67.27
CA ASP B 561 -19.59 13.09 -67.97
C ASP B 561 -19.41 11.58 -67.85
N THR B 566 -26.54 6.40 -65.43
CA THR B 566 -26.61 5.34 -64.42
C THR B 566 -27.63 5.70 -63.34
N SER B 567 -28.02 4.69 -62.56
CA SER B 567 -28.99 4.92 -61.50
C SER B 567 -28.38 5.62 -60.29
N TRP B 568 -27.10 5.37 -60.01
CA TRP B 568 -26.40 6.05 -58.93
C TRP B 568 -24.91 6.02 -59.21
N VAL B 569 -24.18 6.89 -58.51
CA VAL B 569 -22.72 6.94 -58.59
C VAL B 569 -22.18 7.12 -57.18
N LYS B 570 -21.19 6.31 -56.82
CA LYS B 570 -20.62 6.30 -55.47
C LYS B 570 -19.18 6.84 -55.56
N PHE B 571 -18.96 8.03 -55.00
CA PHE B 571 -17.64 8.63 -54.98
C PHE B 571 -16.86 8.17 -53.75
N ASN B 572 -15.55 8.39 -53.81
CA ASN B 572 -14.62 7.97 -52.77
C ASN B 572 -14.73 6.46 -52.52
N VAL B 573 -14.15 5.67 -53.43
CA VAL B 573 -14.22 4.22 -53.30
C VAL B 573 -13.44 3.78 -52.06
N ASP B 574 -14.06 2.95 -51.23
CA ASP B 574 -13.47 2.42 -50.00
C ASP B 574 -13.06 3.52 -49.02
N SER B 575 -13.53 4.74 -49.23
CA SER B 575 -13.20 5.88 -48.36
C SER B 575 -11.69 6.08 -48.24
N ASN B 576 -10.97 5.83 -49.34
CA ASN B 576 -9.53 6.03 -49.34
C ASN B 576 -9.15 7.50 -49.33
N GLY B 577 -10.06 8.39 -49.74
CA GLY B 577 -9.81 9.81 -49.74
C GLY B 577 -10.31 10.49 -48.48
N TYR B 578 -9.60 11.54 -48.08
CA TYR B 578 -9.94 12.28 -46.86
C TYR B 578 -10.91 13.42 -47.19
N TYR B 579 -12.14 13.03 -47.53
CA TYR B 579 -13.17 14.00 -47.86
C TYR B 579 -14.54 13.35 -47.71
N ILE B 580 -15.54 14.19 -47.52
CA ILE B 580 -16.93 13.77 -47.38
C ILE B 580 -17.68 14.13 -48.66
N VAL B 581 -18.58 13.25 -49.08
CA VAL B 581 -19.34 13.42 -50.31
C VAL B 581 -20.79 13.67 -49.97
N HIS B 582 -21.38 14.70 -50.58
CA HIS B 582 -22.80 15.01 -50.44
C HIS B 582 -23.46 14.97 -51.81
N TYR B 583 -24.67 14.39 -51.85
CA TYR B 583 -25.40 14.21 -53.09
C TYR B 583 -26.68 15.04 -53.06
N GLU B 584 -26.93 15.79 -54.13
CA GLU B 584 -28.15 16.57 -54.26
C GLU B 584 -29.22 15.79 -55.01
N GLY B 585 -30.45 16.28 -54.93
CA GLY B 585 -31.55 15.60 -55.60
C GLY B 585 -31.86 14.28 -54.93
N HIS B 586 -32.05 13.26 -55.76
CA HIS B 586 -32.32 11.90 -55.27
C HIS B 586 -31.05 11.08 -55.13
N GLY B 587 -29.88 11.72 -55.06
CA GLY B 587 -28.64 10.98 -54.93
C GLY B 587 -28.63 10.03 -53.76
N TRP B 588 -28.93 10.54 -52.56
CA TRP B 588 -28.99 9.68 -51.39
C TRP B 588 -30.16 8.70 -51.50
N ASP B 589 -31.29 9.15 -52.04
CA ASP B 589 -32.45 8.28 -52.17
C ASP B 589 -32.14 7.07 -53.05
N GLN B 590 -31.42 7.28 -54.15
CA GLN B 590 -31.01 6.15 -54.98
C GLN B 590 -30.06 5.22 -54.23
N LEU B 591 -29.12 5.80 -53.48
CA LEU B 591 -28.18 4.99 -52.71
C LEU B 591 -28.88 4.26 -51.58
N ILE B 592 -29.80 4.93 -50.88
CA ILE B 592 -30.56 4.28 -49.82
C ILE B 592 -31.45 3.19 -50.40
N THR B 593 -32.05 3.43 -51.56
CA THR B 593 -32.81 2.39 -52.24
C THR B 593 -31.92 1.20 -52.58
N GLN B 594 -30.68 1.46 -52.98
CA GLN B 594 -29.75 0.38 -53.29
C GLN B 594 -29.41 -0.43 -52.05
N LEU B 595 -29.29 0.24 -50.89
CA LEU B 595 -28.97 -0.48 -49.66
C LEU B 595 -30.11 -1.37 -49.22
N ASN B 596 -31.35 -0.90 -49.36
CA ASN B 596 -32.50 -1.70 -48.94
C ASN B 596 -32.81 -2.83 -49.90
N GLN B 597 -32.45 -2.68 -51.18
CA GLN B 597 -32.76 -3.69 -52.18
C GLN B 597 -31.63 -4.69 -52.37
N ASN B 598 -30.40 -4.20 -52.56
CA ASN B 598 -29.23 -5.06 -52.80
C ASN B 598 -28.00 -4.35 -52.25
N HIS B 599 -27.79 -4.48 -50.94
CA HIS B 599 -26.70 -3.78 -50.27
C HIS B 599 -25.33 -4.32 -50.66
N THR B 600 -25.27 -5.53 -51.22
CA THR B 600 -24.00 -6.09 -51.67
C THR B 600 -23.52 -5.50 -53.00
N LEU B 601 -24.36 -4.72 -53.68
CA LEU B 601 -23.92 -4.06 -54.91
C LEU B 601 -22.94 -2.93 -54.64
N LEU B 602 -22.88 -2.44 -53.41
CA LEU B 602 -21.88 -1.45 -52.99
C LEU B 602 -20.78 -2.16 -52.22
N ARG B 603 -19.54 -1.73 -52.44
CA ARG B 603 -18.40 -2.35 -51.77
C ARG B 603 -18.56 -2.22 -50.25
N PRO B 604 -18.05 -3.20 -49.49
CA PRO B 604 -18.22 -3.14 -48.02
C PRO B 604 -17.70 -1.86 -47.40
N LYS B 605 -16.56 -1.35 -47.87
CA LYS B 605 -16.03 -0.10 -47.35
C LYS B 605 -16.79 1.11 -47.90
N ASP B 606 -17.41 0.99 -49.07
CA ASP B 606 -18.27 2.07 -49.57
C ASP B 606 -19.48 2.27 -48.68
N ARG B 607 -20.04 1.17 -48.16
CA ARG B 607 -21.20 1.29 -47.27
C ARG B 607 -20.82 1.94 -45.94
N VAL B 608 -19.63 1.62 -45.42
CA VAL B 608 -19.16 2.27 -44.18
C VAL B 608 -19.06 3.77 -44.38
N GLY B 609 -18.48 4.20 -45.51
CA GLY B 609 -18.36 5.62 -45.77
C GLY B 609 -19.70 6.31 -45.96
N LEU B 610 -20.65 5.61 -46.58
CA LEU B 610 -21.98 6.18 -46.77
C LEU B 610 -22.68 6.43 -45.44
N ILE B 611 -22.70 5.40 -44.57
CA ILE B 611 -23.31 5.54 -43.26
C ILE B 611 -22.65 6.68 -42.48
N HIS B 612 -21.32 6.78 -42.57
CA HIS B 612 -20.60 7.84 -41.87
C HIS B 612 -20.99 9.21 -42.39
N ASP B 613 -20.92 9.39 -43.72
CA ASP B 613 -21.15 10.72 -44.29
C ASP B 613 -22.59 11.19 -44.11
N VAL B 614 -23.56 10.27 -44.08
CA VAL B 614 -24.95 10.67 -43.96
C VAL B 614 -25.22 11.32 -42.60
N PHE B 615 -24.77 10.68 -41.52
CA PHE B 615 -25.02 11.22 -40.19
C PHE B 615 -24.22 12.50 -39.93
N GLN B 616 -23.10 12.68 -40.62
CA GLN B 616 -22.36 13.92 -40.50
C GLN B 616 -23.11 15.07 -41.15
N LEU B 617 -23.76 14.81 -42.28
CA LEU B 617 -24.50 15.86 -42.97
C LEU B 617 -25.76 16.27 -42.22
N VAL B 618 -26.30 15.40 -41.38
CA VAL B 618 -27.42 15.79 -40.52
C VAL B 618 -26.98 16.89 -39.56
N GLY B 619 -25.82 16.71 -38.93
CA GLY B 619 -25.28 17.76 -38.08
C GLY B 619 -24.85 18.98 -38.85
N ALA B 620 -24.52 18.82 -40.13
CA ALA B 620 -24.13 19.93 -40.98
C ALA B 620 -25.32 20.69 -41.56
N GLY B 621 -26.53 20.17 -41.37
CA GLY B 621 -27.72 20.84 -41.87
C GLY B 621 -28.06 20.53 -43.31
N ARG B 622 -27.33 19.64 -43.96
CA ARG B 622 -27.60 19.26 -45.35
C ARG B 622 -28.55 18.08 -45.45
N LEU B 623 -28.94 17.48 -44.34
CA LEU B 623 -29.83 16.32 -44.34
C LEU B 623 -30.64 16.32 -43.06
N THR B 624 -31.90 15.88 -43.17
CA THR B 624 -32.74 15.71 -41.99
C THR B 624 -32.47 14.37 -41.34
N LEU B 625 -32.71 14.30 -40.03
CA LEU B 625 -32.33 13.12 -39.26
C LEU B 625 -33.08 11.88 -39.72
N ASP B 626 -34.35 12.03 -40.14
CA ASP B 626 -35.12 10.87 -40.57
C ASP B 626 -34.52 10.23 -41.82
N LYS B 627 -33.92 11.03 -42.70
CA LYS B 627 -33.26 10.46 -43.87
C LYS B 627 -32.10 9.56 -43.47
N ALA B 628 -31.37 9.95 -42.42
CA ALA B 628 -30.28 9.12 -41.91
C ALA B 628 -30.84 7.84 -41.27
N LEU B 629 -31.86 7.99 -40.41
CA LEU B 629 -32.44 6.84 -39.74
C LEU B 629 -33.13 5.90 -40.73
N ASP B 630 -33.61 6.42 -41.87
CA ASP B 630 -34.19 5.56 -42.89
C ASP B 630 -33.13 4.66 -43.53
N MET B 631 -31.90 5.16 -43.65
CA MET B 631 -30.82 4.33 -44.20
C MET B 631 -30.51 3.15 -43.29
N THR B 632 -30.62 3.34 -41.97
CA THR B 632 -30.29 2.29 -41.01
C THR B 632 -31.18 1.07 -41.14
N TYR B 633 -32.26 1.14 -41.92
CA TYR B 633 -33.12 -0.03 -42.12
C TYR B 633 -32.41 -1.17 -42.83
N TYR B 634 -31.47 -0.84 -43.73
CA TYR B 634 -30.81 -1.90 -44.51
C TYR B 634 -29.88 -2.77 -43.67
N LEU B 635 -29.50 -2.32 -42.47
CA LEU B 635 -28.63 -3.10 -41.60
C LEU B 635 -29.25 -4.42 -41.17
N GLN B 636 -30.54 -4.63 -41.40
CA GLN B 636 -31.17 -5.91 -41.04
C GLN B 636 -30.56 -7.08 -41.82
N HIS B 637 -30.06 -6.82 -43.03
CA HIS B 637 -29.39 -7.84 -43.83
C HIS B 637 -27.89 -7.63 -43.94
N GLU B 638 -27.34 -6.61 -43.29
CA GLU B 638 -25.92 -6.32 -43.39
C GLU B 638 -25.14 -7.33 -42.54
N THR B 639 -24.27 -8.10 -43.19
CA THR B 639 -23.42 -9.06 -42.51
C THR B 639 -21.97 -8.63 -42.43
N SER B 640 -21.58 -7.56 -43.12
CA SER B 640 -20.24 -7.01 -42.99
C SER B 640 -20.12 -6.30 -41.65
N SER B 641 -19.27 -6.83 -40.77
CA SER B 641 -19.15 -6.26 -39.43
C SER B 641 -18.76 -4.79 -39.42
N PRO B 642 -17.84 -4.30 -40.27
CA PRO B 642 -17.56 -2.85 -40.25
C PRO B 642 -18.78 -1.98 -40.50
N ALA B 643 -19.59 -2.31 -41.52
CA ALA B 643 -20.77 -1.51 -41.81
C ALA B 643 -21.82 -1.63 -40.71
N LEU B 644 -22.01 -2.84 -40.17
CA LEU B 644 -23.00 -3.03 -39.11
C LEU B 644 -22.64 -2.25 -37.86
N LEU B 645 -21.37 -2.34 -37.43
CA LEU B 645 -20.94 -1.64 -36.23
C LEU B 645 -20.97 -0.13 -36.42
N GLU B 646 -20.73 0.36 -37.64
CA GLU B 646 -20.77 1.79 -37.89
C GLU B 646 -22.19 2.34 -37.70
N GLY B 647 -23.18 1.70 -38.32
CA GLY B 647 -24.55 2.18 -38.18
C GLY B 647 -25.08 2.06 -36.76
N LEU B 648 -24.72 0.97 -36.07
CA LEU B 648 -25.18 0.78 -34.70
C LEU B 648 -24.56 1.81 -33.75
N SER B 649 -23.35 2.27 -34.05
CA SER B 649 -22.67 3.21 -33.15
C SER B 649 -23.45 4.52 -33.05
N TYR B 650 -24.07 4.96 -34.14
CA TYR B 650 -24.86 6.19 -34.10
C TYR B 650 -26.13 5.99 -33.29
N LEU B 651 -26.83 4.86 -33.52
CA LEU B 651 -28.02 4.57 -32.72
C LEU B 651 -27.67 4.39 -31.25
N GLU B 652 -26.51 3.78 -30.97
CA GLU B 652 -26.09 3.61 -29.58
C GLU B 652 -25.74 4.94 -28.94
N SER B 653 -25.05 5.81 -29.68
CA SER B 653 -24.72 7.13 -29.15
C SER B 653 -25.98 7.95 -28.93
N PHE B 654 -26.97 7.83 -29.82
CA PHE B 654 -28.24 8.53 -29.64
C PHE B 654 -28.91 8.12 -28.33
N TYR B 655 -28.90 6.82 -28.02
CA TYR B 655 -29.50 6.35 -26.78
C TYR B 655 -28.81 6.95 -25.56
N HIS B 656 -27.48 6.92 -25.55
CA HIS B 656 -26.74 7.46 -24.40
C HIS B 656 -26.85 8.98 -24.34
N MET B 657 -27.08 9.64 -25.47
CA MET B 657 -27.35 11.08 -25.44
C MET B 657 -28.67 11.37 -24.73
N MET B 658 -29.71 10.59 -25.04
CA MET B 658 -30.99 10.79 -24.36
C MET B 658 -30.92 10.37 -22.91
N ASP B 659 -30.22 9.28 -22.62
CA ASP B 659 -30.13 8.78 -21.25
C ASP B 659 -29.44 9.79 -20.33
N ARG B 660 -28.35 10.41 -20.82
CA ARG B 660 -27.64 11.40 -20.00
C ARG B 660 -28.48 12.64 -19.75
N ARG B 661 -29.40 12.98 -20.65
CA ARG B 661 -30.26 14.14 -20.51
C ARG B 661 -31.62 13.81 -19.90
N ASN B 662 -31.80 12.56 -19.46
CA ASN B 662 -33.03 12.13 -18.79
C ASN B 662 -34.25 12.24 -19.70
N ILE B 663 -34.04 12.10 -21.01
CA ILE B 663 -35.16 12.07 -21.97
C ILE B 663 -35.59 10.61 -22.05
N SER B 664 -36.40 10.20 -21.07
CA SER B 664 -36.68 8.78 -20.89
C SER B 664 -37.64 8.23 -21.93
N ASP B 665 -38.49 9.08 -22.52
CA ASP B 665 -39.44 8.57 -23.51
C ASP B 665 -38.74 8.19 -24.81
N ILE B 666 -37.71 8.93 -25.20
CA ILE B 666 -36.99 8.61 -26.43
C ILE B 666 -36.01 7.46 -26.20
N SER B 667 -35.35 7.44 -25.03
CA SER B 667 -34.41 6.38 -24.75
C SER B 667 -35.10 5.03 -24.61
N GLU B 668 -36.31 5.01 -24.03
CA GLU B 668 -37.04 3.76 -23.92
C GLU B 668 -37.50 3.26 -25.29
N ASN B 669 -37.96 4.17 -26.14
CA ASN B 669 -38.34 3.78 -27.49
C ASN B 669 -37.12 3.35 -28.31
N LEU B 670 -35.99 4.04 -28.13
CA LEU B 670 -34.78 3.64 -28.82
C LEU B 670 -34.25 2.31 -28.30
N LYS B 671 -34.35 2.09 -26.98
CA LYS B 671 -33.95 0.80 -26.41
C LYS B 671 -34.80 -0.33 -26.96
N ARG B 672 -36.12 -0.12 -27.04
CA ARG B 672 -37.00 -1.18 -27.55
C ARG B 672 -36.78 -1.42 -29.04
N TYR B 673 -36.52 -0.35 -29.80
CA TYR B 673 -36.27 -0.52 -31.22
C TYR B 673 -34.98 -1.29 -31.47
N LEU B 674 -33.93 -1.00 -30.70
CA LEU B 674 -32.65 -1.69 -30.89
C LEU B 674 -32.76 -3.16 -30.53
N LEU B 675 -33.32 -3.47 -29.36
CA LEU B 675 -33.41 -4.86 -28.90
C LEU B 675 -34.32 -5.71 -29.77
N GLN B 676 -35.26 -5.11 -30.50
CA GLN B 676 -36.18 -5.86 -31.34
C GLN B 676 -35.78 -5.88 -32.81
N TYR B 677 -35.38 -4.73 -33.37
CA TYR B 677 -35.03 -4.70 -34.79
C TYR B 677 -33.74 -5.45 -35.08
N PHE B 678 -32.85 -5.60 -34.10
CA PHE B 678 -31.62 -6.35 -34.26
C PHE B 678 -31.60 -7.61 -33.41
N LYS B 679 -32.77 -8.06 -32.96
CA LYS B 679 -32.86 -9.32 -32.22
C LYS B 679 -32.24 -10.52 -32.93
N PRO B 680 -32.42 -10.71 -34.25
CA PRO B 680 -31.77 -11.87 -34.89
C PRO B 680 -30.26 -11.89 -34.72
N VAL B 681 -29.58 -10.79 -34.98
CA VAL B 681 -28.12 -10.77 -34.88
C VAL B 681 -27.68 -10.79 -33.42
N ILE B 682 -28.52 -10.28 -32.50
CA ILE B 682 -28.18 -10.30 -31.09
C ILE B 682 -28.32 -11.71 -30.53
N ASP B 683 -29.41 -12.39 -30.87
CA ASP B 683 -29.70 -13.69 -30.26
C ASP B 683 -28.74 -14.78 -30.72
N ARG B 684 -28.21 -14.68 -31.94
CA ARG B 684 -27.33 -15.72 -32.46
C ARG B 684 -25.88 -15.53 -32.05
N GLN B 685 -25.61 -14.65 -31.08
CA GLN B 685 -24.27 -14.45 -30.57
C GLN B 685 -24.00 -15.41 -29.41
N SER B 686 -22.85 -16.06 -29.44
CA SER B 686 -22.43 -16.94 -28.36
C SER B 686 -21.57 -16.18 -27.36
N TRP B 687 -21.49 -16.73 -26.15
CA TRP B 687 -20.61 -16.17 -25.11
C TRP B 687 -19.32 -16.98 -25.07
N SER B 688 -18.48 -16.75 -26.07
CA SER B 688 -17.23 -17.48 -26.24
C SER B 688 -16.22 -16.57 -26.92
N ASP B 689 -15.13 -17.17 -27.41
CA ASP B 689 -14.09 -16.44 -28.14
C ASP B 689 -13.89 -17.00 -29.55
N LYS B 690 -14.90 -17.66 -30.11
CA LYS B 690 -14.79 -18.26 -31.43
C LYS B 690 -14.88 -17.20 -32.52
N GLY B 691 -14.48 -17.60 -33.73
CA GLY B 691 -14.58 -16.74 -34.89
C GLY B 691 -13.34 -15.92 -35.16
N SER B 692 -13.42 -15.10 -36.20
CA SER B 692 -12.33 -14.21 -36.58
C SER B 692 -12.33 -12.99 -35.67
N VAL B 693 -11.42 -12.05 -35.97
CA VAL B 693 -11.29 -10.85 -35.15
C VAL B 693 -12.55 -10.01 -35.21
N TRP B 694 -13.05 -9.75 -36.42
CA TRP B 694 -14.27 -8.97 -36.55
C TRP B 694 -15.48 -9.72 -36.03
N ASP B 695 -15.46 -11.06 -36.08
CA ASP B 695 -16.52 -11.83 -35.45
C ASP B 695 -16.52 -11.64 -33.94
N ARG B 696 -15.33 -11.61 -33.33
CA ARG B 696 -15.22 -11.42 -31.89
C ARG B 696 -15.50 -9.98 -31.49
N MET B 697 -15.08 -9.01 -32.31
CA MET B 697 -15.37 -7.61 -32.00
C MET B 697 -16.85 -7.29 -32.17
N LEU B 698 -17.48 -7.89 -33.19
CA LEU B 698 -18.93 -7.72 -33.36
C LEU B 698 -19.68 -8.33 -32.18
N ARG B 699 -19.23 -9.50 -31.69
CA ARG B 699 -19.86 -10.13 -30.55
C ARG B 699 -19.78 -9.24 -29.31
N SER B 700 -18.60 -8.70 -29.03
CA SER B 700 -18.41 -7.88 -27.83
C SER B 700 -19.26 -6.63 -27.88
N ALA B 701 -19.40 -6.02 -29.06
CA ALA B 701 -20.20 -4.81 -29.18
C ALA B 701 -21.69 -5.09 -29.01
N LEU B 702 -22.19 -6.16 -29.63
CA LEU B 702 -23.61 -6.46 -29.54
C LEU B 702 -24.03 -6.83 -28.12
N LEU B 703 -23.26 -7.72 -27.47
CA LEU B 703 -23.61 -8.11 -26.10
C LEU B 703 -23.42 -6.96 -25.12
N LYS B 704 -22.43 -6.09 -25.35
CA LYS B 704 -22.32 -4.91 -24.53
C LYS B 704 -23.50 -3.97 -24.76
N LEU B 705 -23.91 -3.82 -26.02
CA LEU B 705 -25.09 -3.01 -26.33
C LEU B 705 -26.35 -3.61 -25.70
N ALA B 706 -26.54 -4.92 -25.89
CA ALA B 706 -27.74 -5.58 -25.35
C ALA B 706 -27.77 -5.49 -23.83
N CYS B 707 -26.64 -5.75 -23.17
CA CYS B 707 -26.60 -5.68 -21.72
C CYS B 707 -26.75 -4.25 -21.21
N ASP B 708 -26.24 -3.26 -21.96
CA ASP B 708 -26.43 -1.87 -21.57
C ASP B 708 -27.89 -1.46 -21.69
N LEU B 709 -28.64 -2.08 -22.60
CA LEU B 709 -30.07 -1.85 -22.73
C LEU B 709 -30.89 -2.73 -21.80
N ASN B 710 -30.25 -3.39 -20.83
CA ASN B 710 -30.92 -4.22 -19.83
C ASN B 710 -31.69 -5.37 -20.48
N HIS B 711 -31.18 -5.91 -21.58
CA HIS B 711 -31.75 -7.10 -22.18
C HIS B 711 -31.67 -8.26 -21.19
N ALA B 712 -32.83 -8.80 -20.82
CA ALA B 712 -32.87 -9.82 -19.78
C ALA B 712 -32.01 -11.04 -20.09
N PRO B 713 -32.02 -11.62 -21.30
CA PRO B 713 -31.10 -12.72 -21.57
C PRO B 713 -29.64 -12.37 -21.40
N CYS B 714 -29.24 -11.16 -21.79
CA CYS B 714 -27.84 -10.76 -21.64
C CYS B 714 -27.45 -10.64 -20.17
N ILE B 715 -28.31 -10.04 -19.34
CA ILE B 715 -27.96 -9.84 -17.94
C ILE B 715 -27.98 -11.15 -17.17
N GLN B 716 -28.96 -12.02 -17.45
CA GLN B 716 -29.04 -13.30 -16.76
C GLN B 716 -27.81 -14.15 -17.04
N LYS B 717 -27.35 -14.18 -18.28
CA LYS B 717 -26.17 -14.98 -18.62
C LYS B 717 -24.90 -14.35 -18.04
N ALA B 718 -24.77 -13.03 -18.14
CA ALA B 718 -23.58 -12.36 -17.61
C ALA B 718 -23.50 -12.48 -16.11
N ALA B 719 -24.63 -12.29 -15.41
CA ALA B 719 -24.64 -12.44 -13.95
C ALA B 719 -24.34 -13.86 -13.53
N GLU B 720 -24.76 -14.84 -14.34
CA GLU B 720 -24.45 -16.23 -14.03
C GLU B 720 -22.95 -16.51 -14.16
N LEU B 721 -22.32 -15.99 -15.22
CA LEU B 721 -20.89 -16.18 -15.39
C LEU B 721 -20.11 -15.54 -14.25
N PHE B 722 -20.48 -14.32 -13.86
CA PHE B 722 -19.80 -13.67 -12.74
C PHE B 722 -20.05 -14.43 -11.44
N SER B 723 -21.28 -14.91 -11.24
CA SER B 723 -21.59 -15.67 -10.04
C SER B 723 -20.72 -16.92 -9.95
N GLN B 724 -20.72 -17.73 -11.02
CA GLN B 724 -19.86 -18.91 -11.05
C GLN B 724 -18.40 -18.55 -10.86
N TRP B 725 -17.96 -17.45 -11.48
CA TRP B 725 -16.58 -17.00 -11.34
C TRP B 725 -16.27 -16.65 -9.88
N MET B 726 -17.16 -15.90 -9.24
CA MET B 726 -16.94 -15.53 -7.85
C MET B 726 -17.21 -16.71 -6.91
N GLU B 727 -18.25 -17.51 -7.21
CA GLU B 727 -18.52 -18.70 -6.39
C GLU B 727 -17.38 -19.70 -6.45
N SER B 728 -16.69 -19.77 -7.59
CA SER B 728 -15.51 -20.63 -7.69
C SER B 728 -14.39 -20.18 -6.76
N SER B 729 -14.38 -18.91 -6.36
CA SER B 729 -13.36 -18.33 -5.48
C SER B 729 -11.98 -18.36 -6.14
N GLY B 730 -11.91 -18.89 -7.36
CA GLY B 730 -10.68 -18.94 -8.12
C GLY B 730 -10.89 -18.43 -9.52
N LYS B 731 -10.00 -18.79 -10.45
CA LYS B 731 -10.07 -18.34 -11.83
C LYS B 731 -10.63 -19.47 -12.70
N LEU B 732 -11.87 -19.32 -13.14
CA LEU B 732 -12.42 -20.18 -14.18
C LEU B 732 -12.39 -19.44 -15.53
N ASN B 733 -12.38 -20.24 -16.60
CA ASN B 733 -12.20 -19.71 -17.95
C ASN B 733 -13.39 -18.89 -18.43
N ILE B 734 -13.39 -17.59 -18.17
CA ILE B 734 -14.39 -16.69 -18.73
C ILE B 734 -13.91 -16.20 -20.08
N PRO B 735 -14.72 -16.29 -21.14
CA PRO B 735 -14.28 -15.83 -22.46
C PRO B 735 -13.89 -14.36 -22.45
N THR B 736 -12.76 -14.07 -23.11
CA THR B 736 -12.21 -12.72 -23.07
C THR B 736 -13.07 -11.72 -23.85
N ASP B 737 -13.79 -12.18 -24.87
CA ASP B 737 -14.61 -11.26 -25.65
C ASP B 737 -15.79 -10.72 -24.86
N VAL B 738 -16.27 -11.48 -23.88
CA VAL B 738 -17.36 -11.04 -23.01
C VAL B 738 -16.85 -10.75 -21.61
N LEU B 739 -15.53 -10.70 -21.41
CA LEU B 739 -14.95 -10.53 -20.09
C LEU B 739 -15.33 -9.17 -19.50
N LYS B 740 -15.23 -8.12 -20.29
CA LYS B 740 -15.59 -6.79 -19.80
C LYS B 740 -17.09 -6.70 -19.48
N ILE B 741 -17.92 -7.44 -20.20
CA ILE B 741 -19.35 -7.40 -19.97
C ILE B 741 -19.70 -8.12 -18.66
N VAL B 742 -19.10 -9.29 -18.44
CA VAL B 742 -19.42 -10.09 -17.25
C VAL B 742 -19.05 -9.33 -15.98
N TYR B 743 -17.87 -8.69 -15.96
CA TYR B 743 -17.46 -7.96 -14.77
C TYR B 743 -18.36 -6.76 -14.51
N SER B 744 -18.84 -6.10 -15.56
CA SER B 744 -19.69 -4.93 -15.39
C SER B 744 -21.01 -5.30 -14.71
N VAL B 745 -21.61 -6.41 -15.11
CA VAL B 745 -22.83 -6.86 -14.47
C VAL B 745 -22.57 -7.27 -13.02
N GLY B 746 -21.45 -7.97 -12.80
CA GLY B 746 -21.09 -8.38 -11.45
C GLY B 746 -20.82 -7.24 -10.50
N ALA B 747 -20.41 -6.08 -11.03
CA ALA B 747 -20.14 -4.90 -10.20
C ALA B 747 -21.41 -4.15 -9.82
N GLN B 748 -22.58 -4.63 -10.21
CA GLN B 748 -23.84 -3.98 -9.86
C GLN B 748 -24.31 -4.33 -8.45
N THR B 749 -23.58 -5.19 -7.75
CA THR B 749 -23.81 -5.47 -6.34
C THR B 749 -22.55 -5.13 -5.56
N THR B 750 -22.73 -4.63 -4.34
CA THR B 750 -21.59 -4.25 -3.52
C THR B 750 -20.68 -5.45 -3.24
N ALA B 751 -21.26 -6.64 -3.11
CA ALA B 751 -20.45 -7.84 -2.90
C ALA B 751 -19.51 -8.09 -4.08
N GLY B 752 -20.06 -8.10 -5.30
CA GLY B 752 -19.23 -8.29 -6.48
C GLY B 752 -18.32 -7.11 -6.75
N TRP B 753 -18.75 -5.91 -6.39
CA TRP B 753 -17.91 -4.73 -6.60
C TRP B 753 -16.67 -4.76 -5.71
N ASN B 754 -16.85 -5.13 -4.43
CA ASN B 754 -15.71 -5.25 -3.53
C ASN B 754 -14.79 -6.39 -3.95
N TYR B 755 -15.35 -7.47 -4.51
CA TYR B 755 -14.54 -8.59 -4.96
C TYR B 755 -13.72 -8.22 -6.19
N LEU B 756 -14.30 -7.42 -7.09
CA LEU B 756 -13.57 -7.00 -8.28
C LEU B 756 -12.41 -6.06 -7.92
N LEU B 757 -12.63 -5.15 -6.99
CA LEU B 757 -11.55 -4.28 -6.53
C LEU B 757 -10.47 -5.08 -5.82
N GLU B 758 -10.87 -6.12 -5.08
CA GLU B 758 -9.90 -7.03 -4.50
C GLU B 758 -9.16 -7.82 -5.57
N GLN B 759 -9.89 -8.30 -6.58
CA GLN B 759 -9.25 -8.99 -7.70
C GLN B 759 -8.36 -8.05 -8.50
N TYR B 760 -8.71 -6.76 -8.56
CA TYR B 760 -7.91 -5.80 -9.29
C TYR B 760 -6.50 -5.67 -8.70
N GLU B 761 -6.42 -5.51 -7.39
CA GLU B 761 -5.12 -5.29 -6.75
C GLU B 761 -4.22 -6.52 -6.86
N LEU B 762 -4.79 -7.71 -6.96
CA LEU B 762 -4.03 -8.94 -7.02
C LEU B 762 -3.75 -9.41 -8.43
N SER B 763 -4.34 -8.77 -9.44
CA SER B 763 -4.20 -9.25 -10.82
C SER B 763 -2.79 -9.00 -11.33
N MET B 764 -2.26 -9.99 -12.06
CA MET B 764 -0.97 -9.87 -12.72
C MET B 764 -1.11 -9.52 -14.20
N SER B 765 -2.31 -9.20 -14.66
CA SER B 765 -2.57 -8.86 -16.05
C SER B 765 -3.08 -7.44 -16.13
N SER B 766 -2.33 -6.57 -16.80
CA SER B 766 -2.78 -5.20 -17.00
C SER B 766 -4.03 -5.15 -17.87
N ALA B 767 -4.18 -6.09 -18.80
CA ALA B 767 -5.39 -6.12 -19.63
C ALA B 767 -6.61 -6.46 -18.78
N GLU B 768 -6.49 -7.41 -17.86
CA GLU B 768 -7.59 -7.72 -16.96
C GLU B 768 -7.90 -6.52 -16.06
N GLN B 769 -6.86 -5.89 -15.51
CA GLN B 769 -7.06 -4.70 -14.68
C GLN B 769 -7.79 -3.61 -15.46
N ASN B 770 -7.46 -3.44 -16.74
CA ASN B 770 -8.16 -2.46 -17.57
C ASN B 770 -9.65 -2.77 -17.65
N LYS B 771 -9.99 -4.04 -17.87
CA LYS B 771 -11.40 -4.43 -17.94
C LYS B 771 -12.06 -4.35 -16.56
N ILE B 772 -11.33 -4.72 -15.51
CA ILE B 772 -11.89 -4.62 -14.16
C ILE B 772 -12.18 -3.17 -13.81
N LEU B 773 -11.26 -2.27 -14.14
CA LEU B 773 -11.45 -0.85 -13.81
C LEU B 773 -12.65 -0.26 -14.55
N TYR B 774 -12.90 -0.70 -15.78
CA TYR B 774 -14.10 -0.28 -16.48
C TYR B 774 -15.35 -0.76 -15.77
N ALA B 775 -15.34 -2.02 -15.31
CA ALA B 775 -16.50 -2.57 -14.61
C ALA B 775 -16.82 -1.80 -13.34
N LEU B 776 -15.79 -1.51 -12.53
CA LEU B 776 -16.00 -0.76 -11.31
C LEU B 776 -16.53 0.65 -11.58
N SER B 777 -16.21 1.20 -12.76
CA SER B 777 -16.67 2.53 -13.12
C SER B 777 -18.13 2.57 -13.56
N THR B 778 -18.75 1.42 -13.78
CA THR B 778 -20.16 1.34 -14.15
C THR B 778 -21.08 1.24 -12.95
N SER B 779 -20.57 1.42 -11.74
CA SER B 779 -21.40 1.36 -10.55
C SER B 779 -22.32 2.57 -10.47
N LYS B 780 -23.47 2.37 -9.83
CA LYS B 780 -24.45 3.43 -9.65
C LYS B 780 -24.40 4.05 -8.26
N HIS B 781 -23.47 3.61 -7.41
CA HIS B 781 -23.26 4.23 -6.10
C HIS B 781 -22.17 5.28 -6.22
N GLN B 782 -22.51 6.54 -5.94
CA GLN B 782 -21.56 7.62 -6.12
C GLN B 782 -20.38 7.51 -5.15
N GLU B 783 -20.60 6.87 -3.98
CA GLU B 783 -19.48 6.66 -3.06
C GLU B 783 -18.46 5.69 -3.63
N LYS B 784 -18.90 4.74 -4.45
CA LYS B 784 -17.97 3.81 -5.09
C LYS B 784 -17.21 4.48 -6.23
N LEU B 785 -17.89 5.33 -7.00
CA LEU B 785 -17.22 6.04 -8.09
C LEU B 785 -16.19 7.02 -7.55
N LEU B 786 -16.52 7.73 -6.47
CA LEU B 786 -15.56 8.64 -5.85
C LEU B 786 -14.38 7.88 -5.27
N LYS B 787 -14.63 6.68 -4.74
CA LYS B 787 -13.54 5.87 -4.19
C LYS B 787 -12.52 5.53 -5.26
N LEU B 788 -12.97 5.18 -6.47
CA LEU B 788 -12.05 4.90 -7.56
C LEU B 788 -11.23 6.13 -7.93
N ILE B 789 -11.86 7.31 -7.93
CA ILE B 789 -11.15 8.54 -8.26
C ILE B 789 -10.11 8.85 -7.18
N GLU B 790 -10.48 8.66 -5.91
CA GLU B 790 -9.52 8.87 -4.83
C GLU B 790 -8.36 7.88 -4.91
N LEU B 791 -8.66 6.61 -5.17
CA LEU B 791 -7.60 5.63 -5.35
C LEU B 791 -6.72 5.99 -6.55
N GLY B 792 -7.33 6.44 -7.64
CA GLY B 792 -6.55 6.87 -8.79
C GLY B 792 -5.65 8.05 -8.48
N MET B 793 -6.12 8.96 -7.61
CA MET B 793 -5.26 10.05 -7.17
C MET B 793 -4.12 9.54 -6.28
N GLU B 794 -4.43 8.58 -5.41
CA GLU B 794 -3.40 8.02 -4.54
C GLU B 794 -2.31 7.33 -5.35
N GLY B 795 -2.70 6.59 -6.39
CA GLY B 795 -1.75 6.02 -7.33
C GLY B 795 -1.13 4.71 -6.92
N LYS B 796 -1.52 4.13 -5.80
CA LYS B 796 -0.90 2.88 -5.35
C LYS B 796 -1.66 1.66 -5.86
N VAL B 797 -2.97 1.59 -5.61
CA VAL B 797 -3.76 0.48 -6.13
C VAL B 797 -4.15 0.74 -7.58
N ILE B 798 -4.71 1.91 -7.85
CA ILE B 798 -5.01 2.34 -9.21
C ILE B 798 -3.95 3.36 -9.59
N LYS B 799 -3.10 3.01 -10.55
CA LYS B 799 -2.01 3.88 -10.95
C LYS B 799 -2.54 5.16 -11.59
N THR B 800 -1.85 6.27 -11.33
CA THR B 800 -2.29 7.57 -11.82
C THR B 800 -2.31 7.64 -13.35
N GLN B 801 -1.56 6.75 -14.02
CA GLN B 801 -1.60 6.73 -15.48
C GLN B 801 -2.96 6.35 -16.02
N ASN B 802 -3.82 5.75 -15.19
CA ASN B 802 -5.17 5.39 -15.57
C ASN B 802 -6.22 6.39 -15.07
N LEU B 803 -5.79 7.46 -14.41
CA LEU B 803 -6.73 8.42 -13.83
C LEU B 803 -7.53 9.12 -14.91
N ALA B 804 -6.86 9.57 -15.97
CA ALA B 804 -7.56 10.28 -17.04
C ALA B 804 -8.57 9.39 -17.73
N ALA B 805 -8.21 8.13 -17.97
CA ALA B 805 -9.16 7.20 -18.58
C ALA B 805 -10.26 6.80 -17.61
N LEU B 806 -9.96 6.78 -16.31
CA LEU B 806 -10.98 6.43 -15.32
C LEU B 806 -12.02 7.54 -15.21
N LEU B 807 -11.57 8.80 -15.13
CA LEU B 807 -12.51 9.92 -15.09
C LEU B 807 -13.39 9.94 -16.33
N HIS B 808 -12.82 9.60 -17.49
CA HIS B 808 -13.61 9.56 -18.72
C HIS B 808 -14.68 8.47 -18.66
N ALA B 809 -14.31 7.28 -18.17
CA ALA B 809 -15.28 6.19 -18.08
C ALA B 809 -16.40 6.49 -17.09
N ILE B 810 -16.08 7.24 -16.03
CA ILE B 810 -17.11 7.61 -15.06
C ILE B 810 -17.99 8.72 -15.60
N ALA B 811 -17.41 9.67 -16.34
CA ALA B 811 -18.17 10.83 -16.80
C ALA B 811 -19.14 10.47 -17.92
N ARG B 812 -18.86 9.39 -18.66
CA ARG B 812 -19.74 8.99 -19.77
C ARG B 812 -21.09 8.48 -19.30
N ARG B 813 -21.25 8.20 -18.01
CA ARG B 813 -22.50 7.65 -17.51
C ARG B 813 -23.25 8.71 -16.69
N PRO B 814 -24.59 8.66 -16.68
CA PRO B 814 -25.36 9.70 -15.98
C PRO B 814 -25.08 9.75 -14.48
N LYS B 815 -24.91 8.60 -13.83
CA LYS B 815 -24.72 8.59 -12.38
C LYS B 815 -23.38 9.20 -11.98
N GLY B 816 -22.39 9.16 -12.85
CA GLY B 816 -21.08 9.68 -12.53
C GLY B 816 -20.72 10.95 -13.28
N GLN B 817 -21.63 11.39 -14.15
CA GLN B 817 -21.39 12.59 -14.95
C GLN B 817 -21.11 13.80 -14.07
N GLN B 818 -22.01 14.09 -13.12
CA GLN B 818 -21.85 15.26 -12.27
C GLN B 818 -20.65 15.11 -11.33
N LEU B 819 -20.43 13.89 -10.81
CA LEU B 819 -19.33 13.67 -9.88
C LEU B 819 -17.99 13.99 -10.53
N ALA B 820 -17.77 13.54 -11.77
CA ALA B 820 -16.51 13.77 -12.45
C ALA B 820 -16.29 15.25 -12.74
N TRP B 821 -17.33 15.95 -13.19
CA TRP B 821 -17.20 17.37 -13.51
C TRP B 821 -16.92 18.19 -12.25
N ASP B 822 -17.57 17.85 -11.13
CA ASP B 822 -17.29 18.54 -9.88
C ASP B 822 -15.86 18.28 -9.42
N PHE B 823 -15.38 17.04 -9.55
CA PHE B 823 -14.03 16.70 -9.08
C PHE B 823 -12.96 17.48 -9.85
N VAL B 824 -13.13 17.59 -11.18
CA VAL B 824 -12.11 18.26 -11.99
C VAL B 824 -12.03 19.73 -11.62
N ARG B 825 -13.17 20.38 -11.41
CA ARG B 825 -13.17 21.79 -11.04
C ARG B 825 -12.56 22.01 -9.66
N GLU B 826 -12.90 21.15 -8.70
CA GLU B 826 -12.46 21.36 -7.32
C GLU B 826 -11.00 20.94 -7.11
N ASN B 827 -10.52 19.95 -7.85
CA ASN B 827 -9.17 19.42 -7.67
C ASN B 827 -8.26 19.72 -8.85
N TRP B 828 -8.46 20.86 -9.50
CA TRP B 828 -7.64 21.22 -10.65
C TRP B 828 -6.18 21.39 -10.25
N THR B 829 -5.93 22.08 -9.13
CA THR B 829 -4.55 22.30 -8.70
C THR B 829 -3.87 20.99 -8.31
N HIS B 830 -4.60 20.05 -7.75
CA HIS B 830 -4.02 18.73 -7.44
C HIS B 830 -3.70 17.97 -8.72
N LEU B 831 -4.58 18.05 -9.72
CA LEU B 831 -4.33 17.35 -10.98
C LEU B 831 -3.14 17.96 -11.71
N LEU B 832 -2.97 19.29 -11.62
CA LEU B 832 -1.86 19.95 -12.29
C LEU B 832 -0.52 19.67 -11.64
N LYS B 833 -0.51 19.10 -10.44
CA LYS B 833 0.74 18.67 -9.81
C LYS B 833 1.17 17.27 -10.25
N LYS B 834 0.23 16.46 -10.75
CA LYS B 834 0.55 15.13 -11.24
C LYS B 834 0.90 15.12 -12.72
N PHE B 835 0.35 16.06 -13.50
CA PHE B 835 0.57 16.11 -14.93
C PHE B 835 0.88 17.54 -15.34
N ASP B 836 1.52 17.67 -16.50
CA ASP B 836 1.79 18.98 -17.07
C ASP B 836 0.54 19.53 -17.76
N LEU B 837 0.51 20.85 -17.94
CA LEU B 837 -0.63 21.49 -18.57
C LEU B 837 -0.85 20.95 -19.99
N GLY B 838 0.22 20.87 -20.77
CA GLY B 838 0.13 20.36 -22.12
C GLY B 838 0.11 18.85 -22.25
N SER B 839 0.16 18.12 -21.14
CA SER B 839 0.17 16.67 -21.20
C SER B 839 -1.17 16.14 -21.72
N TYR B 840 -1.11 14.96 -22.33
CA TYR B 840 -2.34 14.35 -22.85
C TYR B 840 -3.29 13.92 -21.75
N ASP B 841 -2.78 13.69 -20.53
CA ASP B 841 -3.66 13.33 -19.42
C ASP B 841 -4.58 14.49 -19.07
N ILE B 842 -4.03 15.71 -18.91
CA ILE B 842 -4.84 16.88 -18.62
C ILE B 842 -5.81 17.14 -19.77
N ARG B 843 -5.37 16.87 -21.00
CA ARG B 843 -6.22 17.12 -22.16
C ARG B 843 -7.45 16.22 -22.15
N MET B 844 -7.30 14.97 -21.73
CA MET B 844 -8.44 14.05 -21.69
CA MET B 844 -8.44 14.06 -21.69
C MET B 844 -9.28 14.24 -20.43
N ILE B 845 -8.66 14.62 -19.32
CA ILE B 845 -9.42 14.92 -18.11
C ILE B 845 -10.40 16.06 -18.37
N ILE B 846 -9.96 17.08 -19.09
CA ILE B 846 -10.83 18.19 -19.46
C ILE B 846 -11.88 17.71 -20.46
N SER B 847 -11.44 17.12 -21.57
CA SER B 847 -12.36 16.75 -22.64
C SER B 847 -13.28 15.62 -22.21
N GLY B 848 -12.75 14.61 -21.51
CA GLY B 848 -13.54 13.45 -21.14
C GLY B 848 -14.63 13.73 -20.13
N THR B 849 -14.62 14.90 -19.50
CA THR B 849 -15.63 15.27 -18.52
C THR B 849 -16.50 16.44 -18.96
N THR B 850 -16.26 16.98 -20.15
CA THR B 850 -16.96 18.19 -20.58
C THR B 850 -17.55 18.06 -21.98
N ALA B 851 -16.87 17.31 -22.86
CA ALA B 851 -17.24 17.30 -24.27
C ALA B 851 -18.64 16.74 -24.49
N HIS B 852 -19.07 15.80 -23.64
CA HIS B 852 -20.37 15.17 -23.82
C HIS B 852 -21.53 16.03 -23.33
N PHE B 853 -21.27 17.17 -22.70
CA PHE B 853 -22.34 18.06 -22.26
C PHE B 853 -23.16 18.54 -23.46
N SER B 854 -24.44 18.84 -23.19
CA SER B 854 -25.32 19.24 -24.28
C SER B 854 -26.41 20.21 -23.84
N SER B 855 -26.22 20.95 -22.75
CA SER B 855 -27.18 21.95 -22.30
C SER B 855 -26.47 23.30 -22.16
N LYS B 856 -27.22 24.37 -22.37
CA LYS B 856 -26.64 25.72 -22.26
C LYS B 856 -26.20 26.00 -20.83
N ASP B 857 -26.85 25.39 -19.85
CA ASP B 857 -26.41 25.53 -18.46
C ASP B 857 -24.99 24.99 -18.28
N LYS B 858 -24.75 23.77 -18.77
CA LYS B 858 -23.41 23.18 -18.66
C LYS B 858 -22.40 23.94 -19.52
N LEU B 859 -22.82 24.41 -20.69
CA LEU B 859 -21.92 25.15 -21.57
C LEU B 859 -21.41 26.42 -20.90
N GLN B 860 -22.26 27.11 -20.14
CA GLN B 860 -21.84 28.35 -19.51
C GLN B 860 -20.82 28.11 -18.40
N GLU B 861 -21.08 27.14 -17.52
CA GLU B 861 -20.14 26.88 -16.43
C GLU B 861 -18.82 26.33 -16.93
N VAL B 862 -18.82 25.57 -18.03
CA VAL B 862 -17.57 25.10 -18.60
C VAL B 862 -16.77 26.26 -19.17
N LYS B 863 -17.44 27.19 -19.86
CA LYS B 863 -16.78 28.40 -20.32
C LYS B 863 -16.25 29.22 -19.16
N LEU B 864 -17.03 29.33 -18.08
CA LEU B 864 -16.58 30.07 -16.91
C LEU B 864 -15.37 29.40 -16.27
N PHE B 865 -15.36 28.06 -16.24
CA PHE B 865 -14.22 27.34 -15.69
C PHE B 865 -12.97 27.55 -16.55
N PHE B 866 -13.12 27.52 -17.87
CA PHE B 866 -11.98 27.75 -18.75
C PHE B 866 -11.42 29.16 -18.59
N GLU B 867 -12.30 30.14 -18.41
CA GLU B 867 -11.84 31.52 -18.21
C GLU B 867 -11.04 31.66 -16.92
N SER B 868 -11.46 30.94 -15.87
CA SER B 868 -10.72 31.00 -14.61
C SER B 868 -9.32 30.40 -14.77
N LEU B 869 -9.19 29.35 -15.59
CA LEU B 869 -7.88 28.79 -15.85
C LEU B 869 -7.01 29.74 -16.68
N GLU B 870 -7.62 30.48 -17.60
CA GLU B 870 -6.88 31.48 -18.36
C GLU B 870 -6.29 32.55 -17.46
N ALA B 871 -7.03 32.93 -16.40
CA ALA B 871 -6.50 33.91 -15.46
C ALA B 871 -5.26 33.39 -14.74
N GLN B 872 -5.19 32.09 -14.49
CA GLN B 872 -4.02 31.49 -13.88
C GLN B 872 -2.85 31.34 -14.85
N GLY B 873 -3.02 31.74 -16.11
CA GLY B 873 -1.97 31.62 -17.09
C GLY B 873 -1.94 30.32 -17.83
N SER B 874 -3.05 29.59 -17.88
CA SER B 874 -3.12 28.29 -18.54
C SER B 874 -3.95 28.43 -19.81
N HIS B 875 -3.31 28.19 -20.96
CA HIS B 875 -3.98 28.20 -22.25
C HIS B 875 -3.78 26.87 -22.93
N LEU B 876 -4.88 26.29 -23.43
CA LEU B 876 -4.84 25.05 -24.18
C LEU B 876 -5.82 25.15 -25.35
N ASP B 877 -5.41 24.61 -26.50
CA ASP B 877 -6.31 24.58 -27.65
C ASP B 877 -7.53 23.72 -27.39
N ILE B 878 -7.47 22.82 -26.41
CA ILE B 878 -8.62 21.99 -26.07
C ILE B 878 -9.74 22.82 -25.45
N PHE B 879 -9.44 24.02 -24.96
CA PHE B 879 -10.47 24.88 -24.39
C PHE B 879 -11.53 25.24 -25.43
N GLN B 880 -11.09 25.86 -26.53
CA GLN B 880 -12.02 26.23 -27.59
C GLN B 880 -12.60 25.01 -28.28
N THR B 881 -11.82 23.92 -28.36
CA THR B 881 -12.32 22.70 -28.98
C THR B 881 -13.48 22.12 -28.19
N VAL B 882 -13.37 22.10 -26.87
CA VAL B 882 -14.46 21.59 -26.03
C VAL B 882 -15.69 22.50 -26.14
N LEU B 883 -15.48 23.81 -26.10
CA LEU B 883 -16.59 24.74 -26.19
C LEU B 883 -17.36 24.57 -27.49
N GLU B 884 -16.66 24.47 -28.61
CA GLU B 884 -17.31 24.26 -29.89
C GLU B 884 -18.01 22.91 -29.96
N THR B 885 -17.44 21.90 -29.29
CA THR B 885 -18.07 20.58 -29.27
C THR B 885 -19.39 20.62 -28.49
N ILE B 886 -19.42 21.34 -27.38
CA ILE B 886 -20.65 21.44 -26.60
C ILE B 886 -21.71 22.22 -27.38
N THR B 887 -21.32 23.30 -28.04
CA THR B 887 -22.27 24.05 -28.87
C THR B 887 -22.81 23.18 -30.01
N LYS B 888 -21.96 22.29 -30.55
CA LYS B 888 -22.43 21.35 -31.55
C LYS B 888 -23.54 20.47 -30.99
N ASN B 889 -23.38 20.01 -29.74
CA ASN B 889 -24.41 19.22 -29.09
C ASN B 889 -25.67 20.04 -28.86
N ILE B 890 -25.53 21.34 -28.58
CA ILE B 890 -26.68 22.21 -28.42
C ILE B 890 -27.48 22.29 -29.71
N LYS B 891 -26.81 22.60 -30.82
CA LYS B 891 -27.50 22.81 -32.08
C LYS B 891 -28.02 21.49 -32.67
N TRP B 892 -27.36 20.38 -32.36
CA TRP B 892 -27.86 19.09 -32.85
C TRP B 892 -29.17 18.72 -32.19
N LEU B 893 -29.28 18.93 -30.87
CA LEU B 893 -30.53 18.64 -30.17
C LEU B 893 -31.66 19.54 -30.63
N GLU B 894 -31.39 20.84 -30.74
CA GLU B 894 -32.44 21.78 -31.14
C GLU B 894 -33.01 21.46 -32.51
N LYS B 895 -32.19 20.94 -33.41
CA LYS B 895 -32.63 20.69 -34.78
C LYS B 895 -33.23 19.31 -34.98
N ASN B 896 -32.84 18.31 -34.19
CA ASN B 896 -33.19 16.93 -34.48
C ASN B 896 -33.91 16.20 -33.36
N LEU B 897 -34.01 16.76 -32.16
CA LEU B 897 -34.66 16.05 -31.06
C LEU B 897 -36.12 15.71 -31.36
N PRO B 898 -36.98 16.63 -31.80
CA PRO B 898 -38.36 16.22 -32.12
C PRO B 898 -38.44 15.25 -33.28
N THR B 899 -37.56 15.38 -34.28
CA THR B 899 -37.55 14.44 -35.40
C THR B 899 -37.24 13.02 -34.93
N LEU B 900 -36.27 12.89 -34.02
CA LEU B 900 -35.95 11.58 -33.47
C LEU B 900 -37.12 11.00 -32.69
N ARG B 901 -37.81 11.84 -31.90
CA ARG B 901 -38.95 11.35 -31.13
C ARG B 901 -40.07 10.86 -32.05
N THR B 902 -40.36 11.60 -33.12
CA THR B 902 -41.42 11.20 -34.03
C THR B 902 -41.04 9.93 -34.81
N TRP B 903 -39.80 9.88 -35.29
CA TRP B 903 -39.36 8.73 -36.09
C TRP B 903 -39.49 7.42 -35.31
N LEU B 904 -39.11 7.43 -34.03
CA LEU B 904 -39.29 6.23 -33.21
C LEU B 904 -40.76 5.88 -33.07
N MET B 905 -41.62 6.88 -32.88
CA MET B 905 -43.04 6.63 -32.74
C MET B 905 -43.67 6.14 -34.04
N VAL B 906 -43.19 6.63 -35.19
CA VAL B 906 -43.65 6.10 -36.46
C VAL B 906 -43.31 4.63 -36.60
N ASN B 907 -42.18 4.21 -36.02
CA ASN B 907 -41.77 2.82 -36.14
C ASN B 907 -42.61 1.91 -35.26
N THR B 908 -42.94 2.36 -34.04
CA THR B 908 -43.76 1.56 -33.14
C THR B 908 -45.17 1.34 -33.68
N ARG B 909 -45.65 2.21 -34.56
CA ARG B 909 -46.96 2.04 -35.16
C ARG B 909 -46.86 1.34 -36.50
C1 NAG C . 9.80 -19.82 -5.36
C2 NAG C . 11.18 -20.35 -5.72
C3 NAG C . 11.78 -19.52 -6.86
C4 NAG C . 10.81 -19.44 -8.03
C5 NAG C . 9.41 -19.03 -7.57
C6 NAG C . 8.38 -19.11 -8.67
C7 NAG C . 12.18 -21.36 -3.72
C8 NAG C . 13.11 -21.17 -2.56
N2 NAG C . 12.05 -20.32 -4.55
O3 NAG C . 13.02 -20.10 -7.26
O4 NAG C . 11.30 -18.47 -8.94
O5 NAG C . 8.96 -19.88 -6.51
O6 NAG C . 8.10 -20.45 -9.02
O7 NAG C . 11.58 -22.42 -3.89
C1 NAG C . 11.50 -19.04 -10.26
C2 NAG C . 11.97 -17.91 -11.19
C3 NAG C . 12.21 -18.45 -12.59
C4 NAG C . 13.12 -19.67 -12.56
C5 NAG C . 12.65 -20.70 -11.53
C6 NAG C . 13.61 -21.84 -11.32
C7 NAG C . 11.29 -15.58 -10.83
C8 NAG C . 10.17 -14.59 -10.92
N2 NAG C . 11.00 -16.83 -11.21
O3 NAG C . 12.79 -17.43 -13.39
O4 NAG C . 13.10 -20.27 -13.85
O5 NAG C . 12.46 -20.08 -10.25
O6 NAG C . 14.81 -21.40 -10.71
O7 NAG C . 12.40 -15.27 -10.41
C1 BMA C . 14.41 -20.47 -14.41
C2 BMA C . 14.25 -21.54 -15.49
C3 BMA C . 15.56 -21.80 -16.21
C4 BMA C . 16.23 -20.49 -16.66
C5 BMA C . 16.29 -19.46 -15.52
C6 BMA C . 16.79 -18.12 -16.01
O2 BMA C . 13.31 -21.11 -16.48
O3 BMA C . 15.35 -22.62 -17.36
O4 BMA C . 17.56 -20.76 -17.10
O5 BMA C . 14.96 -19.28 -14.97
O6 BMA C . 16.19 -17.91 -17.28
C1 MAN C . 15.85 -23.96 -17.14
C2 MAN C . 15.61 -24.73 -18.47
C3 MAN C . 14.17 -25.23 -18.55
C4 MAN C . 13.82 -26.03 -17.31
C5 MAN C . 13.90 -25.10 -16.10
C6 MAN C . 13.58 -25.81 -14.80
O2 MAN C . 16.43 -25.90 -18.54
O3 MAN C . 13.95 -26.02 -19.72
O4 MAN C . 12.51 -26.56 -17.42
O5 MAN C . 15.24 -24.55 -15.98
O6 MAN C . 12.16 -25.96 -14.72
C1 MAN C . 17.06 -17.12 -18.13
C2 MAN C . 16.14 -16.10 -18.85
C3 MAN C . 15.26 -16.82 -19.87
C4 MAN C . 16.10 -17.70 -20.81
C5 MAN C . 16.94 -18.68 -20.00
C6 MAN C . 17.87 -19.52 -20.86
O2 MAN C . 16.91 -15.16 -19.60
O3 MAN C . 14.46 -15.91 -20.61
O4 MAN C . 15.25 -18.41 -21.69
O5 MAN C . 17.76 -17.95 -19.06
O6 MAN C . 18.71 -20.29 -20.02
C1 NAG D . 19.68 -33.22 22.80
C2 NAG D . 21.01 -33.83 22.36
C3 NAG D . 21.80 -34.28 23.58
C4 NAG D . 21.95 -33.14 24.58
C5 NAG D . 20.58 -32.53 24.89
C6 NAG D . 20.67 -31.29 25.76
C7 NAG D . 21.16 -34.93 20.16
C8 NAG D . 20.86 -36.17 19.38
N2 NAG D . 20.79 -34.95 21.45
O3 NAG D . 23.10 -34.72 23.16
O4 NAG D . 22.56 -33.61 25.78
O5 NAG D . 19.93 -32.13 23.68
O6 NAG D . 19.44 -31.02 26.42
O7 NAG D . 21.72 -33.95 19.66
C1 NAG D . 23.92 -33.10 25.81
C2 NAG D . 24.39 -33.01 27.26
C3 NAG D . 25.82 -32.46 27.30
C4 NAG D . 26.74 -33.26 26.38
C5 NAG D . 26.13 -33.42 24.99
C6 NAG D . 26.91 -34.38 24.10
C7 NAG D . 22.64 -32.68 28.94
C8 NAG D . 21.80 -31.67 29.68
N2 NAG D . 23.51 -32.17 28.05
O3 NAG D . 26.29 -32.52 28.64
O4 NAG D . 27.96 -32.55 26.21
O5 NAG D . 24.79 -33.94 25.08
O6 NAG D . 26.59 -35.73 24.39
O7 NAG D . 22.53 -33.88 29.13
C1 BMA D . 29.00 -32.94 27.12
C2 BMA D . 30.31 -32.62 26.40
C3 BMA D . 31.51 -32.85 27.32
C4 BMA D . 31.30 -32.19 28.71
C5 BMA D . 29.92 -32.54 29.30
C6 BMA D . 29.61 -31.78 30.58
O2 BMA D . 30.35 -31.25 26.03
O3 BMA D . 32.69 -32.33 26.71
O4 BMA D . 32.31 -32.62 29.61
O5 BMA D . 28.91 -32.22 28.34
O6 BMA D . 28.22 -31.89 30.86
C1 MAN D . 33.76 -33.30 26.71
C2 MAN D . 34.92 -32.69 25.83
C3 MAN D . 34.67 -32.94 24.36
C4 MAN D . 34.43 -34.42 24.10
C5 MAN D . 33.16 -34.83 24.83
C6 MAN D . 32.84 -36.31 24.65
O2 MAN D . 36.17 -33.31 26.12
O3 MAN D . 35.74 -32.46 23.55
O4 MAN D . 34.28 -34.65 22.71
O5 MAN D . 33.29 -34.60 26.26
O6 MAN D . 33.87 -37.07 25.26
C1 MAN D . 28.01 -31.72 32.28
C2 MAN D . 26.82 -32.63 32.69
C3 MAN D . 25.51 -32.05 32.13
C4 MAN D . 25.35 -30.58 32.52
C5 MAN D . 26.57 -29.78 32.04
C6 MAN D . 26.54 -28.32 32.47
O2 MAN D . 26.65 -32.66 34.10
O3 MAN D . 24.38 -32.80 32.57
O4 MAN D . 24.18 -30.04 31.93
O5 MAN D . 27.78 -30.36 32.60
O6 MAN D . 25.20 -27.85 32.32
C1 NAG E . 18.68 -2.40 42.91
C2 NAG E . 18.26 -3.25 44.11
C3 NAG E . 18.91 -2.71 45.39
C4 NAG E . 20.41 -2.59 45.22
C5 NAG E . 20.75 -1.79 43.96
C6 NAG E . 22.23 -1.75 43.65
C7 NAG E . 16.10 -4.41 44.25
C8 NAG E . 14.61 -4.26 44.40
N2 NAG E . 16.82 -3.28 44.25
O3 NAG E . 18.60 -3.58 46.47
O4 NAG E . 20.97 -1.94 46.36
O5 NAG E . 20.11 -2.38 42.82
O6 NAG E . 22.81 -3.05 43.73
O7 NAG E . 16.63 -5.51 44.15
C1 NAG E . 21.93 -2.81 46.99
C2 NAG E . 22.89 -1.95 47.82
C3 NAG E . 23.91 -2.82 48.53
C4 NAG E . 23.20 -3.90 49.35
C5 NAG E . 22.22 -4.67 48.49
C6 NAG E . 21.39 -5.67 49.27
C7 NAG E . 23.15 0.29 46.84
C8 NAG E . 23.96 1.16 45.93
N2 NAG E . 23.56 -0.98 46.97
O3 NAG E . 24.72 -2.03 49.37
O4 NAG E . 24.15 -4.80 49.91
O5 NAG E . 21.30 -3.77 47.85
O6 NAG E . 20.27 -5.03 49.89
O7 NAG E . 22.16 0.72 47.43
C1 NAG F . -18.20 -14.25 42.42
C2 NAG F . -19.65 -14.54 42.07
C3 NAG F . -20.02 -15.95 42.53
C4 NAG F . -19.04 -16.97 41.96
C5 NAG F . -17.61 -16.57 42.30
C6 NAG F . -16.57 -17.47 41.67
C7 NAG F . -21.05 -12.52 42.00
C8 NAG F . -21.95 -11.61 42.78
N2 NAG F . -20.55 -13.57 42.67
O3 NAG F . -21.35 -16.27 42.09
O4 NAG F . -19.31 -18.26 42.52
O5 NAG F . -17.35 -15.24 41.82
O6 NAG F . -16.65 -17.44 40.25
O7 NAG F . -20.79 -12.34 40.81
C1 NAG F . -19.76 -19.14 41.47
C2 NAG F . -20.48 -20.32 42.11
C3 NAG F . -21.01 -21.26 41.04
C4 NAG F . -21.87 -20.49 40.03
C5 NAG F . -21.09 -19.30 39.48
C6 NAG F . -21.92 -18.42 38.57
C7 NAG F . -19.56 -20.79 44.35
C8 NAG F . -18.60 -21.63 45.13
N2 NAG F . -19.61 -21.05 43.03
O3 NAG F . -21.79 -22.29 41.63
O4 NAG F . -22.24 -21.35 38.95
O5 NAG F . -20.64 -18.47 40.56
O6 NAG F . -22.51 -17.35 39.30
O7 NAG F . -20.27 -19.94 44.86
C1 NAG G . 22.21 3.54 -2.99
C2 NAG G . 23.43 2.65 -3.22
C3 NAG G . 23.40 1.47 -2.25
C4 NAG G . 23.24 1.96 -0.82
C5 NAG G . 22.07 2.95 -0.70
C6 NAG G . 21.98 3.60 0.67
C7 NAG G . 24.06 2.88 -5.59
C8 NAG G . 24.00 2.25 -6.95
N2 NAG G . 23.47 2.18 -4.60
O3 NAG G . 24.60 0.73 -2.38
O4 NAG G . 22.95 0.84 0.01
O5 NAG G . 22.22 4.02 -1.65
O6 NAG G . 23.03 4.53 0.87
O7 NAG G . 24.60 3.96 -5.39
C1 NAG G . 23.97 0.68 1.01
C2 NAG G . 23.59 -0.53 1.86
C3 NAG G . 24.67 -0.78 2.92
C4 NAG G . 26.06 -0.86 2.29
C5 NAG G . 26.30 0.34 1.37
C6 NAG G . 27.58 0.22 0.56
C7 NAG G . 21.28 -1.17 2.32
C8 NAG G . 20.01 -0.82 3.04
N2 NAG G . 22.30 -0.34 2.49
O3 NAG G . 24.39 -1.99 3.60
O4 NAG G . 27.02 -0.83 3.33
O5 NAG G . 25.24 0.46 0.41
O6 NAG G . 27.57 -0.93 -0.27
O7 NAG G . 21.36 -2.17 1.62
C1 BMA G . 27.91 -1.97 3.25
C2 BMA G . 28.92 -1.78 4.40
C3 BMA G . 29.90 -2.94 4.44
C4 BMA G . 29.19 -4.31 4.37
C5 BMA G . 28.13 -4.35 3.24
C6 BMA G . 27.31 -5.65 3.25
O2 BMA G . 28.25 -1.77 5.65
O3 BMA G . 30.68 -2.88 5.63
O4 BMA G . 30.13 -5.35 4.16
O5 BMA G . 27.23 -3.22 3.36
O6 BMA G . 26.54 -5.73 4.44
C1 MAN G . 32.06 -2.55 5.32
C2 MAN G . 32.79 -2.30 6.68
C3 MAN G . 32.55 -0.88 7.19
C4 MAN G . 32.94 0.12 6.11
C5 MAN G . 32.02 -0.07 4.91
C6 MAN G . 32.33 0.88 3.77
O2 MAN G . 34.20 -2.44 6.56
O3 MAN G . 33.27 -0.62 8.38
O4 MAN G . 32.81 1.45 6.61
O5 MAN G . 32.15 -1.43 4.40
O6 MAN G . 33.31 1.82 4.21
C1 MAN G . 26.87 -6.98 5.08
C2 MAN G . 25.57 -7.68 5.56
C3 MAN G . 24.97 -6.95 6.75
C4 MAN G . 26.02 -6.76 7.86
C5 MAN G . 27.25 -6.02 7.29
C6 MAN G . 28.37 -5.87 8.30
O2 MAN G . 25.83 -9.02 6.01
O3 MAN G . 23.84 -7.63 7.27
O4 MAN G . 25.48 -6.00 8.93
O5 MAN G . 27.78 -6.77 6.17
O6 MAN G . 28.28 -6.96 9.23
C1 NAG H . 28.69 8.89 -34.40
C2 NAG H . 29.92 7.99 -34.56
C3 NAG H . 30.32 7.89 -36.03
C4 NAG H . 29.13 7.43 -36.86
C5 NAG H . 27.92 8.33 -36.60
C6 NAG H . 26.66 7.84 -37.29
C7 NAG H . 31.64 7.75 -32.82
C8 NAG H . 32.78 8.42 -32.10
N2 NAG H . 31.04 8.49 -33.76
O3 NAG H . 31.40 6.97 -36.15
O4 NAG H . 29.45 7.47 -38.24
O5 NAG H . 27.63 8.37 -35.19
O6 NAG H . 26.51 6.44 -37.19
O7 NAG H . 31.30 6.60 -32.57
C1 NAG H . 29.80 6.15 -38.70
C2 NAG H . 29.68 6.10 -40.22
C3 NAG H . 30.14 4.73 -40.74
C4 NAG H . 31.53 4.41 -40.23
C5 NAG H . 31.57 4.52 -38.71
C6 NAG H . 32.95 4.32 -38.12
C7 NAG H . 27.95 7.47 -41.30
C8 NAG H . 26.49 7.57 -41.65
N2 NAG H . 28.31 6.36 -40.63
O3 NAG H . 30.14 4.75 -42.16
O4 NAG H . 31.88 3.07 -40.60
O5 NAG H . 31.15 5.83 -38.31
O6 NAG H . 33.88 5.25 -38.66
O7 NAG H . 28.76 8.33 -41.61
C1 BMA H . 33.11 3.06 -41.37
C2 BMA H . 33.42 1.60 -41.75
C3 BMA H . 34.66 1.54 -42.64
C4 BMA H . 34.57 2.54 -43.81
C5 BMA H . 34.25 3.95 -43.27
C6 BMA H . 34.11 4.99 -44.37
O2 BMA H . 32.36 1.03 -42.50
O3 BMA H . 34.89 0.23 -43.15
O4 BMA H . 35.79 2.57 -44.52
O5 BMA H . 33.02 3.89 -42.53
O6 BMA H . 33.01 4.62 -45.19
C1 NAG I . -3.33 -5.86 -47.28
C2 NAG I . -3.16 -4.86 -48.42
C3 NAG I . -3.62 -5.48 -49.74
C4 NAG I . -2.91 -6.81 -49.99
C5 NAG I . -3.08 -7.73 -48.77
C6 NAG I . -2.29 -9.01 -48.88
C7 NAG I . -3.39 -2.59 -47.50
C8 NAG I . -4.30 -1.42 -47.31
N2 NAG I . -3.91 -3.64 -48.15
O3 NAG I . -3.34 -4.58 -50.80
O4 NAG I . -3.45 -7.43 -51.14
O5 NAG I . -2.62 -7.06 -47.59
O6 NAG I . -0.91 -8.76 -49.10
O7 NAG I . -2.24 -2.59 -47.09
C1 NAG I . -2.41 -7.69 -52.10
C2 NAG I . -2.94 -8.71 -53.11
C3 NAG I . -1.87 -9.00 -54.17
C4 NAG I . -1.38 -7.70 -54.80
C5 NAG I . -0.92 -6.73 -53.72
C6 NAG I . -0.53 -5.37 -54.28
C7 NAG I . -4.62 -10.16 -52.06
C8 NAG I . -4.88 -11.47 -51.40
N2 NAG I . -3.36 -9.93 -52.46
O3 NAG I . -2.41 -9.86 -55.16
O4 NAG I . -0.29 -7.99 -55.68
O5 NAG I . -1.98 -6.50 -52.78
O6 NAG I . 0.08 -4.56 -53.29
O7 NAG I . -5.51 -9.33 -52.23
ZN ZN J . 7.17 -13.52 28.75
O1 MES K . -1.00 -8.36 30.36
C2 MES K . 0.03 -9.29 30.69
C3 MES K . 1.03 -9.42 29.55
N4 MES K . 0.29 -9.67 28.32
C5 MES K . -0.75 -8.72 27.99
C6 MES K . -1.70 -8.71 29.18
C7 MES K . 1.08 -10.19 27.22
C8 MES K . 0.10 -10.69 26.18
S MES K . 0.95 -11.08 24.81
O1S MES K . 2.33 -10.55 24.90
O2S MES K . 0.99 -12.55 24.69
O3S MES K . 0.28 -10.51 23.62
CAA J2G L . 6.07 -10.13 25.34
CAA J2G L . 6.06 -10.40 25.21
CAD J2G L . 7.29 -8.29 27.18
CAD J2G L . 6.69 -9.26 27.86
CAE J2G L . 6.02 -8.15 26.65
CAE J2G L . 5.61 -8.98 27.02
CAF J2G L . 5.13 -7.26 27.29
CAF J2G L . 5.00 -7.73 27.14
CAI J2G L . 2.29 -4.67 25.90
CAI J2G L . 3.39 -4.83 24.85
CAJ J2G L . 1.33 -4.60 26.90
CAJ J2G L . 4.01 -4.77 23.60
CAK J2G L . 0.25 -3.74 26.82
CAK J2G L . 3.52 -3.94 22.61
CAM J2G L . 7.68 -7.59 28.30
CAM J2G L . 7.11 -8.31 28.79
CAN J2G L . 6.81 -6.72 28.95
CAN J2G L . 6.49 -7.07 28.91
CAO J2G L . 5.53 -6.57 28.41
CAO J2G L . 5.43 -6.78 28.07
CAQ J2G L . 2.15 -3.82 24.77
CAQ J2G L . 2.25 -4.01 25.11
CAR J2G L . 1.06 -2.97 24.70
CAR J2G L . 1.79 -3.19 24.09
CAS J2G L . 0.11 -2.92 25.72
CAS J2G L . 2.42 -3.14 22.85
CAT J2G L . -1.04 -1.97 25.59
CAT J2G L . 1.88 -2.25 21.79
CAV J2G L . 7.23 -5.94 30.18
CAV J2G L . 6.98 -6.04 29.93
CBA J2G L . 4.06 -2.76 23.67
CBA J2G L . 2.41 -3.75 27.57
CBB J2G L . 3.88 -1.78 22.52
CBB J2G L . 1.68 -3.88 28.88
CBC J2G L . 2.58 -4.39 22.46
CBC J2G L . 0.62 -5.14 26.47
CBD J2G L . 2.64 -3.42 21.30
CBD J2G L . -0.03 -5.26 27.85
CBE J2G L . 2.58 -2.00 21.79
CBE J2G L . 1.02 -5.25 28.95
FAL J2G L . -0.92 -0.93 26.42
FAL J2G L . 1.59 -2.91 20.66
FAU J2G L . -2.21 -2.56 25.91
FAU J2G L . 2.77 -1.29 21.44
FAX J2G L . -1.18 -1.49 24.35
FAX J2G L . 0.77 -1.61 22.17
NAH J2G L . 3.41 -5.51 25.94
NAH J2G L . 3.88 -5.66 25.87
NAZ J2G L . 3.11 -3.86 23.73
NAZ J2G L . 1.61 -4.06 26.38
OAB J2G L . 5.59 -8.80 25.56
OAB J2G L . 5.14 -9.81 26.11
OAC J2G L . 3.07 -7.96 25.71
OAC J2G L . 3.69 -7.89 24.80
OAP J2G L . 2.68 -6.92 27.93
OAP J2G L . 2.46 -7.46 26.93
OAW J2G L . 8.12 -5.09 30.02
OAW J2G L . 7.97 -5.37 29.61
OAY J2G L . 6.64 -6.23 31.23
OAY J2G L . 6.33 -5.97 30.99
SAG J2G L . 3.48 -6.99 26.72
SAG J2G L . 3.64 -7.28 26.11
N LYS M . 5.95 -15.93 25.89
CA LYS M . 5.78 -14.58 25.37
C LYS M . 6.18 -13.56 26.41
O LYS M . 7.36 -13.44 26.76
CB LYS M . 4.33 -14.35 24.93
CG LYS M . 3.88 -15.25 23.78
CD LYS M . 2.50 -14.86 23.28
CE LYS M . 2.14 -15.62 22.01
NZ LYS M . 0.82 -15.20 21.47
OXT LYS M . 5.36 -12.81 26.94
C1 NAG N . 1.84 -49.06 30.32
C2 NAG N . 0.44 -48.91 30.92
C3 NAG N . 0.52 -48.87 32.45
C4 NAG N . 1.28 -50.08 32.97
C5 NAG N . 2.64 -50.20 32.29
C6 NAG N . 3.39 -51.45 32.68
C7 NAG N . -0.96 -47.71 29.30
C8 NAG N . -1.57 -46.40 28.93
N2 NAG N . -0.22 -47.72 30.42
O3 NAG N . -0.81 -48.86 32.98
O4 NAG N . 1.45 -49.98 34.37
O5 NAG N . 2.47 -50.23 30.87
O6 NAG N . 3.06 -51.87 33.99
O7 NAG N . -1.12 -48.73 28.63
C1 NAG O . 23.63 5.46 10.31
C2 NAG O . 23.20 6.55 9.33
C3 NAG O . 24.39 6.98 8.47
C4 NAG O . 25.56 7.38 9.34
C5 NAG O . 25.90 6.27 10.33
C6 NAG O . 26.98 6.65 11.32
C7 NAG O . 20.82 6.24 8.84
C8 NAG O . 19.81 5.71 7.85
N2 NAG O . 22.10 6.09 8.50
O3 NAG O . 24.00 8.06 7.64
O4 NAG O . 26.71 7.66 8.54
O5 NAG O . 24.74 5.93 11.10
O6 NAG O . 27.82 7.68 10.79
O7 NAG O . 20.48 6.77 9.89
C1 NAG P . 10.71 17.79 57.31
C2 NAG P . 10.74 19.22 57.88
C3 NAG P . 12.15 19.79 57.79
C4 NAG P . 13.14 18.85 58.47
C5 NAG P . 13.03 17.45 57.89
C6 NAG P . 13.90 16.44 58.60
C7 NAG P . 8.99 20.94 57.82
C8 NAG P . 8.08 21.75 56.95
N2 NAG P . 9.79 20.08 57.18
O3 NAG P . 12.19 21.07 58.42
O4 NAG P . 14.48 19.33 58.28
O5 NAG P . 11.67 16.98 58.02
O6 NAG P . 13.98 16.70 60.00
O7 NAG P . 9.01 21.05 59.04
C1 NAG Q . -23.19 18.16 26.65
C2 NAG Q . -23.63 17.89 25.21
C3 NAG Q . -24.09 19.18 24.54
C4 NAG Q . -25.15 19.86 25.38
C5 NAG Q . -24.64 20.08 26.79
C6 NAG Q . -25.66 20.68 27.72
C7 NAG Q . -22.31 15.96 24.41
C8 NAG Q . -21.16 15.52 23.57
N2 NAG Q . -22.54 17.28 24.44
O3 NAG Q . -24.61 18.88 23.25
O4 NAG Q . -25.50 21.12 24.80
O5 NAG Q . -24.26 18.82 27.36
O6 NAG Q . -26.79 19.83 27.87
O7 NAG Q . -23.01 15.17 25.03
N LYS R . 6.43 1.96 24.59
CA LYS R . 5.46 1.15 23.85
C LYS R . 5.30 1.66 22.43
O LYS R . 4.21 1.57 21.85
CB LYS R . 4.11 1.14 24.57
CG LYS R . 4.10 0.32 25.83
CD LYS R . 2.68 0.15 26.33
CE LYS R . 2.64 -0.27 27.80
NZ LYS R . 1.28 -0.65 28.24
OXT LYS R . 6.25 2.16 21.83
N1 IMD S . -2.12 -6.04 20.69
C2 IMD S . -2.46 -4.99 19.91
N3 IMD S . -1.81 -3.89 20.34
C4 IMD S . -1.05 -4.24 21.41
C5 IMD S . -1.25 -5.60 21.63
C1 PGE T . 5.63 9.74 25.25
O1 PGE T . 6.86 9.04 25.28
C2 PGE T . 4.79 9.29 26.44
O2 PGE T . 3.47 9.75 26.27
C3 PGE T . 3.01 10.56 27.34
C4 PGE T . 2.55 9.67 28.48
O4 PGE T . 4.36 9.12 32.00
C6 PGE T . 4.74 10.31 31.33
C5 PGE T . 4.38 10.19 29.87
O3 PGE T . 2.99 10.23 29.71
C1 EDO U . -1.18 4.79 19.55
O1 EDO U . -2.15 3.82 19.15
C2 EDO U . -1.10 4.82 21.07
O2 EDO U . -0.07 5.74 21.48
ZN ZN V . 4.61 7.49 -32.47
O1 MES W . -4.40 11.39 -30.45
C2 MES W . -3.33 10.85 -31.21
C3 MES W . -2.43 9.96 -30.36
N4 MES W . -2.09 10.69 -29.14
C5 MES W . -3.17 11.23 -28.36
C6 MES W . -3.96 12.14 -29.31
C7 MES W . -0.94 10.18 -28.41
C8 MES W . -0.47 11.31 -27.49
S MES W . 0.66 10.69 -26.44
O1S MES W . 1.31 11.80 -25.71
O2S MES W . 0.01 9.78 -25.47
O3S MES W . 1.68 9.93 -27.20
CAA J2G X . 2.34 5.95 -28.45
CAA J2G X . 2.60 6.04 -28.36
CAD J2G X . 0.94 4.15 -30.17
CAD J2G X . 1.12 5.27 -30.76
CAE J2G X . 0.34 4.97 -29.23
CAE J2G X . 0.62 5.80 -29.58
CAF J2G X . -1.05 5.23 -29.35
CAF J2G X . -0.72 5.57 -29.27
CAI J2G X . -4.08 5.68 -26.66
CAI J2G X . -3.04 4.73 -26.08
CAJ J2G X . -4.98 6.57 -27.26
CAJ J2G X . -2.33 4.01 -25.12
CAK J2G X . -6.19 6.89 -26.66
CAK J2G X . -2.88 3.72 -23.89
CAM J2G X . 0.19 3.59 -31.20
CAM J2G X . 0.30 4.51 -31.59
CAN J2G X . -1.17 3.84 -31.33
CAN J2G X . -1.03 4.29 -31.28
CAO J2G X . -1.76 4.67 -30.39
CAO J2G X . -1.53 4.82 -30.11
CAQ J2G X . -4.42 5.10 -25.41
CAQ J2G X . -4.36 5.18 -25.77
CAR J2G X . -5.64 5.45 -24.83
CAR J2G X . -4.88 4.89 -24.52
CAS J2G X . -6.52 6.33 -25.44
CAS J2G X . -4.15 4.17 -23.58
CAT J2G X . -7.81 6.66 -24.76
CAT J2G X . -4.78 3.87 -22.25
CAV J2G X . -1.98 3.23 -32.46
CAV J2G X . -1.93 3.47 -32.19
CBA J2G X . -3.86 2.79 -24.87
CBA J2G X . -5.43 5.29 -28.00
CBB J2G X . -4.23 2.12 -23.54
CBB J2G X . -6.11 6.19 -29.01
CBC J2G X . -2.96 4.73 -23.54
CBC J2G X . -4.79 7.37 -26.69
CBD J2G X . -3.35 3.97 -22.29
CBD J2G X . -5.46 8.19 -27.78
CBE J2G X . -4.61 3.16 -22.51
CBE J2G X . -5.37 7.51 -29.12
FAL J2G X . -8.85 6.09 -25.38
FAL J2G X . -4.02 4.32 -21.24
FAU J2G X . -8.06 7.98 -24.75
FAU J2G X . -4.94 2.56 -22.04
FAX J2G X . -7.84 6.25 -23.48
FAX J2G X . -5.99 4.44 -22.11
NAH J2G X . -2.85 5.32 -27.22
NAH J2G X . -2.52 5.02 -27.34
NAZ J2G X . -3.53 4.21 -24.79
NAZ J2G X . -5.10 5.92 -26.72
OAB J2G X . 1.00 5.54 -28.23
OAB J2G X . 1.33 6.53 -28.72
OAC J2G X . -1.03 7.00 -27.33
OAC J2G X . -0.52 6.36 -26.70
OAP J2G X . -2.80 7.05 -29.07
OAP J2G X . -2.22 7.37 -28.21
OAW J2G X . -2.11 1.99 -32.45
OAW J2G X . -1.82 2.23 -32.11
OAY J2G X . -2.42 4.02 -33.30
OAY J2G X . -2.70 4.11 -32.94
SAG J2G X . -1.92 6.28 -28.23
SAG J2G X . -1.45 6.21 -27.79
N LYS Y . 6.73 9.51 -29.04
CA LYS Y . 5.54 8.95 -28.44
C LYS Y . 4.58 8.43 -29.51
O LYS Y . 4.87 7.45 -30.19
CB LYS Y . 4.84 10.00 -27.57
CG LYS Y . 5.64 10.47 -26.38
CD LYS Y . 4.82 11.37 -25.47
CE LYS Y . 5.56 11.69 -24.18
NZ LYS Y . 4.74 12.51 -23.26
OXT LYS Y . 3.50 8.97 -29.71
C1 NAG Z . 27.71 33.03 -38.53
C2 NAG Z . 26.99 34.37 -38.65
C3 NAG Z . 26.31 34.49 -40.01
C4 NAG Z . 27.30 34.23 -41.12
C5 NAG Z . 28.02 32.89 -40.90
C6 NAG Z . 29.11 32.63 -41.92
C7 NAG Z . 26.15 35.51 -36.65
C8 NAG Z . 25.07 35.55 -35.60
N2 NAG Z . 26.03 34.55 -37.57
O3 NAG Z . 25.75 35.79 -40.15
O4 NAG Z . 26.64 34.19 -42.38
O5 NAG Z . 28.63 32.88 -39.61
O6 NAG Z . 29.66 33.84 -42.41
O7 NAG Z . 27.09 36.30 -36.64
C1 NAG AA . -13.06 30.32 -36.35
C2 NAG AA . -13.16 31.28 -35.16
C3 NAG AA . -12.45 32.59 -35.47
C4 NAG AA . -11.01 32.32 -35.91
C5 NAG AA . -11.00 31.32 -37.07
C6 NAG AA . -9.59 30.93 -37.48
C7 NAG AA . -14.95 31.75 -33.55
C8 NAG AA . -16.43 31.97 -33.36
N2 NAG AA . -14.55 31.51 -34.80
O3 NAG AA . -12.46 33.42 -34.32
O4 NAG AA . -10.40 33.54 -36.33
O5 NAG AA . -11.68 30.12 -36.69
O6 NAG AA . -8.71 32.04 -37.44
O7 NAG AA . -14.17 31.77 -32.61
C1 NAG BA . -29.15 -9.18 -54.59
C2 NAG BA . -28.20 -9.89 -55.55
C3 NAG BA . -28.65 -11.34 -55.76
C4 NAG BA . -28.81 -12.05 -54.42
C5 NAG BA . -29.73 -11.25 -53.51
C6 NAG BA . -29.83 -11.83 -52.12
C7 NAG BA . -26.97 -8.95 -57.46
C8 NAG BA . -25.72 -9.45 -56.78
N2 NAG BA . -28.12 -9.20 -56.83
O3 NAG BA . -27.69 -12.02 -56.57
O4 NAG BA . -29.34 -13.35 -54.62
O5 NAG BA . -29.23 -9.91 -53.36
O6 NAG BA . -31.08 -11.54 -51.52
O7 NAG BA . -26.93 -8.36 -58.54
N1 IMD CA . -3.39 9.52 -20.58
C2 IMD CA . -3.78 8.71 -19.57
N3 IMD CA . -4.36 7.61 -20.10
C4 IMD CA . -4.32 7.71 -21.43
C5 IMD CA . -3.71 8.91 -21.75
C1 EDO DA . -11.07 1.67 -18.07
O1 EDO DA . -10.88 3.03 -17.67
C2 EDO DA . -11.16 1.58 -19.59
O2 EDO DA . -11.35 0.22 -19.98
N LYS EA . -6.44 -1.74 -25.61
CA LYS EA . -6.15 -0.59 -24.76
C LYS EA . -6.09 -0.99 -23.29
O LYS EA . -5.71 -2.11 -22.96
CB LYS EA . -7.19 0.50 -24.96
CG LYS EA . -7.07 1.22 -26.28
CD LYS EA . -8.11 2.33 -26.40
CE LYS EA . -8.06 3.00 -27.77
NZ LYS EA . -8.73 4.32 -27.78
OXT LYS EA . -6.38 -0.19 -22.40
#